data_7UAM
#
_entry.id   7UAM
#
_cell.length_a   52.379
_cell.length_b   117.663
_cell.length_c   165.318
_cell.angle_alpha   90.000
_cell.angle_beta   90.290
_cell.angle_gamma   90.000
#
_symmetry.space_group_name_H-M   'P 1 21 1'
#
loop_
_entity.id
_entity.type
_entity.pdbx_description
1 polymer 'Nitric oxide synthase, brain'
2 non-polymer 'PROTOPORPHYRIN IX CONTAINING FE'
3 non-polymer 5,6,7,8-TETRAHYDROBIOPTERIN
4 non-polymer 6-[3-(4,4-difluoropiperidin-1-yl)propyl]-4-methylpyridin-2-amine
5 non-polymer GLYCEROL
6 non-polymer 'ZINC ION'
7 water water
#
_entity_poly.entity_id   1
_entity_poly.type   'polypeptide(L)'
_entity_poly.pdbx_seq_one_letter_code
;CPRFLKVKNWETEVVLTDTLHLKSTLETGCTEYICMGSIMHPSQHARRPEDVATKDQLFPLAKEFIDQYYSSIKRFGSKA
HMERLEEVNKEIDTTSTYQLKDTELIYGAKHAWRNASRCVGRIQWSKLQVFDARDCTTAHGMFNYICNHVKYATNKGNLR
SAITIFPQRTDGKHDFRVWNSQLIRYAGYKQPDGSTLGDPANVQFTEICIQQGWKPPRGRFDVLPLLLQANGNDPELFQI
PPELVLEVPIRHPKFEWFKDLGLKWYGLPAVSNMLLEIGGLEFSACPFSGWYMGTEIGVRDYCDNSRYNILEEVAKKMNL
DMRKTSSLWKDQALVEINIAVLYSFQSDKVTIVDHHSATESFIKHMENEYRCRGGCPADWVWIVPPMSGSITPVFHQEML
NYRLTPSFEYQPDPWNTHVWKLV
;
_entity_poly.pdbx_strand_id   A,B,C,D
#
loop_
_chem_comp.id
_chem_comp.type
_chem_comp.name
_chem_comp.formula
GOL non-polymer GLYCEROL 'C3 H8 O3'
H4B non-polymer 5,6,7,8-TETRAHYDROBIOPTERIN 'C9 H15 N5 O3'
HEM non-polymer 'PROTOPORPHYRIN IX CONTAINING FE' 'C34 H32 Fe N4 O4'
M5L non-polymer 6-[3-(4,4-difluoropiperidin-1-yl)propyl]-4-methylpyridin-2-amine 'C14 H21 F2 N3'
ZN non-polymer 'ZINC ION' 'Zn 2'
#
# COMPACT_ATOMS: atom_id res chain seq x y z
N PHE A 4 10.31 -7.81 27.64
CA PHE A 4 10.08 -9.21 27.98
C PHE A 4 8.71 -9.43 28.61
N LEU A 5 8.17 -10.63 28.43
CA LEU A 5 6.86 -11.00 28.95
C LEU A 5 6.93 -12.43 29.44
N LYS A 6 6.36 -12.70 30.62
CA LYS A 6 6.40 -14.04 31.19
C LYS A 6 5.05 -14.72 31.03
N VAL A 7 5.09 -16.03 30.78
CA VAL A 7 3.90 -16.86 30.82
C VAL A 7 4.13 -17.94 31.86
N LYS A 8 3.10 -18.24 32.63
CA LYS A 8 3.18 -19.20 33.71
C LYS A 8 2.25 -20.36 33.43
N ASN A 9 2.69 -21.57 33.78
CA ASN A 9 1.80 -22.72 33.83
C ASN A 9 1.34 -22.89 35.27
N TRP A 10 0.02 -22.83 35.48
CA TRP A 10 -0.49 -22.79 36.85
C TRP A 10 -0.53 -24.16 37.51
N GLU A 11 -0.31 -25.22 36.74
CA GLU A 11 -0.22 -26.58 37.25
C GLU A 11 1.21 -26.91 37.69
N THR A 12 2.20 -26.58 36.87
CA THR A 12 3.59 -26.94 37.14
C THR A 12 4.42 -25.80 37.71
N GLU A 13 3.89 -24.59 37.71
CA GLU A 13 4.59 -23.36 38.07
C GLU A 13 5.77 -23.04 37.15
N VAL A 14 5.88 -23.72 36.00
CA VAL A 14 6.92 -23.35 35.04
C VAL A 14 6.62 -21.98 34.47
N VAL A 15 7.64 -21.12 34.43
CA VAL A 15 7.54 -19.77 33.87
C VAL A 15 8.49 -19.66 32.68
N LEU A 16 7.97 -19.14 31.56
CA LEU A 16 8.73 -18.92 30.34
C LEU A 16 8.73 -17.43 30.03
N THR A 17 9.81 -16.96 29.40
CA THR A 17 10.02 -15.54 29.15
C THR A 17 10.05 -15.32 27.64
N ASP A 18 9.19 -14.44 27.14
CA ASP A 18 9.01 -14.26 25.71
C ASP A 18 9.73 -12.99 25.24
N THR A 19 10.65 -13.16 24.29
CA THR A 19 11.23 -12.06 23.54
C THR A 19 10.87 -12.09 22.06
N LEU A 20 10.41 -13.22 21.55
CA LEU A 20 10.10 -13.33 20.12
C LEU A 20 9.02 -12.34 19.70
N HIS A 21 8.09 -11.99 20.61
CA HIS A 21 7.00 -11.10 20.26
C HIS A 21 7.50 -9.75 19.79
N LEU A 22 8.76 -9.40 20.06
CA LEU A 22 9.30 -8.14 19.59
C LEU A 22 9.35 -8.09 18.08
N LYS A 23 9.34 -9.23 17.41
CA LYS A 23 9.37 -9.30 15.95
C LYS A 23 7.99 -9.42 15.32
N SER A 24 6.92 -9.14 16.08
CA SER A 24 5.60 -9.27 15.49
C SER A 24 5.30 -8.10 14.55
N THR A 25 4.56 -8.38 13.49
CA THR A 25 4.37 -7.41 12.42
C THR A 25 2.98 -6.80 12.37
N LEU A 26 1.93 -7.60 12.49
CA LEU A 26 0.57 -7.14 12.27
C LEU A 26 -0.17 -6.95 13.58
N GLU A 27 -1.19 -6.07 13.54
CA GLU A 27 -2.07 -5.86 14.68
C GLU A 27 -2.84 -7.14 14.99
N THR A 28 -3.09 -7.37 16.29
CA THR A 28 -3.88 -8.52 16.71
C THR A 28 -5.36 -8.23 16.70
N GLY A 29 -5.73 -6.96 16.70
CA GLY A 29 -7.08 -6.53 16.94
C GLY A 29 -7.28 -5.99 18.33
N CYS A 30 -6.49 -6.43 19.30
CA CYS A 30 -6.61 -5.93 20.66
C CYS A 30 -6.01 -4.53 20.80
N THR A 31 -6.38 -3.86 21.90
CA THR A 31 -5.74 -2.63 22.34
C THR A 31 -5.56 -2.73 23.85
N GLU A 32 -4.89 -1.74 24.44
CA GLU A 32 -4.77 -1.75 25.88
C GLU A 32 -6.12 -1.60 26.58
N TYR A 33 -7.18 -1.23 25.85
CA TYR A 33 -8.51 -1.07 26.43
C TYR A 33 -9.50 -2.16 26.04
N ILE A 34 -9.23 -2.94 25.00
CA ILE A 34 -10.19 -3.96 24.59
C ILE A 34 -9.43 -5.19 24.12
N CYS A 35 -9.90 -6.36 24.52
CA CYS A 35 -9.30 -7.60 24.08
C CYS A 35 -10.26 -8.29 23.12
N MET A 36 -9.74 -8.69 21.95
CA MET A 36 -10.55 -9.32 20.91
C MET A 36 -10.15 -10.78 20.71
N GLY A 37 -9.59 -11.41 21.75
CA GLY A 37 -9.03 -12.76 21.64
C GLY A 37 -10.00 -13.86 21.26
N SER A 38 -11.32 -13.66 21.45
CA SER A 38 -12.28 -14.68 21.03
C SER A 38 -13.00 -14.33 19.72
N ILE A 39 -12.56 -13.28 19.03
CA ILE A 39 -13.11 -12.92 17.72
C ILE A 39 -12.40 -13.74 16.66
N MET A 40 -13.19 -14.33 15.76
CA MET A 40 -12.64 -15.20 14.73
C MET A 40 -11.69 -14.44 13.80
N HIS A 41 -12.11 -13.26 13.33
CA HIS A 41 -11.34 -12.42 12.40
C HIS A 41 -11.22 -11.02 12.99
N PRO A 42 -10.31 -10.82 13.94
CA PRO A 42 -10.28 -9.54 14.66
C PRO A 42 -9.65 -8.41 13.88
N SER A 43 -8.87 -8.69 12.84
CA SER A 43 -8.05 -7.66 12.23
C SER A 43 -8.06 -7.80 10.71
N GLN A 44 -8.09 -6.66 10.03
CA GLN A 44 -7.88 -6.60 8.58
C GLN A 44 -6.53 -6.03 8.22
N HIS A 45 -5.64 -5.85 9.20
CA HIS A 45 -4.30 -5.31 8.95
C HIS A 45 -3.52 -6.26 8.06
N ALA A 46 -3.15 -5.79 6.88
CA ALA A 46 -2.40 -6.59 5.92
C ALA A 46 -1.07 -5.92 5.63
N ARG A 47 -0.13 -6.72 5.13
CA ARG A 47 1.22 -6.21 4.88
C ARG A 47 1.35 -5.52 3.53
N ARG A 48 0.57 -5.94 2.54
CA ARG A 48 0.53 -5.25 1.26
C ARG A 48 -0.92 -5.02 0.84
N PRO A 49 -1.21 -3.88 0.21
CA PRO A 49 -2.60 -3.54 -0.15
C PRO A 49 -3.28 -4.50 -1.14
N GLU A 50 -4.39 -4.05 -1.72
CA GLU A 50 -5.37 -4.95 -2.32
C GLU A 50 -4.81 -5.71 -3.51
N ASP A 51 -4.48 -5.01 -4.60
CA ASP A 51 -3.87 -5.70 -5.73
C ASP A 51 -2.46 -5.18 -5.95
N VAL A 52 -1.98 -5.23 -7.20
CA VAL A 52 -0.55 -5.12 -7.48
C VAL A 52 0.07 -3.90 -6.81
N ALA A 53 0.92 -4.15 -5.82
CA ALA A 53 1.58 -3.10 -5.09
C ALA A 53 2.58 -2.38 -5.98
N THR A 54 2.89 -1.15 -5.60
CA THR A 54 4.01 -0.44 -6.19
C THR A 54 5.33 -0.98 -5.60
N LYS A 55 6.44 -0.49 -6.16
CA LYS A 55 7.76 -0.95 -5.72
C LYS A 55 7.99 -0.66 -4.24
N ASP A 56 7.67 0.55 -3.79
CA ASP A 56 7.92 0.88 -2.39
C ASP A 56 6.97 0.17 -1.43
N GLN A 57 5.97 -0.54 -1.95
CA GLN A 57 5.10 -1.33 -1.08
C GLN A 57 5.57 -2.78 -1.00
N LEU A 58 6.04 -3.32 -2.12
CA LEU A 58 6.44 -4.73 -2.14
C LEU A 58 7.89 -4.93 -1.70
N PHE A 59 8.82 -4.13 -2.21
CA PHE A 59 10.22 -4.42 -1.93
C PHE A 59 10.55 -4.47 -0.44
N PRO A 60 10.05 -3.57 0.42
CA PRO A 60 10.36 -3.71 1.86
C PRO A 60 9.95 -5.04 2.43
N LEU A 61 8.79 -5.58 2.02
CA LEU A 61 8.36 -6.89 2.50
C LEU A 61 9.26 -7.99 1.99
N ALA A 62 9.66 -7.91 0.71
CA ALA A 62 10.57 -8.91 0.16
C ALA A 62 11.92 -8.87 0.89
N LYS A 63 12.46 -7.66 1.05
CA LYS A 63 13.74 -7.50 1.75
C LYS A 63 13.68 -8.10 3.14
N GLU A 64 12.58 -7.84 3.87
CA GLU A 64 12.43 -8.39 5.22
C GLU A 64 12.49 -9.91 5.20
N PHE A 65 11.77 -10.55 4.26
CA PHE A 65 11.77 -12.01 4.22
C PHE A 65 13.12 -12.55 3.81
N ILE A 66 13.74 -11.97 2.78
CA ILE A 66 15.06 -12.46 2.35
C ILE A 66 16.06 -12.29 3.49
N ASP A 67 16.01 -11.14 4.18
CA ASP A 67 16.87 -10.92 5.35
C ASP A 67 16.67 -12.01 6.39
N GLN A 68 15.40 -12.33 6.71
CA GLN A 68 15.11 -13.38 7.67
C GLN A 68 15.64 -14.73 7.22
N TYR A 69 15.44 -15.09 5.95
CA TYR A 69 15.92 -16.38 5.46
C TYR A 69 17.45 -16.47 5.54
N TYR A 70 18.15 -15.44 5.05
CA TYR A 70 19.60 -15.50 5.11
C TYR A 70 20.12 -15.42 6.55
N SER A 71 19.41 -14.73 7.44
CA SER A 71 19.77 -14.78 8.86
C SER A 71 19.61 -16.21 9.40
N SER A 72 18.52 -16.87 9.01
CA SER A 72 18.24 -18.21 9.53
C SER A 72 19.34 -19.21 9.20
N ILE A 73 20.06 -19.02 8.09
CA ILE A 73 21.12 -19.93 7.70
C ILE A 73 22.51 -19.33 7.95
N LYS A 74 22.61 -18.31 8.82
CA LYS A 74 23.90 -17.73 9.23
C LYS A 74 24.67 -17.13 8.06
N ARG A 75 23.95 -16.48 7.14
CA ARG A 75 24.57 -15.88 5.95
C ARG A 75 24.07 -14.46 5.73
N PHE A 76 23.78 -13.73 6.81
CA PHE A 76 23.33 -12.35 6.68
C PHE A 76 24.46 -11.49 6.10
N GLY A 77 24.18 -10.80 5.00
CA GLY A 77 25.16 -9.95 4.36
C GLY A 77 26.16 -10.70 3.50
N SER A 78 26.04 -12.02 3.41
CA SER A 78 26.89 -12.83 2.57
C SER A 78 26.77 -12.39 1.10
N LYS A 79 27.69 -12.90 0.29
CA LYS A 79 27.64 -12.60 -1.13
C LYS A 79 26.28 -12.98 -1.72
N ALA A 80 25.80 -14.20 -1.42
CA ALA A 80 24.54 -14.66 -2.00
C ALA A 80 23.36 -13.82 -1.49
N HIS A 81 23.40 -13.41 -0.22
CA HIS A 81 22.34 -12.55 0.32
C HIS A 81 22.22 -11.26 -0.48
N MET A 82 23.34 -10.56 -0.68
CA MET A 82 23.28 -9.27 -1.37
C MET A 82 22.93 -9.43 -2.84
N GLU A 83 23.39 -10.50 -3.47
CA GLU A 83 22.99 -10.74 -4.85
C GLU A 83 21.49 -11.02 -4.93
N ARG A 84 20.97 -11.80 -3.98
CA ARG A 84 19.54 -12.10 -3.98
C ARG A 84 18.72 -10.82 -3.87
N LEU A 85 19.14 -9.88 -3.02
CA LEU A 85 18.45 -8.60 -2.89
C LEU A 85 18.46 -7.83 -4.20
N GLU A 86 19.64 -7.75 -4.86
CA GLU A 86 19.73 -7.12 -6.16
C GLU A 86 18.82 -7.81 -7.17
N GLU A 87 18.75 -9.14 -7.11
CA GLU A 87 17.92 -9.88 -8.05
C GLU A 87 16.45 -9.59 -7.82
N VAL A 88 16.02 -9.64 -6.56
CA VAL A 88 14.62 -9.35 -6.24
C VAL A 88 14.28 -7.92 -6.67
N ASN A 89 15.22 -7.00 -6.49
CA ASN A 89 15.00 -5.62 -6.88
C ASN A 89 14.74 -5.50 -8.37
N LYS A 90 15.48 -6.23 -9.20
CA LYS A 90 15.30 -6.11 -10.64
C LYS A 90 14.01 -6.77 -11.09
N GLU A 91 13.67 -7.91 -10.48
CA GLU A 91 12.41 -8.59 -10.79
C GLU A 91 11.22 -7.68 -10.53
N ILE A 92 11.20 -7.04 -9.36
CA ILE A 92 10.11 -6.13 -9.03
C ILE A 92 10.11 -4.95 -9.99
N ASP A 93 11.30 -4.42 -10.29
CA ASP A 93 11.44 -3.32 -11.25
C ASP A 93 10.79 -3.65 -12.58
N THR A 94 10.90 -4.90 -13.03
CA THR A 94 10.54 -5.25 -14.40
C THR A 94 9.27 -6.09 -14.50
N THR A 95 8.75 -6.64 -13.40
CA THR A 95 7.53 -7.42 -13.44
C THR A 95 6.53 -7.05 -12.35
N SER A 96 6.86 -6.10 -11.47
CA SER A 96 6.04 -5.74 -10.32
C SER A 96 5.90 -6.86 -9.30
N THR A 97 6.65 -7.96 -9.44
CA THR A 97 6.63 -9.02 -8.45
C THR A 97 8.00 -9.69 -8.44
N TYR A 98 8.14 -10.80 -7.71
CA TYR A 98 9.37 -11.59 -7.76
C TYR A 98 9.03 -13.04 -7.48
N GLN A 99 9.99 -13.92 -7.76
CA GLN A 99 9.82 -15.36 -7.62
C GLN A 99 10.76 -15.91 -6.56
N LEU A 100 10.23 -16.74 -5.68
CA LEU A 100 11.01 -17.37 -4.63
C LEU A 100 11.83 -18.53 -5.18
N LYS A 101 13.07 -18.64 -4.69
CA LYS A 101 13.84 -19.86 -4.86
C LYS A 101 13.15 -21.02 -4.15
N ASP A 102 13.43 -22.23 -4.63
CA ASP A 102 12.89 -23.45 -4.00
C ASP A 102 13.20 -23.50 -2.50
N THR A 103 14.45 -23.20 -2.12
CA THR A 103 14.80 -23.22 -0.70
C THR A 103 13.99 -22.19 0.08
N GLU A 104 13.78 -21.00 -0.48
CA GLU A 104 13.00 -19.98 0.23
C GLU A 104 11.53 -20.38 0.35
N LEU A 105 10.99 -21.00 -0.70
CA LEU A 105 9.62 -21.47 -0.66
C LEU A 105 9.43 -22.51 0.45
N ILE A 106 10.36 -23.45 0.55
CA ILE A 106 10.25 -24.48 1.60
C ILE A 106 10.37 -23.83 2.98
N TYR A 107 11.40 -23.00 3.18
CA TYR A 107 11.54 -22.27 4.44
C TYR A 107 10.28 -21.48 4.78
N GLY A 108 9.70 -20.81 3.78
CA GLY A 108 8.53 -20.00 4.04
C GLY A 108 7.32 -20.81 4.46
N ALA A 109 7.09 -21.94 3.77
CA ALA A 109 5.95 -22.79 4.10
C ALA A 109 6.09 -23.39 5.50
N LYS A 110 7.29 -23.89 5.84
CA LYS A 110 7.47 -24.47 7.16
C LYS A 110 7.32 -23.42 8.24
N HIS A 111 7.78 -22.19 7.98
CA HIS A 111 7.67 -21.16 9.02
C HIS A 111 6.26 -20.61 9.15
N ALA A 112 5.50 -20.63 8.06
CA ALA A 112 4.08 -20.30 8.13
C ALA A 112 3.34 -21.24 9.06
N TRP A 113 3.65 -22.55 8.97
CA TRP A 113 3.10 -23.52 9.91
C TRP A 113 3.65 -23.30 11.32
N ARG A 114 4.95 -23.07 11.44
CA ARG A 114 5.53 -22.82 12.77
C ARG A 114 4.92 -21.59 13.44
N ASN A 115 4.50 -20.61 12.65
CA ASN A 115 3.95 -19.38 13.20
C ASN A 115 2.43 -19.44 13.41
N ALA A 116 1.78 -20.57 13.15
CA ALA A 116 0.32 -20.62 13.18
C ALA A 116 -0.18 -20.76 14.61
N SER A 117 -0.53 -19.62 15.21
CA SER A 117 -0.81 -19.63 16.64
CA SER A 117 -0.86 -19.59 16.63
C SER A 117 -2.02 -20.49 17.03
N ARG A 118 -2.91 -20.80 16.08
CA ARG A 118 -4.09 -21.58 16.42
C ARG A 118 -3.89 -23.07 16.25
N CYS A 119 -2.67 -23.54 15.89
CA CYS A 119 -2.44 -24.94 15.55
C CYS A 119 -1.77 -25.67 16.72
N VAL A 120 -2.45 -26.69 17.25
CA VAL A 120 -1.89 -27.51 18.32
C VAL A 120 -0.88 -28.53 17.83
N GLY A 121 -0.79 -28.76 16.52
CA GLY A 121 0.07 -29.78 15.96
C GLY A 121 1.48 -29.36 15.60
N ARG A 122 1.92 -28.16 16.02
CA ARG A 122 3.15 -27.59 15.46
C ARG A 122 4.43 -28.25 15.93
N ILE A 123 4.42 -29.21 16.86
CA ILE A 123 5.68 -29.88 17.16
C ILE A 123 6.27 -30.52 15.91
N GLN A 124 5.44 -30.74 14.89
CA GLN A 124 5.82 -31.40 13.65
C GLN A 124 6.29 -30.44 12.55
N TRP A 125 6.41 -29.14 12.86
CA TRP A 125 6.42 -28.11 11.82
C TRP A 125 7.57 -28.29 10.81
N SER A 126 8.72 -28.80 11.25
CA SER A 126 9.82 -28.93 10.29
C SER A 126 9.73 -30.20 9.46
N LYS A 127 8.76 -31.08 9.76
CA LYS A 127 8.51 -32.28 8.96
C LYS A 127 7.28 -32.04 8.09
N LEU A 128 7.51 -31.27 7.02
CA LEU A 128 6.47 -30.89 6.08
C LEU A 128 7.02 -31.16 4.69
N GLN A 129 6.32 -31.96 3.90
CA GLN A 129 6.72 -32.17 2.53
C GLN A 129 6.14 -31.05 1.67
N VAL A 130 6.97 -30.35 0.91
CA VAL A 130 6.51 -29.20 0.12
C VAL A 130 6.53 -29.58 -1.35
N PHE A 131 5.36 -29.49 -2.01
CA PHE A 131 5.26 -29.74 -3.44
C PHE A 131 5.14 -28.41 -4.17
N ASP A 132 6.12 -28.12 -5.01
CA ASP A 132 6.13 -26.88 -5.81
C ASP A 132 5.25 -27.10 -7.04
N ALA A 133 4.09 -26.46 -7.07
CA ALA A 133 3.17 -26.51 -8.21
C ALA A 133 3.09 -25.17 -8.93
N ARG A 134 4.15 -24.37 -8.86
CA ARG A 134 4.08 -23.03 -9.45
C ARG A 134 4.15 -23.04 -10.97
N ASP A 135 4.35 -24.19 -11.60
CA ASP A 135 4.33 -24.27 -13.05
C ASP A 135 2.95 -24.62 -13.60
N CYS A 136 1.94 -24.68 -12.73
CA CYS A 136 0.61 -25.11 -13.15
C CYS A 136 -0.08 -23.99 -13.91
N THR A 137 -0.84 -24.36 -14.95
CA THR A 137 -1.55 -23.37 -15.75
C THR A 137 -3.04 -23.62 -15.92
N THR A 138 -3.55 -24.81 -15.62
CA THR A 138 -4.95 -25.11 -15.90
C THR A 138 -5.56 -25.86 -14.72
N ALA A 139 -6.89 -25.86 -14.68
CA ALA A 139 -7.58 -26.60 -13.63
C ALA A 139 -7.28 -28.09 -13.71
N HIS A 140 -7.06 -28.62 -14.93
CA HIS A 140 -6.69 -30.02 -15.06
C HIS A 140 -5.34 -30.29 -14.40
N GLY A 141 -4.38 -29.39 -14.59
CA GLY A 141 -3.10 -29.54 -13.93
C GLY A 141 -3.22 -29.43 -12.42
N MET A 142 -4.12 -28.58 -11.94
CA MET A 142 -4.38 -28.47 -10.50
C MET A 142 -4.91 -29.80 -9.95
N PHE A 143 -5.84 -30.42 -10.68
CA PHE A 143 -6.38 -31.71 -10.26
C PHE A 143 -5.29 -32.77 -10.14
N ASN A 144 -4.41 -32.85 -11.15
CA ASN A 144 -3.28 -33.76 -11.10
C ASN A 144 -2.42 -33.51 -9.85
N TYR A 145 -2.04 -32.26 -9.60
CA TYR A 145 -1.23 -31.96 -8.42
C TYR A 145 -1.95 -32.34 -7.13
N ILE A 146 -3.27 -32.12 -7.08
CA ILE A 146 -4.00 -32.40 -5.84
C ILE A 146 -4.13 -33.92 -5.64
N CYS A 147 -4.36 -34.67 -6.72
CA CYS A 147 -4.39 -36.13 -6.61
C CYS A 147 -3.07 -36.67 -6.08
N ASN A 148 -1.95 -36.20 -6.64
CA ASN A 148 -0.65 -36.65 -6.14
C ASN A 148 -0.46 -36.27 -4.67
N HIS A 149 -0.91 -35.08 -4.30
CA HIS A 149 -0.81 -34.67 -2.90
C HIS A 149 -1.59 -35.63 -2.00
N VAL A 150 -2.84 -35.91 -2.35
CA VAL A 150 -3.69 -36.78 -1.53
C VAL A 150 -3.09 -38.18 -1.42
N LYS A 151 -2.57 -38.71 -2.52
CA LYS A 151 -2.00 -40.06 -2.47
C LYS A 151 -0.75 -40.09 -1.60
N TYR A 152 0.13 -39.10 -1.76
CA TYR A 152 1.33 -39.01 -0.94
C TYR A 152 0.97 -38.86 0.54
N ALA A 153 0.11 -37.89 0.85
CA ALA A 153 -0.20 -37.59 2.26
C ALA A 153 -0.96 -38.72 2.93
N THR A 154 -1.81 -39.44 2.19
CA THR A 154 -2.58 -40.53 2.80
C THR A 154 -1.69 -41.73 3.09
N ASN A 155 -0.90 -42.18 2.09
CA ASN A 155 0.16 -43.17 2.32
C ASN A 155 -0.42 -44.41 3.01
N LYS A 156 -1.57 -44.88 2.51
CA LYS A 156 -2.29 -46.05 3.00
C LYS A 156 -2.56 -45.99 4.51
N GLY A 157 -2.74 -44.79 5.06
CA GLY A 157 -3.10 -44.63 6.45
C GLY A 157 -1.98 -44.14 7.35
N ASN A 158 -0.72 -44.23 6.89
CA ASN A 158 0.41 -43.68 7.64
C ASN A 158 0.61 -42.23 7.18
N LEU A 159 -0.25 -41.34 7.69
CA LEU A 159 -0.38 -40.02 7.10
C LEU A 159 0.92 -39.22 7.22
N ARG A 160 1.19 -38.39 6.21
CA ARG A 160 2.35 -37.53 6.14
C ARG A 160 1.90 -36.11 5.85
N SER A 161 2.42 -35.14 6.60
CA SER A 161 2.05 -33.74 6.39
CA SER A 161 2.04 -33.75 6.38
C SER A 161 2.60 -33.23 5.07
N ALA A 162 1.80 -32.45 4.34
CA ALA A 162 2.25 -31.95 3.04
C ALA A 162 1.54 -30.68 2.66
N ILE A 163 2.16 -29.91 1.76
CA ILE A 163 1.53 -28.71 1.22
C ILE A 163 1.87 -28.66 -0.26
N THR A 164 0.89 -28.27 -1.08
CA THR A 164 1.10 -28.08 -2.51
C THR A 164 0.84 -26.62 -2.82
N ILE A 165 1.77 -25.97 -3.50
CA ILE A 165 1.76 -24.52 -3.64
C ILE A 165 1.64 -24.16 -5.12
N PHE A 166 0.50 -23.61 -5.48
CA PHE A 166 0.17 -23.17 -6.83
C PHE A 166 0.65 -21.75 -7.05
N PRO A 167 0.55 -21.23 -8.29
CA PRO A 167 1.14 -19.92 -8.58
C PRO A 167 0.57 -18.79 -7.74
N GLN A 168 1.47 -17.88 -7.33
CA GLN A 168 1.08 -16.75 -6.50
C GLN A 168 0.14 -15.81 -7.24
N ARG A 169 -0.55 -14.98 -6.47
CA ARG A 169 -1.39 -13.94 -7.03
C ARG A 169 -0.54 -12.94 -7.81
N THR A 170 -1.09 -12.45 -8.93
CA THR A 170 -0.41 -11.42 -9.71
C THR A 170 -1.15 -10.09 -9.59
N ASP A 171 -2.24 -9.92 -10.33
CA ASP A 171 -3.03 -8.70 -10.26
C ASP A 171 -4.34 -8.86 -9.52
N GLY A 172 -4.66 -10.08 -9.06
CA GLY A 172 -5.93 -10.32 -8.41
C GLY A 172 -7.04 -10.72 -9.36
N LYS A 173 -6.82 -10.67 -10.67
CA LYS A 173 -7.79 -11.15 -11.63
C LYS A 173 -7.42 -12.52 -12.18
N HIS A 174 -6.24 -13.04 -11.84
CA HIS A 174 -5.76 -14.32 -12.35
C HIS A 174 -5.51 -15.32 -11.23
N ASP A 175 -6.30 -15.24 -10.16
CA ASP A 175 -6.06 -16.06 -9.00
C ASP A 175 -6.25 -17.55 -9.31
N PHE A 176 -5.37 -18.36 -8.74
CA PHE A 176 -5.62 -19.78 -8.58
C PHE A 176 -6.37 -20.00 -7.28
N ARG A 177 -7.48 -20.73 -7.32
CA ARG A 177 -8.22 -21.01 -6.09
C ARG A 177 -8.73 -22.45 -6.10
N VAL A 178 -8.72 -23.08 -4.93
CA VAL A 178 -9.52 -24.28 -4.68
C VAL A 178 -10.80 -23.80 -4.01
N TRP A 179 -11.94 -23.94 -4.70
CA TRP A 179 -13.18 -23.43 -4.10
C TRP A 179 -13.61 -24.28 -2.90
N ASN A 180 -13.24 -25.56 -2.88
CA ASN A 180 -13.50 -26.39 -1.70
C ASN A 180 -12.81 -25.81 -0.47
N SER A 181 -13.46 -25.94 0.69
CA SER A 181 -12.81 -25.50 1.91
C SER A 181 -11.76 -26.50 2.37
N GLN A 182 -12.04 -27.79 2.15
CA GLN A 182 -11.07 -28.87 2.33
C GLN A 182 -11.12 -29.77 1.10
N LEU A 183 -10.02 -30.47 0.84
CA LEU A 183 -9.96 -31.31 -0.36
C LEU A 183 -11.02 -32.41 -0.31
N ILE A 184 -11.30 -32.92 0.89
CA ILE A 184 -12.29 -33.98 1.09
C ILE A 184 -13.27 -33.46 2.14
N ARG A 185 -14.53 -33.30 1.73
CA ARG A 185 -15.64 -32.92 2.61
C ARG A 185 -16.87 -33.65 2.08
N TYR A 186 -17.90 -33.74 2.93
CA TYR A 186 -19.15 -34.38 2.54
C TYR A 186 -20.19 -33.33 2.14
N ALA A 187 -21.00 -33.67 1.13
CA ALA A 187 -22.04 -32.76 0.68
C ALA A 187 -23.12 -32.56 1.76
N GLY A 188 -23.86 -31.48 1.61
CA GLY A 188 -25.04 -31.26 2.42
C GLY A 188 -26.16 -30.76 1.54
N TYR A 189 -27.38 -31.23 1.83
CA TYR A 189 -28.52 -31.00 0.97
C TYR A 189 -29.68 -30.43 1.77
N LYS A 190 -30.23 -29.32 1.28
CA LYS A 190 -31.47 -28.77 1.82
C LYS A 190 -32.64 -29.68 1.44
N GLN A 191 -33.38 -30.19 2.45
CA GLN A 191 -34.53 -31.04 2.15
C GLN A 191 -35.80 -30.20 2.01
N PRO A 192 -36.78 -30.68 1.24
CA PRO A 192 -38.02 -29.90 1.10
C PRO A 192 -38.73 -29.66 2.42
N ASP A 193 -38.72 -30.62 3.34
CA ASP A 193 -39.37 -30.44 4.64
C ASP A 193 -38.56 -29.55 5.58
N GLY A 194 -37.47 -28.95 5.11
CA GLY A 194 -36.75 -27.94 5.84
C GLY A 194 -35.46 -28.43 6.49
N SER A 195 -35.32 -29.73 6.73
CA SER A 195 -34.15 -30.28 7.41
C SER A 195 -32.95 -30.25 6.47
N THR A 196 -31.84 -30.86 6.90
CA THR A 196 -30.63 -30.94 6.09
C THR A 196 -30.09 -32.36 6.10
N LEU A 197 -29.77 -32.88 4.92
CA LEU A 197 -29.13 -34.18 4.76
C LEU A 197 -27.64 -33.99 4.54
N GLY A 198 -26.82 -34.78 5.23
CA GLY A 198 -25.38 -34.65 5.10
C GLY A 198 -24.82 -33.58 6.03
N ASP A 199 -23.76 -32.90 5.56
CA ASP A 199 -23.05 -31.92 6.38
C ASP A 199 -23.64 -30.53 6.16
N PRO A 200 -24.33 -29.95 7.15
CA PRO A 200 -24.95 -28.63 6.93
C PRO A 200 -23.96 -27.54 6.57
N ALA A 201 -22.70 -27.67 7.00
CA ALA A 201 -21.68 -26.67 6.72
C ALA A 201 -21.41 -26.50 5.23
N ASN A 202 -21.69 -27.51 4.43
CA ASN A 202 -21.32 -27.49 3.02
C ASN A 202 -22.53 -27.30 2.11
N VAL A 203 -23.67 -26.88 2.65
CA VAL A 203 -24.88 -26.78 1.83
C VAL A 203 -24.66 -25.80 0.68
N GLN A 204 -24.08 -24.63 0.97
CA GLN A 204 -23.91 -23.63 -0.09
C GLN A 204 -22.94 -24.12 -1.16
N PHE A 205 -21.80 -24.66 -0.73
CA PHE A 205 -20.85 -25.19 -1.71
C PHE A 205 -21.46 -26.33 -2.51
N THR A 206 -22.24 -27.19 -1.85
CA THR A 206 -22.90 -28.28 -2.56
C THR A 206 -23.82 -27.75 -3.65
N GLU A 207 -24.56 -26.67 -3.37
CA GLU A 207 -25.48 -26.13 -4.36
C GLU A 207 -24.73 -25.55 -5.56
N ILE A 208 -23.57 -24.92 -5.32
CA ILE A 208 -22.76 -24.44 -6.43
C ILE A 208 -22.32 -25.60 -7.31
N CYS A 209 -21.93 -26.72 -6.70
CA CYS A 209 -21.51 -27.89 -7.46
C CYS A 209 -22.66 -28.44 -8.30
N ILE A 210 -23.83 -28.61 -7.68
CA ILE A 210 -25.00 -29.09 -8.42
C ILE A 210 -25.32 -28.12 -9.55
N GLN A 211 -25.30 -26.82 -9.25
CA GLN A 211 -25.57 -25.81 -10.26
C GLN A 211 -24.54 -25.87 -11.39
N GLN A 212 -23.33 -26.34 -11.11
CA GLN A 212 -22.30 -26.47 -12.14
C GLN A 212 -22.36 -27.79 -12.89
N GLY A 213 -23.34 -28.64 -12.61
CA GLY A 213 -23.51 -29.87 -13.34
C GLY A 213 -23.25 -31.14 -12.54
N TRP A 214 -22.83 -31.03 -11.29
CA TRP A 214 -22.59 -32.23 -10.49
C TRP A 214 -23.89 -32.96 -10.24
N LYS A 215 -23.89 -34.27 -10.48
CA LYS A 215 -25.04 -35.11 -10.19
C LYS A 215 -24.90 -35.68 -8.78
N PRO A 216 -25.64 -35.15 -7.82
CA PRO A 216 -25.48 -35.59 -6.44
C PRO A 216 -26.15 -36.94 -6.21
N PRO A 217 -25.46 -37.89 -5.57
CA PRO A 217 -26.16 -39.11 -5.13
C PRO A 217 -27.10 -38.88 -3.94
N ARG A 218 -27.02 -37.73 -3.27
CA ARG A 218 -27.98 -37.34 -2.24
C ARG A 218 -28.03 -38.34 -1.09
N GLY A 219 -26.85 -38.63 -0.52
CA GLY A 219 -26.73 -39.38 0.69
C GLY A 219 -26.18 -38.56 1.84
N ARG A 220 -25.90 -39.24 2.95
CA ARG A 220 -25.43 -38.58 4.15
C ARG A 220 -23.93 -38.32 4.15
N PHE A 221 -23.17 -39.05 3.33
CA PHE A 221 -21.72 -38.93 3.29
C PHE A 221 -21.24 -39.01 1.84
N ASP A 222 -21.68 -38.05 1.02
CA ASP A 222 -21.26 -37.99 -0.38
C ASP A 222 -20.00 -37.13 -0.47
N VAL A 223 -18.90 -37.72 -0.93
CA VAL A 223 -17.67 -36.95 -1.10
C VAL A 223 -17.89 -35.93 -2.21
N LEU A 224 -17.63 -34.67 -1.90
CA LEU A 224 -17.84 -33.59 -2.85
C LEU A 224 -16.79 -33.63 -3.97
N PRO A 225 -17.15 -33.18 -5.16
CA PRO A 225 -16.15 -33.02 -6.22
C PRO A 225 -15.21 -31.88 -5.90
N LEU A 226 -14.08 -31.84 -6.60
CA LEU A 226 -13.21 -30.67 -6.55
C LEU A 226 -13.71 -29.63 -7.54
N LEU A 227 -13.69 -28.36 -7.11
CA LEU A 227 -14.09 -27.22 -7.93
C LEU A 227 -12.87 -26.31 -7.99
N LEU A 228 -12.13 -26.37 -9.10
CA LEU A 228 -10.78 -25.82 -9.19
C LEU A 228 -10.74 -24.66 -10.17
N GLN A 229 -10.12 -23.55 -9.74
CA GLN A 229 -9.99 -22.34 -10.55
C GLN A 229 -8.51 -22.05 -10.81
N ALA A 230 -8.14 -21.97 -12.09
CA ALA A 230 -6.77 -21.67 -12.52
C ALA A 230 -6.75 -20.34 -13.26
N ASN A 231 -5.76 -19.50 -12.91
CA ASN A 231 -5.47 -18.29 -13.65
C ASN A 231 -6.71 -17.39 -13.83
N GLY A 232 -7.57 -17.39 -12.82
CA GLY A 232 -8.74 -16.53 -12.83
C GLY A 232 -9.90 -17.01 -13.68
N ASN A 233 -9.78 -18.15 -14.35
CA ASN A 233 -10.86 -18.63 -15.20
C ASN A 233 -11.99 -19.21 -14.35
N ASP A 234 -13.11 -19.49 -15.00
CA ASP A 234 -14.23 -20.13 -14.30
C ASP A 234 -13.77 -21.47 -13.74
N PRO A 235 -14.29 -21.86 -12.57
CA PRO A 235 -13.84 -23.12 -11.96
C PRO A 235 -14.40 -24.33 -12.71
N GLU A 236 -13.74 -25.46 -12.51
CA GLU A 236 -14.06 -26.71 -13.21
C GLU A 236 -14.20 -27.84 -12.20
N LEU A 237 -15.21 -28.70 -12.40
CA LEU A 237 -15.47 -29.83 -11.52
C LEU A 237 -14.64 -31.06 -11.89
N PHE A 238 -14.20 -31.80 -10.87
CA PHE A 238 -13.42 -33.03 -10.99
C PHE A 238 -13.79 -34.00 -9.88
N GLN A 239 -13.95 -35.27 -10.20
CA GLN A 239 -14.20 -36.28 -9.18
C GLN A 239 -12.89 -36.88 -8.69
N ILE A 240 -12.64 -36.79 -7.39
CA ILE A 240 -11.45 -37.45 -6.84
C ILE A 240 -11.62 -38.95 -6.99
N PRO A 241 -10.65 -39.66 -7.57
CA PRO A 241 -10.76 -41.12 -7.68
C PRO A 241 -10.99 -41.73 -6.31
N PRO A 242 -12.07 -42.50 -6.13
CA PRO A 242 -12.44 -42.95 -4.78
C PRO A 242 -11.37 -43.79 -4.09
N GLU A 243 -10.50 -44.46 -4.85
CA GLU A 243 -9.45 -45.23 -4.20
C GLU A 243 -8.43 -44.33 -3.51
N LEU A 244 -8.40 -43.04 -3.86
CA LEU A 244 -7.53 -42.11 -3.15
C LEU A 244 -8.16 -41.58 -1.87
N VAL A 245 -9.46 -41.80 -1.65
CA VAL A 245 -10.17 -41.19 -0.52
C VAL A 245 -10.29 -42.24 0.57
N LEU A 246 -9.42 -42.17 1.58
CA LEU A 246 -9.43 -43.13 2.66
C LEU A 246 -10.50 -42.75 3.68
N GLU A 247 -11.38 -43.71 4.01
CA GLU A 247 -12.46 -43.46 4.96
C GLU A 247 -12.44 -44.52 6.04
N VAL A 248 -12.93 -44.13 7.22
CA VAL A 248 -12.94 -44.99 8.39
C VAL A 248 -14.39 -45.18 8.83
N PRO A 249 -14.93 -46.39 8.80
CA PRO A 249 -16.25 -46.63 9.41
C PRO A 249 -16.13 -46.59 10.92
N ILE A 250 -17.09 -45.94 11.57
CA ILE A 250 -17.00 -45.65 12.99
C ILE A 250 -17.76 -46.74 13.76
N ARG A 251 -17.05 -47.46 14.62
CA ARG A 251 -17.64 -48.41 15.54
C ARG A 251 -17.09 -48.17 16.94
N HIS A 252 -17.74 -48.80 17.93
CA HIS A 252 -17.41 -48.59 19.33
C HIS A 252 -16.88 -49.88 19.94
N PRO A 253 -15.86 -49.80 20.81
CA PRO A 253 -15.26 -51.04 21.33
C PRO A 253 -16.18 -51.83 22.26
N LYS A 254 -17.26 -51.25 22.76
CA LYS A 254 -18.16 -51.92 23.68
C LYS A 254 -19.60 -51.97 23.19
N PHE A 255 -20.08 -50.91 22.57
CA PHE A 255 -21.46 -50.84 22.09
C PHE A 255 -21.50 -51.42 20.69
N GLU A 256 -22.03 -52.64 20.56
CA GLU A 256 -22.12 -53.27 19.25
C GLU A 256 -23.14 -52.58 18.35
N TRP A 257 -24.08 -51.83 18.92
CA TRP A 257 -25.05 -51.12 18.10
C TRP A 257 -24.47 -49.87 17.44
N PHE A 258 -23.29 -49.43 17.87
CA PHE A 258 -22.80 -48.14 17.38
C PHE A 258 -22.57 -48.18 15.88
N LYS A 259 -22.07 -49.31 15.38
CA LYS A 259 -21.83 -49.44 13.94
C LYS A 259 -23.11 -49.25 13.13
N ASP A 260 -24.25 -49.64 13.70
CA ASP A 260 -25.53 -49.52 13.00
C ASP A 260 -25.96 -48.07 12.80
N LEU A 261 -25.31 -47.10 13.47
CA LEU A 261 -25.58 -45.70 13.18
C LEU A 261 -25.12 -45.28 11.78
N GLY A 262 -24.28 -46.09 11.14
CA GLY A 262 -23.82 -45.81 9.79
C GLY A 262 -22.88 -44.64 9.66
N LEU A 263 -22.15 -44.27 10.71
CA LEU A 263 -21.25 -43.13 10.61
C LEU A 263 -19.93 -43.53 9.97
N LYS A 264 -19.33 -42.58 9.27
CA LYS A 264 -17.93 -42.71 8.85
C LYS A 264 -17.31 -41.33 8.81
N TRP A 265 -15.99 -41.30 8.65
CA TRP A 265 -15.31 -40.05 8.35
C TRP A 265 -14.15 -40.37 7.43
N TYR A 266 -13.58 -39.32 6.85
CA TYR A 266 -12.43 -39.46 5.98
C TYR A 266 -11.16 -39.26 6.80
N GLY A 267 -10.06 -39.87 6.34
CA GLY A 267 -8.84 -39.87 7.11
C GLY A 267 -7.99 -38.61 7.00
N LEU A 268 -8.15 -37.84 5.92
CA LEU A 268 -7.17 -36.81 5.58
C LEU A 268 -7.74 -35.41 5.76
N PRO A 269 -7.37 -34.66 6.81
CA PRO A 269 -7.78 -33.25 6.88
C PRO A 269 -6.86 -32.39 6.02
N ALA A 270 -7.44 -31.74 5.02
CA ALA A 270 -6.66 -31.06 3.98
C ALA A 270 -7.24 -29.68 3.72
N VAL A 271 -6.69 -28.66 4.37
CA VAL A 271 -7.23 -27.31 4.29
C VAL A 271 -6.86 -26.69 2.95
N SER A 272 -7.86 -26.23 2.21
CA SER A 272 -7.59 -25.66 0.89
C SER A 272 -8.15 -24.26 0.71
N ASN A 273 -8.65 -23.60 1.75
CA ASN A 273 -9.23 -22.28 1.56
C ASN A 273 -8.39 -21.14 2.13
N MET A 274 -7.20 -21.41 2.64
CA MET A 274 -6.40 -20.35 3.24
C MET A 274 -5.36 -19.83 2.25
N LEU A 275 -4.74 -18.71 2.63
CA LEU A 275 -3.73 -18.07 1.80
C LEU A 275 -2.40 -18.10 2.52
N LEU A 276 -1.33 -18.40 1.79
CA LEU A 276 0.03 -18.45 2.32
C LEU A 276 0.75 -17.16 1.93
N GLU A 277 1.22 -16.42 2.92
CA GLU A 277 1.87 -15.13 2.69
C GLU A 277 3.35 -15.26 3.02
N ILE A 278 4.20 -15.07 2.01
CA ILE A 278 5.67 -15.13 2.17
C ILE A 278 6.27 -13.89 1.51
N GLY A 279 6.87 -13.03 2.32
CA GLY A 279 7.58 -11.86 1.82
C GLY A 279 6.76 -10.96 0.91
N GLY A 280 5.49 -10.76 1.23
CA GLY A 280 4.64 -9.94 0.41
C GLY A 280 4.00 -10.66 -0.76
N LEU A 281 4.36 -11.92 -1.00
CA LEU A 281 3.74 -12.72 -2.04
C LEU A 281 2.57 -13.49 -1.46
N GLU A 282 1.50 -13.64 -2.25
CA GLU A 282 0.25 -14.23 -1.78
C GLU A 282 -0.04 -15.47 -2.62
N PHE A 283 0.03 -16.64 -1.98
CA PHE A 283 -0.29 -17.91 -2.62
C PHE A 283 -1.72 -18.27 -2.21
N SER A 284 -2.68 -17.97 -3.09
CA SER A 284 -4.10 -18.09 -2.80
C SER A 284 -4.62 -19.52 -2.89
N ALA A 285 -3.85 -20.42 -3.51
CA ALA A 285 -4.16 -21.84 -3.54
C ALA A 285 -2.96 -22.57 -2.98
N CYS A 286 -3.11 -23.11 -1.79
CA CYS A 286 -1.97 -23.78 -1.17
C CYS A 286 -2.45 -24.89 -0.25
N PRO A 287 -3.15 -25.90 -0.78
CA PRO A 287 -3.75 -26.92 0.10
C PRO A 287 -2.69 -27.60 0.97
N PHE A 288 -2.98 -27.72 2.26
CA PHE A 288 -2.07 -28.41 3.15
C PHE A 288 -2.84 -29.41 4.01
N SER A 289 -2.15 -30.48 4.42
CA SER A 289 -2.81 -31.55 5.14
C SER A 289 -1.90 -32.12 6.21
N GLY A 290 -2.52 -32.66 7.25
CA GLY A 290 -1.79 -33.34 8.31
C GLY A 290 -2.52 -34.61 8.71
N TRP A 291 -2.84 -34.75 9.99
CA TRP A 291 -3.69 -35.83 10.45
C TRP A 291 -4.55 -35.29 11.59
N TYR A 292 -5.63 -36.00 11.89
CA TYR A 292 -6.66 -35.49 12.78
C TYR A 292 -6.29 -35.62 14.25
N MET A 293 -6.76 -34.66 15.04
CA MET A 293 -7.03 -34.88 16.46
C MET A 293 -8.47 -35.35 16.58
N GLY A 294 -8.68 -36.38 17.40
CA GLY A 294 -9.97 -37.06 17.40
C GLY A 294 -11.16 -36.16 17.64
N THR A 295 -10.98 -35.13 18.48
CA THR A 295 -12.07 -34.24 18.86
C THR A 295 -12.58 -33.41 17.69
N GLU A 296 -11.72 -33.12 16.72
CA GLU A 296 -12.20 -32.40 15.54
C GLU A 296 -13.38 -33.11 14.91
N ILE A 297 -13.31 -34.44 14.83
CA ILE A 297 -14.40 -35.24 14.29
C ILE A 297 -15.46 -35.51 15.35
N GLY A 298 -15.03 -36.09 16.49
CA GLY A 298 -15.99 -36.58 17.47
C GLY A 298 -16.75 -35.52 18.24
N VAL A 299 -16.13 -34.36 18.47
CA VAL A 299 -16.80 -33.26 19.16
C VAL A 299 -17.44 -32.27 18.18
N ARG A 300 -16.67 -31.75 17.23
CA ARG A 300 -17.18 -30.66 16.40
C ARG A 300 -17.99 -31.18 15.21
N ASP A 301 -17.37 -31.99 14.35
CA ASP A 301 -18.05 -32.50 13.16
C ASP A 301 -19.32 -33.25 13.52
N TYR A 302 -19.26 -34.10 14.54
CA TYR A 302 -20.40 -34.96 14.86
C TYR A 302 -21.41 -34.33 15.80
N CYS A 303 -20.96 -33.47 16.73
CA CYS A 303 -21.82 -33.04 17.81
C CYS A 303 -22.17 -31.55 17.83
N ASP A 304 -21.54 -30.72 16.99
CA ASP A 304 -22.05 -29.35 16.85
C ASP A 304 -23.52 -29.40 16.45
N ASN A 305 -24.31 -28.48 17.00
CA ASN A 305 -25.73 -28.43 16.63
C ASN A 305 -25.92 -28.12 15.16
N SER A 306 -25.03 -27.33 14.56
CA SER A 306 -25.15 -26.94 13.17
C SER A 306 -24.36 -27.86 12.23
N ARG A 307 -23.91 -29.02 12.73
CA ARG A 307 -23.23 -29.98 11.88
C ARG A 307 -24.03 -31.29 11.86
N TYR A 308 -23.39 -32.45 12.04
CA TYR A 308 -24.16 -33.68 11.96
C TYR A 308 -25.07 -33.90 13.16
N ASN A 309 -24.80 -33.23 14.30
CA ASN A 309 -25.78 -33.10 15.38
C ASN A 309 -26.31 -34.45 15.87
N ILE A 310 -25.41 -35.37 16.20
CA ILE A 310 -25.81 -36.76 16.47
C ILE A 310 -26.02 -37.08 17.96
N LEU A 311 -25.85 -36.11 18.86
CA LEU A 311 -25.93 -36.41 20.29
C LEU A 311 -27.26 -37.07 20.65
N GLU A 312 -28.37 -36.52 20.17
CA GLU A 312 -29.68 -37.09 20.48
C GLU A 312 -29.75 -38.57 20.08
N GLU A 313 -29.34 -38.89 18.83
CA GLU A 313 -29.39 -40.27 18.36
C GLU A 313 -28.57 -41.20 19.26
N VAL A 314 -27.36 -40.78 19.61
CA VAL A 314 -26.47 -41.65 20.38
C VAL A 314 -27.00 -41.84 21.79
N ALA A 315 -27.44 -40.75 22.42
CA ALA A 315 -27.93 -40.85 23.79
C ALA A 315 -29.17 -41.73 23.88
N LYS A 316 -30.04 -41.69 22.86
CA LYS A 316 -31.19 -42.60 22.83
C LYS A 316 -30.73 -44.05 22.90
N LYS A 317 -29.78 -44.43 22.04
CA LYS A 317 -29.31 -45.81 22.02
C LYS A 317 -28.61 -46.18 23.32
N MET A 318 -28.10 -45.20 24.05
CA MET A 318 -27.45 -45.46 25.32
C MET A 318 -28.44 -45.53 26.48
N ASN A 319 -29.70 -45.18 26.25
CA ASN A 319 -30.73 -45.25 27.27
C ASN A 319 -30.43 -44.29 28.42
N LEU A 320 -30.01 -43.07 28.08
CA LEU A 320 -29.79 -42.03 29.06
C LEU A 320 -31.06 -41.24 29.29
N ASP A 321 -31.15 -40.63 30.47
CA ASP A 321 -32.26 -39.73 30.79
C ASP A 321 -32.02 -38.40 30.08
N MET A 322 -32.81 -38.13 29.03
CA MET A 322 -32.61 -36.92 28.24
C MET A 322 -33.65 -35.85 28.54
N ARG A 323 -34.33 -35.97 29.67
CA ARG A 323 -35.38 -35.04 30.05
C ARG A 323 -34.83 -33.68 30.49
N LYS A 324 -33.68 -33.65 31.17
CA LYS A 324 -33.13 -32.42 31.72
C LYS A 324 -31.64 -32.33 31.43
N THR A 325 -31.12 -31.11 31.40
CA THR A 325 -29.70 -30.96 31.08
C THR A 325 -28.80 -31.51 32.19
N SER A 326 -29.25 -31.46 33.45
CA SER A 326 -28.37 -31.76 34.57
C SER A 326 -28.06 -33.25 34.70
N SER A 327 -28.70 -34.13 33.92
CA SER A 327 -28.25 -35.51 33.87
C SER A 327 -26.96 -35.67 33.09
N LEU A 328 -26.53 -34.61 32.40
CA LEU A 328 -25.29 -34.59 31.63
C LEU A 328 -25.30 -35.65 30.53
N TRP A 329 -26.49 -35.94 29.98
CA TRP A 329 -26.58 -36.92 28.91
C TRP A 329 -25.79 -36.51 27.67
N LYS A 330 -25.73 -35.21 27.37
CA LYS A 330 -24.92 -34.80 26.22
C LYS A 330 -23.45 -35.08 26.46
N ASP A 331 -22.98 -34.78 27.67
CA ASP A 331 -21.58 -35.01 28.02
C ASP A 331 -21.24 -36.49 27.97
N GLN A 332 -22.14 -37.32 28.48
CA GLN A 332 -21.88 -38.76 28.53
C GLN A 332 -21.81 -39.35 27.12
N ALA A 333 -22.76 -38.99 26.26
CA ALA A 333 -22.72 -39.43 24.88
C ALA A 333 -21.47 -38.89 24.18
N LEU A 334 -21.11 -37.64 24.48
CA LEU A 334 -19.97 -37.02 23.79
C LEU A 334 -18.70 -37.83 23.99
N VAL A 335 -18.49 -38.35 25.21
CA VAL A 335 -17.28 -39.12 25.47
C VAL A 335 -17.29 -40.42 24.68
N GLU A 336 -18.43 -41.14 24.71
CA GLU A 336 -18.51 -42.41 23.99
C GLU A 336 -18.31 -42.23 22.50
N ILE A 337 -18.82 -41.13 21.93
CA ILE A 337 -18.61 -40.88 20.51
C ILE A 337 -17.13 -40.71 20.22
N ASN A 338 -16.42 -40.04 21.12
CA ASN A 338 -15.01 -39.79 20.88
C ASN A 338 -14.15 -41.03 21.15
N ILE A 339 -14.59 -41.91 22.06
CA ILE A 339 -13.94 -43.21 22.19
C ILE A 339 -14.03 -43.98 20.87
N ALA A 340 -15.22 -43.96 20.25
CA ALA A 340 -15.44 -44.71 19.02
C ALA A 340 -14.55 -44.23 17.89
N VAL A 341 -14.46 -42.91 17.71
CA VAL A 341 -13.65 -42.34 16.63
C VAL A 341 -12.20 -42.78 16.77
N LEU A 342 -11.64 -42.62 17.98
CA LEU A 342 -10.25 -43.02 18.20
C LEU A 342 -10.08 -44.52 18.01
N TYR A 343 -10.96 -45.31 18.61
CA TYR A 343 -10.89 -46.76 18.45
C TYR A 343 -10.97 -47.16 16.98
N SER A 344 -11.78 -46.45 16.19
CA SER A 344 -12.02 -46.87 14.81
C SER A 344 -10.82 -46.54 13.92
N PHE A 345 -10.30 -45.32 14.00
CA PHE A 345 -9.08 -44.96 13.28
C PHE A 345 -7.93 -45.86 13.68
N GLN A 346 -7.76 -46.09 14.98
CA GLN A 346 -6.64 -46.92 15.43
C GLN A 346 -6.80 -48.35 14.95
N SER A 347 -8.04 -48.86 14.94
CA SER A 347 -8.28 -50.23 14.47
C SER A 347 -7.97 -50.39 12.99
N ASP A 348 -8.16 -49.34 12.20
CA ASP A 348 -7.85 -49.40 10.77
C ASP A 348 -6.45 -48.89 10.47
N LYS A 349 -5.64 -48.64 11.51
CA LYS A 349 -4.27 -48.16 11.34
C LYS A 349 -4.23 -46.90 10.48
N VAL A 350 -5.11 -45.96 10.81
CA VAL A 350 -5.10 -44.62 10.22
C VAL A 350 -4.62 -43.65 11.30
N THR A 351 -3.58 -42.87 10.98
CA THR A 351 -3.01 -41.94 11.96
C THR A 351 -4.06 -41.05 12.58
N ILE A 352 -4.05 -40.98 13.92
CA ILE A 352 -4.91 -40.09 14.67
C ILE A 352 -4.24 -39.83 16.00
N VAL A 353 -4.54 -38.69 16.62
CA VAL A 353 -4.00 -38.35 17.92
C VAL A 353 -5.14 -37.94 18.82
N ASP A 354 -5.14 -38.43 20.05
CA ASP A 354 -6.16 -37.99 20.99
C ASP A 354 -5.76 -36.65 21.59
N HIS A 355 -6.75 -35.95 22.15
CA HIS A 355 -6.50 -34.62 22.67
C HIS A 355 -5.58 -34.63 23.89
N HIS A 356 -5.50 -35.72 24.65
CA HIS A 356 -4.53 -35.77 25.75
C HIS A 356 -3.10 -35.78 25.20
N SER A 357 -2.82 -36.67 24.25
CA SER A 357 -1.48 -36.75 23.67
CA SER A 357 -1.48 -36.73 23.67
C SER A 357 -1.12 -35.47 22.90
N ALA A 358 -2.06 -34.94 22.12
CA ALA A 358 -1.78 -33.74 21.32
C ALA A 358 -1.44 -32.55 22.21
N THR A 359 -2.21 -32.32 23.28
CA THR A 359 -1.94 -31.16 24.11
C THR A 359 -0.64 -31.33 24.88
N GLU A 360 -0.32 -32.54 25.33
CA GLU A 360 0.97 -32.78 25.98
C GLU A 360 2.13 -32.47 25.04
N SER A 361 2.02 -32.90 23.77
CA SER A 361 3.05 -32.57 22.79
C SER A 361 3.19 -31.07 22.60
N PHE A 362 2.07 -30.33 22.63
CA PHE A 362 2.15 -28.90 22.39
C PHE A 362 2.86 -28.19 23.53
N ILE A 363 2.61 -28.60 24.78
CA ILE A 363 3.37 -28.06 25.91
C ILE A 363 4.86 -28.30 25.71
N LYS A 364 5.24 -29.50 25.28
CA LYS A 364 6.65 -29.76 25.00
C LYS A 364 7.16 -28.87 23.86
N HIS A 365 6.35 -28.69 22.82
CA HIS A 365 6.73 -27.81 21.72
C HIS A 365 6.93 -26.37 22.21
N MET A 366 6.02 -25.87 23.06
CA MET A 366 6.20 -24.52 23.61
C MET A 366 7.54 -24.40 24.32
N GLU A 367 7.85 -25.36 25.19
CA GLU A 367 9.11 -25.29 25.92
C GLU A 367 10.31 -25.30 24.97
N ASN A 368 10.27 -26.15 23.95
CA ASN A 368 11.32 -26.16 22.93
C ASN A 368 11.46 -24.80 22.27
N GLU A 369 10.33 -24.19 21.88
CA GLU A 369 10.37 -22.92 21.18
C GLU A 369 10.85 -21.78 22.08
N TYR A 370 10.45 -21.77 23.36
CA TYR A 370 10.98 -20.74 24.24
C TYR A 370 12.49 -20.90 24.43
N ARG A 371 12.97 -22.14 24.48
CA ARG A 371 14.39 -22.37 24.68
C ARG A 371 15.21 -21.96 23.44
N CYS A 372 14.76 -22.34 22.25
CA CYS A 372 15.56 -22.05 21.06
CA CYS A 372 15.56 -22.05 21.06
C CYS A 372 15.19 -20.73 20.40
N ARG A 373 13.91 -20.35 20.41
CA ARG A 373 13.45 -19.19 19.65
C ARG A 373 13.08 -17.99 20.50
N GLY A 374 12.94 -18.15 21.81
CA GLY A 374 12.50 -17.06 22.66
C GLY A 374 11.02 -16.80 22.66
N GLY A 375 10.22 -17.72 22.12
CA GLY A 375 8.77 -17.58 22.22
C GLY A 375 8.06 -18.54 21.29
N CYS A 376 6.75 -18.60 21.48
CA CYS A 376 5.89 -19.39 20.63
C CYS A 376 4.50 -18.76 20.65
N PRO A 377 4.08 -18.10 19.57
CA PRO A 377 2.73 -17.51 19.56
C PRO A 377 1.66 -18.58 19.62
N ALA A 378 0.68 -18.39 20.51
CA ALA A 378 -0.31 -19.44 20.71
C ALA A 378 -1.64 -18.82 21.14
N ASP A 379 -2.71 -19.31 20.54
CA ASP A 379 -4.07 -18.80 20.71
C ASP A 379 -4.81 -19.77 21.64
N TRP A 380 -4.91 -19.41 22.93
CA TRP A 380 -5.48 -20.33 23.91
C TRP A 380 -6.89 -20.77 23.52
N VAL A 381 -7.67 -19.85 22.95
CA VAL A 381 -9.05 -20.12 22.60
C VAL A 381 -9.16 -21.28 21.60
N TRP A 382 -8.17 -21.41 20.71
CA TRP A 382 -8.15 -22.47 19.71
C TRP A 382 -7.35 -23.70 20.13
N ILE A 383 -6.34 -23.53 21.00
CA ILE A 383 -5.48 -24.65 21.38
C ILE A 383 -6.18 -25.58 22.37
N VAL A 384 -6.93 -25.03 23.32
CA VAL A 384 -7.64 -25.87 24.30
C VAL A 384 -8.71 -26.69 23.59
N PRO A 385 -8.74 -28.00 23.77
CA PRO A 385 -9.68 -28.84 23.02
C PRO A 385 -11.12 -28.57 23.43
N PRO A 386 -12.08 -28.87 22.54
CA PRO A 386 -13.49 -28.55 22.82
C PRO A 386 -14.19 -29.53 23.73
N MET A 387 -13.50 -30.50 24.33
CA MET A 387 -14.07 -31.24 25.45
C MET A 387 -12.98 -31.42 26.51
N SER A 388 -13.41 -31.66 27.76
CA SER A 388 -12.49 -32.03 28.84
C SER A 388 -11.35 -31.03 29.00
N GLY A 389 -11.61 -29.75 28.70
CA GLY A 389 -10.56 -28.75 28.67
C GLY A 389 -9.56 -28.79 29.82
N SER A 390 -10.05 -28.73 31.07
CA SER A 390 -9.12 -28.58 32.17
C SER A 390 -8.42 -29.87 32.58
N ILE A 391 -8.71 -31.01 31.95
CA ILE A 391 -7.89 -32.16 32.31
C ILE A 391 -6.80 -32.32 31.27
N THR A 392 -6.69 -31.30 30.32
CA THR A 392 -5.51 -31.26 29.45
C THR A 392 -4.54 -30.20 29.93
N PRO A 393 -3.22 -30.38 29.74
CA PRO A 393 -2.27 -29.43 30.33
C PRO A 393 -2.33 -28.04 29.73
N VAL A 394 -2.83 -27.89 28.50
CA VAL A 394 -2.85 -26.56 27.88
C VAL A 394 -3.86 -25.64 28.56
N PHE A 395 -4.90 -26.18 29.21
CA PHE A 395 -5.85 -25.34 29.91
C PHE A 395 -5.16 -24.47 30.96
N HIS A 396 -4.15 -25.02 31.63
CA HIS A 396 -3.46 -24.35 32.72
C HIS A 396 -2.25 -23.54 32.27
N GLN A 397 -2.02 -23.46 30.97
CA GLN A 397 -0.86 -22.81 30.38
C GLN A 397 -1.23 -21.41 29.87
N GLU A 398 -0.63 -20.39 30.45
CA GLU A 398 -0.76 -19.06 29.88
C GLU A 398 -0.04 -19.02 28.54
N MET A 399 -0.59 -18.25 27.61
CA MET A 399 -0.05 -18.16 26.26
C MET A 399 -0.05 -16.71 25.83
N LEU A 400 0.91 -16.35 24.98
CA LEU A 400 0.94 -15.04 24.34
C LEU A 400 0.62 -15.23 22.87
N ASN A 401 -0.23 -14.38 22.33
CA ASN A 401 -0.61 -14.46 20.92
C ASN A 401 -0.13 -13.22 20.18
N TYR A 402 0.57 -13.43 19.06
CA TYR A 402 1.08 -12.35 18.23
C TYR A 402 1.30 -12.92 16.84
N ARG A 403 1.42 -12.03 15.86
CA ARG A 403 1.41 -12.42 14.45
C ARG A 403 2.81 -12.25 13.86
N LEU A 404 3.40 -13.37 13.45
CA LEU A 404 4.68 -13.40 12.76
C LEU A 404 4.47 -13.77 11.31
N THR A 405 5.40 -13.36 10.46
CA THR A 405 5.42 -13.73 9.06
CA THR A 405 5.40 -13.77 9.07
C THR A 405 6.67 -14.55 8.76
N PRO A 406 6.61 -15.51 7.81
CA PRO A 406 5.50 -15.95 6.96
C PRO A 406 4.27 -16.49 7.70
N SER A 407 3.11 -16.49 7.06
CA SER A 407 1.90 -16.91 7.78
C SER A 407 0.87 -17.48 6.83
N PHE A 408 -0.08 -18.19 7.40
CA PHE A 408 -1.32 -18.56 6.72
C PHE A 408 -2.42 -17.58 7.13
N GLU A 409 -3.15 -17.07 6.15
CA GLU A 409 -4.19 -16.07 6.39
C GLU A 409 -5.54 -16.57 5.88
N TYR A 410 -6.62 -16.08 6.45
CA TYR A 410 -7.93 -16.34 5.85
C TYR A 410 -8.13 -15.44 4.63
N GLN A 411 -9.01 -15.87 3.73
CA GLN A 411 -9.33 -15.10 2.54
C GLN A 411 -10.80 -15.31 2.21
N PRO A 412 -11.39 -14.42 1.41
CA PRO A 412 -12.82 -14.55 1.10
C PRO A 412 -13.10 -15.81 0.29
N ASP A 413 -14.31 -16.34 0.47
CA ASP A 413 -14.77 -17.41 -0.40
C ASP A 413 -14.85 -16.92 -1.84
N PRO A 414 -14.34 -17.68 -2.80
CA PRO A 414 -14.22 -17.14 -4.17
C PRO A 414 -15.55 -16.88 -4.85
N TRP A 415 -16.63 -17.55 -4.45
CA TRP A 415 -17.90 -17.27 -5.11
C TRP A 415 -18.46 -15.90 -4.71
N ASN A 416 -17.92 -15.30 -3.65
CA ASN A 416 -18.31 -13.94 -3.30
C ASN A 416 -17.62 -12.88 -4.15
N THR A 417 -16.52 -13.22 -4.83
CA THR A 417 -15.73 -12.25 -5.56
C THR A 417 -15.58 -12.52 -7.05
N HIS A 418 -15.88 -13.72 -7.51
CA HIS A 418 -15.57 -14.11 -8.89
C HIS A 418 -16.65 -13.61 -9.86
N VAL A 419 -16.22 -12.91 -10.90
CA VAL A 419 -17.10 -12.56 -12.02
C VAL A 419 -17.02 -13.66 -13.06
N TRP A 420 -18.12 -14.36 -13.28
CA TRP A 420 -18.12 -15.50 -14.17
C TRP A 420 -18.00 -15.07 -15.63
N LYS A 421 -17.50 -15.98 -16.46
CA LYS A 421 -17.35 -15.69 -17.88
C LYS A 421 -18.49 -16.32 -18.69
N ARG B 3 -18.22 5.02 16.94
CA ARG B 3 -17.65 3.74 16.55
C ARG B 3 -18.43 2.58 17.16
N PHE B 4 -18.49 1.47 16.43
CA PHE B 4 -19.18 0.26 16.83
C PHE B 4 -18.22 -0.91 16.67
N LEU B 5 -18.46 -1.99 17.41
CA LEU B 5 -17.76 -3.26 17.19
C LEU B 5 -18.79 -4.38 17.16
N LYS B 6 -18.68 -5.28 16.19
CA LYS B 6 -19.63 -6.36 16.06
C LYS B 6 -19.05 -7.66 16.61
N VAL B 7 -19.89 -8.43 17.30
CA VAL B 7 -19.56 -9.79 17.71
C VAL B 7 -20.60 -10.71 17.09
N LYS B 8 -20.15 -11.88 16.66
CA LYS B 8 -20.98 -12.83 15.94
C LYS B 8 -21.05 -14.13 16.72
N ASN B 9 -22.20 -14.78 16.69
CA ASN B 9 -22.33 -16.14 17.18
C ASN B 9 -22.27 -17.06 15.96
N TRP B 10 -21.31 -17.97 15.96
CA TRP B 10 -21.06 -18.79 14.78
C TRP B 10 -21.99 -19.99 14.68
N GLU B 11 -22.72 -20.28 15.75
CA GLU B 11 -23.75 -21.31 15.73
C GLU B 11 -25.06 -20.77 15.17
N THR B 12 -25.50 -19.60 15.66
CA THR B 12 -26.77 -19.01 15.29
C THR B 12 -26.69 -17.94 14.20
N GLU B 13 -25.50 -17.39 13.96
CA GLU B 13 -25.24 -16.26 13.07
C GLU B 13 -25.85 -14.95 13.57
N VAL B 14 -26.29 -14.89 14.83
CA VAL B 14 -26.69 -13.62 15.43
C VAL B 14 -25.47 -12.71 15.56
N VAL B 15 -25.66 -11.44 15.23
CA VAL B 15 -24.61 -10.43 15.31
C VAL B 15 -25.08 -9.31 16.25
N LEU B 16 -24.25 -8.97 17.23
CA LEU B 16 -24.53 -7.96 18.23
C LEU B 16 -23.55 -6.81 18.06
N THR B 17 -23.97 -5.60 18.42
CA THR B 17 -23.17 -4.41 18.20
C THR B 17 -22.78 -3.80 19.54
N ASP B 18 -21.49 -3.66 19.79
CA ASP B 18 -21.01 -3.16 21.06
C ASP B 18 -20.64 -1.68 20.94
N THR B 19 -21.31 -0.84 21.73
CA THR B 19 -20.88 0.54 21.90
C THR B 19 -20.39 0.81 23.31
N LEU B 20 -20.71 -0.06 24.28
CA LEU B 20 -20.35 0.17 25.68
C LEU B 20 -18.84 0.21 25.88
N HIS B 21 -18.08 -0.45 25.01
CA HIS B 21 -16.62 -0.49 25.16
C HIS B 21 -15.98 0.89 25.11
N LEU B 22 -16.66 1.88 24.52
CA LEU B 22 -16.11 3.23 24.50
C LEU B 22 -16.03 3.82 25.90
N LYS B 23 -16.73 3.23 26.87
CA LYS B 23 -16.72 3.69 28.25
C LYS B 23 -15.59 3.13 29.09
N SER B 24 -14.72 2.29 28.54
CA SER B 24 -13.63 1.78 29.36
C SER B 24 -12.48 2.79 29.41
N THR B 25 -11.72 2.77 30.51
CA THR B 25 -10.51 3.59 30.59
C THR B 25 -9.43 2.93 31.44
N LEU B 26 -9.55 1.63 31.69
CA LEU B 26 -8.53 0.87 32.40
C LEU B 26 -8.03 -0.23 31.47
N GLU B 27 -6.87 -0.79 31.79
CA GLU B 27 -6.13 -1.64 30.86
C GLU B 27 -6.57 -3.09 30.89
N THR B 28 -6.56 -3.71 29.71
CA THR B 28 -6.80 -5.15 29.57
C THR B 28 -5.53 -5.97 29.77
N GLY B 29 -4.37 -5.39 29.53
CA GLY B 29 -3.13 -6.11 29.47
C GLY B 29 -2.62 -6.33 28.05
N CYS B 30 -3.51 -6.33 27.07
CA CYS B 30 -3.07 -6.52 25.69
C CYS B 30 -2.46 -5.24 25.15
N THR B 31 -1.75 -5.37 24.04
CA THR B 31 -1.31 -4.22 23.25
C THR B 31 -1.87 -4.38 21.84
N GLU B 32 -1.56 -3.40 20.99
CA GLU B 32 -1.98 -3.51 19.60
C GLU B 32 -1.33 -4.69 18.90
N TYR B 33 -0.19 -5.19 19.39
CA TYR B 33 0.53 -6.27 18.70
C TYR B 33 0.63 -7.56 19.50
N ILE B 34 0.15 -7.61 20.75
CA ILE B 34 0.19 -8.84 21.52
C ILE B 34 -1.13 -8.99 22.28
N CYS B 35 -1.72 -10.19 22.23
CA CYS B 35 -2.90 -10.51 23.03
C CYS B 35 -2.48 -11.31 24.25
N MET B 36 -2.91 -10.85 25.42
CA MET B 36 -2.62 -11.53 26.68
C MET B 36 -3.90 -12.03 27.34
N GLY B 37 -4.89 -12.40 26.52
CA GLY B 37 -6.19 -12.81 27.02
C GLY B 37 -6.18 -14.07 27.87
N SER B 38 -5.15 -14.89 27.78
CA SER B 38 -5.08 -16.09 28.62
C SER B 38 -4.18 -15.91 29.84
N ILE B 39 -3.66 -14.71 30.05
CA ILE B 39 -2.84 -14.41 31.23
C ILE B 39 -3.78 -14.18 32.41
N MET B 40 -3.53 -14.90 33.52
CA MET B 40 -4.42 -14.84 34.68
C MET B 40 -4.40 -13.46 35.32
N HIS B 41 -3.22 -12.90 35.57
CA HIS B 41 -3.06 -11.57 36.15
C HIS B 41 -2.10 -10.75 35.30
N PRO B 42 -2.61 -10.02 34.30
CA PRO B 42 -1.75 -9.12 33.54
C PRO B 42 -1.40 -7.90 34.37
N SER B 43 -0.28 -7.27 34.00
CA SER B 43 0.15 -6.02 34.63
C SER B 43 1.32 -5.41 33.87
N ASP B 51 0.73 4.20 47.83
CA ASP B 51 -0.19 3.13 48.25
C ASP B 51 -1.63 3.46 47.86
N VAL B 52 -2.04 4.71 48.08
CA VAL B 52 -3.43 5.12 47.94
C VAL B 52 -3.53 6.38 47.10
N ALA B 53 -4.72 6.58 46.54
CA ALA B 53 -4.95 7.65 45.57
C ALA B 53 -4.79 9.03 46.20
N THR B 54 -4.15 9.93 45.48
CA THR B 54 -4.03 11.32 45.93
C THR B 54 -5.35 12.06 45.73
N LYS B 55 -5.41 13.28 46.26
CA LYS B 55 -6.59 14.12 46.07
C LYS B 55 -6.89 14.30 44.59
N ASP B 56 -5.86 14.61 43.80
CA ASP B 56 -6.05 14.89 42.39
C ASP B 56 -6.49 13.67 41.61
N GLN B 57 -6.03 12.47 42.00
CA GLN B 57 -6.50 11.27 41.34
C GLN B 57 -7.94 10.95 41.72
N LEU B 58 -8.35 11.28 42.94
CA LEU B 58 -9.66 10.84 43.41
C LEU B 58 -10.80 11.64 42.77
N PHE B 59 -10.62 12.96 42.61
CA PHE B 59 -11.63 13.86 42.05
C PHE B 59 -12.27 13.29 40.80
N PRO B 60 -11.53 13.02 39.71
CA PRO B 60 -12.20 12.57 38.48
C PRO B 60 -12.77 11.17 38.59
N LEU B 61 -12.19 10.29 39.41
CA LEU B 61 -12.81 8.99 39.60
C LEU B 61 -14.16 9.13 40.28
N ALA B 62 -14.23 9.95 41.32
CA ALA B 62 -15.49 10.14 42.02
C ALA B 62 -16.54 10.74 41.10
N LYS B 63 -16.15 11.74 40.31
CA LYS B 63 -17.10 12.39 39.40
C LYS B 63 -17.68 11.41 38.40
N GLU B 64 -16.83 10.60 37.78
CA GLU B 64 -17.31 9.63 36.81
C GLU B 64 -18.35 8.70 37.43
N PHE B 65 -18.11 8.25 38.67
CA PHE B 65 -19.05 7.36 39.32
C PHE B 65 -20.36 8.07 39.65
N ILE B 66 -20.26 9.26 40.25
CA ILE B 66 -21.48 10.01 40.59
C ILE B 66 -22.26 10.33 39.32
N ASP B 67 -21.55 10.71 38.26
CA ASP B 67 -22.21 10.97 36.98
C ASP B 67 -22.97 9.74 36.50
N GLN B 68 -22.32 8.56 36.56
CA GLN B 68 -22.98 7.38 36.04
C GLN B 68 -24.12 6.95 36.95
N TYR B 69 -24.01 7.19 38.25
CA TYR B 69 -25.10 6.88 39.16
C TYR B 69 -26.31 7.75 38.89
N TYR B 70 -26.11 9.07 38.74
CA TYR B 70 -27.26 9.92 38.49
C TYR B 70 -27.85 9.69 37.11
N SER B 71 -27.03 9.25 36.16
CA SER B 71 -27.56 8.88 34.86
C SER B 71 -28.44 7.64 34.95
N SER B 72 -28.01 6.64 35.74
CA SER B 72 -28.79 5.41 35.86
C SER B 72 -30.16 5.67 36.47
N ILE B 73 -30.29 6.66 37.35
CA ILE B 73 -31.56 6.97 37.98
C ILE B 73 -32.27 8.13 37.26
N LYS B 74 -31.84 8.46 36.04
CA LYS B 74 -32.48 9.48 35.19
C LYS B 74 -32.52 10.84 35.87
N ARG B 75 -31.46 11.16 36.62
CA ARG B 75 -31.35 12.45 37.30
C ARG B 75 -30.08 13.20 36.89
N PHE B 76 -29.55 12.92 35.71
CA PHE B 76 -28.29 13.54 35.29
C PHE B 76 -28.51 15.03 35.05
N GLY B 77 -27.64 15.87 35.60
CA GLY B 77 -27.82 17.31 35.51
C GLY B 77 -28.74 17.91 36.54
N SER B 78 -29.36 17.09 37.38
CA SER B 78 -30.36 17.60 38.32
C SER B 78 -29.69 18.40 39.43
N LYS B 79 -30.52 19.15 40.17
CA LYS B 79 -30.04 19.85 41.35
C LYS B 79 -29.38 18.89 42.33
N ALA B 80 -30.02 17.73 42.57
CA ALA B 80 -29.45 16.75 43.49
C ALA B 80 -28.11 16.22 42.99
N HIS B 81 -28.01 15.96 41.68
CA HIS B 81 -26.74 15.55 41.09
C HIS B 81 -25.65 16.57 41.36
N MET B 82 -25.91 17.84 41.04
CA MET B 82 -24.90 18.88 41.19
C MET B 82 -24.53 19.09 42.65
N GLU B 83 -25.49 19.01 43.56
CA GLU B 83 -25.15 19.17 44.97
C GLU B 83 -24.36 17.96 45.49
N ARG B 84 -24.66 16.76 44.98
CA ARG B 84 -23.89 15.60 45.41
C ARG B 84 -22.43 15.73 44.96
N LEU B 85 -22.21 16.18 43.72
CA LEU B 85 -20.85 16.41 43.23
C LEU B 85 -20.12 17.44 44.08
N GLU B 86 -20.80 18.54 44.41
CA GLU B 86 -20.22 19.56 45.27
C GLU B 86 -19.84 18.97 46.62
N GLU B 87 -20.77 18.22 47.22
CA GLU B 87 -20.53 17.60 48.52
C GLU B 87 -19.34 16.65 48.48
N VAL B 88 -19.26 15.82 47.44
CA VAL B 88 -18.16 14.87 47.31
C VAL B 88 -16.82 15.61 47.23
N ASN B 89 -16.78 16.68 46.42
CA ASN B 89 -15.55 17.43 46.24
C ASN B 89 -15.11 18.10 47.53
N LYS B 90 -16.07 18.61 48.32
CA LYS B 90 -15.75 19.13 49.65
C LYS B 90 -15.03 18.08 50.48
N GLU B 91 -15.61 16.87 50.57
CA GLU B 91 -15.04 15.83 51.42
C GLU B 91 -13.63 15.47 50.98
N ILE B 92 -13.44 15.29 49.67
CA ILE B 92 -12.11 15.00 49.15
C ILE B 92 -11.15 16.13 49.52
N ASP B 93 -11.55 17.38 49.25
CA ASP B 93 -10.70 18.51 49.59
C ASP B 93 -10.32 18.54 51.06
N THR B 94 -11.27 18.26 51.95
CA THR B 94 -11.03 18.43 53.38
C THR B 94 -10.49 17.19 54.06
N THR B 95 -10.78 15.98 53.55
CA THR B 95 -10.44 14.74 54.24
C THR B 95 -9.60 13.79 53.39
N SER B 96 -9.34 14.12 52.13
CA SER B 96 -8.62 13.30 51.16
C SER B 96 -9.37 12.03 50.76
N THR B 97 -10.64 11.91 51.13
CA THR B 97 -11.45 10.77 50.72
C THR B 97 -12.91 11.21 50.78
N TYR B 98 -13.83 10.27 50.56
CA TYR B 98 -15.24 10.60 50.73
C TYR B 98 -16.01 9.36 51.10
N GLN B 99 -17.28 9.55 51.46
CA GLN B 99 -18.12 8.46 51.92
C GLN B 99 -19.29 8.29 50.95
N LEU B 100 -19.54 7.05 50.52
CA LEU B 100 -20.69 6.78 49.68
C LEU B 100 -21.99 6.82 50.48
N LYS B 101 -23.05 7.34 49.85
CA LYS B 101 -24.41 7.10 50.32
C LYS B 101 -24.77 5.62 50.17
N ASP B 102 -25.73 5.18 51.00
CA ASP B 102 -26.17 3.79 50.94
C ASP B 102 -26.69 3.41 49.56
N THR B 103 -27.47 4.29 48.93
CA THR B 103 -27.95 4.00 47.57
C THR B 103 -26.78 3.80 46.62
N GLU B 104 -25.74 4.62 46.76
CA GLU B 104 -24.58 4.53 45.87
C GLU B 104 -23.79 3.26 46.13
N LEU B 105 -23.69 2.84 47.39
CA LEU B 105 -22.98 1.61 47.71
C LEU B 105 -23.68 0.40 47.10
N ILE B 106 -25.00 0.36 47.20
CA ILE B 106 -25.75 -0.76 46.62
C ILE B 106 -25.61 -0.77 45.11
N TYR B 107 -25.82 0.38 44.49
CA TYR B 107 -25.64 0.50 43.04
C TYR B 107 -24.24 0.07 42.63
N GLY B 108 -23.23 0.52 43.36
CA GLY B 108 -21.86 0.20 42.99
C GLY B 108 -21.54 -1.28 43.14
N ALA B 109 -22.05 -1.92 44.19
CA ALA B 109 -21.77 -3.34 44.38
C ALA B 109 -22.43 -4.17 43.28
N LYS B 110 -23.70 -3.88 42.98
CA LYS B 110 -24.39 -4.56 41.89
C LYS B 110 -23.66 -4.36 40.57
N HIS B 111 -23.17 -3.15 40.32
CA HIS B 111 -22.54 -2.94 39.02
C HIS B 111 -21.14 -3.54 38.94
N ALA B 112 -20.44 -3.65 40.07
CA ALA B 112 -19.19 -4.41 40.03
C ALA B 112 -19.45 -5.85 39.61
N TRP B 113 -20.55 -6.43 40.08
CA TRP B 113 -20.90 -7.79 39.63
C TRP B 113 -21.27 -7.77 38.15
N ARG B 114 -22.15 -6.83 37.75
CA ARG B 114 -22.56 -6.71 36.37
C ARG B 114 -21.36 -6.56 35.45
N ASN B 115 -20.32 -5.88 35.93
CA ASN B 115 -19.12 -5.64 35.13
C ASN B 115 -18.08 -6.76 35.21
N ALA B 116 -18.34 -7.85 35.93
CA ALA B 116 -17.31 -8.87 36.14
C ALA B 116 -17.21 -9.76 34.91
N SER B 117 -16.24 -9.46 34.03
CA SER B 117 -16.24 -10.11 32.72
CA SER B 117 -16.17 -10.10 32.72
C SER B 117 -15.97 -11.60 32.80
N ARG B 118 -15.42 -12.10 33.90
CA ARG B 118 -15.15 -13.52 34.07
C ARG B 118 -16.30 -14.30 34.69
N CYS B 119 -17.43 -13.67 35.00
CA CYS B 119 -18.52 -14.33 35.72
C CYS B 119 -19.64 -14.72 34.76
N VAL B 120 -19.92 -16.02 34.68
CA VAL B 120 -21.02 -16.55 33.86
C VAL B 120 -22.37 -16.40 34.52
N GLY B 121 -22.43 -16.05 35.81
CA GLY B 121 -23.70 -16.03 36.51
C GLY B 121 -24.38 -14.67 36.54
N ARG B 122 -23.97 -13.74 35.69
CA ARG B 122 -24.39 -12.36 35.85
C ARG B 122 -25.85 -12.09 35.47
N ILE B 123 -26.59 -13.05 34.92
CA ILE B 123 -28.01 -12.79 34.68
C ILE B 123 -28.71 -12.40 35.99
N GLN B 124 -28.13 -12.78 37.12
CA GLN B 124 -28.64 -12.52 38.47
C GLN B 124 -28.18 -11.19 39.06
N TRP B 125 -27.43 -10.36 38.32
CA TRP B 125 -26.68 -9.27 38.94
C TRP B 125 -27.59 -8.31 39.71
N SER B 126 -28.79 -8.04 39.23
CA SER B 126 -29.58 -7.03 39.94
C SER B 126 -30.21 -7.56 41.22
N LYS B 127 -30.17 -8.88 41.45
CA LYS B 127 -30.65 -9.47 42.70
C LYS B 127 -29.42 -9.81 43.54
N LEU B 128 -28.89 -8.78 44.19
CA LEU B 128 -27.78 -8.94 45.12
C LEU B 128 -28.21 -8.29 46.43
N GLN B 129 -28.09 -9.02 47.52
CA GLN B 129 -28.41 -8.46 48.83
C GLN B 129 -27.13 -7.84 49.37
N VAL B 130 -27.16 -6.55 49.67
CA VAL B 130 -25.96 -5.80 50.07
C VAL B 130 -26.06 -5.51 51.57
N PHE B 131 -25.09 -5.99 52.34
CA PHE B 131 -25.00 -5.72 53.78
C PHE B 131 -23.92 -4.66 53.99
N ASP B 132 -24.32 -3.52 54.53
CA ASP B 132 -23.41 -2.40 54.79
C ASP B 132 -22.74 -2.63 56.14
N ALA B 133 -21.45 -2.94 56.12
CA ALA B 133 -20.69 -3.17 57.35
C ALA B 133 -19.63 -2.10 57.57
N ARG B 134 -19.86 -0.90 57.02
CA ARG B 134 -18.85 0.16 57.12
C ARG B 134 -18.74 0.74 58.53
N ASP B 135 -19.62 0.35 59.46
CA ASP B 135 -19.48 0.80 60.85
C ASP B 135 -18.61 -0.15 61.70
N CYS B 136 -18.14 -1.25 61.11
CA CYS B 136 -17.34 -2.22 61.83
C CYS B 136 -15.98 -1.66 62.25
N THR B 137 -15.51 -2.05 63.43
CA THR B 137 -14.20 -1.60 63.90
C THR B 137 -13.25 -2.69 64.37
N THR B 138 -13.72 -3.91 64.64
CA THR B 138 -12.87 -4.94 65.21
C THR B 138 -13.10 -6.26 64.49
N ALA B 139 -12.17 -7.19 64.72
CA ALA B 139 -12.32 -8.51 64.11
C ALA B 139 -13.53 -9.25 64.65
N HIS B 140 -13.86 -9.07 65.93
CA HIS B 140 -15.08 -9.66 66.47
C HIS B 140 -16.32 -9.18 65.74
N GLY B 141 -16.38 -7.88 65.42
CA GLY B 141 -17.50 -7.38 64.64
C GLY B 141 -17.55 -7.95 63.24
N MET B 142 -16.38 -8.09 62.61
CA MET B 142 -16.32 -8.74 61.31
C MET B 142 -16.88 -10.15 61.38
N PHE B 143 -16.49 -10.90 62.42
CA PHE B 143 -17.00 -12.26 62.60
C PHE B 143 -18.52 -12.28 62.64
N ASN B 144 -19.10 -11.36 63.41
CA ASN B 144 -20.56 -11.24 63.52
C ASN B 144 -21.19 -10.98 62.16
N TYR B 145 -20.67 -9.98 61.43
CA TYR B 145 -21.22 -9.65 60.12
C TYR B 145 -21.12 -10.85 59.17
N ILE B 146 -20.04 -11.61 59.27
CA ILE B 146 -19.84 -12.74 58.35
C ILE B 146 -20.75 -13.89 58.69
N CYS B 147 -20.94 -14.18 59.98
CA CYS B 147 -21.92 -15.19 60.38
C CYS B 147 -23.31 -14.84 59.86
N ASN B 148 -23.71 -13.57 60.01
CA ASN B 148 -25.04 -13.17 59.54
C ASN B 148 -25.15 -13.33 58.02
N HIS B 149 -24.08 -13.01 57.29
CA HIS B 149 -24.08 -13.18 55.83
C HIS B 149 -24.21 -14.65 55.47
N VAL B 150 -23.45 -15.53 56.12
CA VAL B 150 -23.50 -16.95 55.82
C VAL B 150 -24.91 -17.50 56.07
N LYS B 151 -25.51 -17.12 57.20
CA LYS B 151 -26.84 -17.61 57.51
C LYS B 151 -27.86 -17.08 56.51
N TYR B 152 -27.77 -15.79 56.16
CA TYR B 152 -28.71 -15.22 55.20
C TYR B 152 -28.58 -15.89 53.83
N ALA B 153 -27.34 -15.99 53.37
CA ALA B 153 -27.09 -16.51 52.02
C ALA B 153 -27.44 -17.98 51.90
N THR B 154 -27.15 -18.77 52.94
CA THR B 154 -27.39 -20.21 52.88
C THR B 154 -28.89 -20.52 52.90
N ASN B 155 -29.65 -19.88 53.80
CA ASN B 155 -31.12 -19.94 53.73
C ASN B 155 -31.63 -21.38 53.60
N LYS B 156 -31.03 -22.28 54.41
CA LYS B 156 -31.40 -23.71 54.47
C LYS B 156 -31.33 -24.41 53.12
N GLY B 157 -30.46 -23.94 52.22
CA GLY B 157 -30.26 -24.56 50.93
C GLY B 157 -30.81 -23.77 49.76
N ASN B 158 -31.73 -22.85 50.01
CA ASN B 158 -32.30 -22.02 48.94
C ASN B 158 -31.44 -20.77 48.85
N LEU B 159 -30.29 -20.90 48.16
CA LEU B 159 -29.24 -19.91 48.29
C LEU B 159 -29.64 -18.56 47.69
N ARG B 160 -29.15 -17.49 48.32
CA ARG B 160 -29.41 -16.11 47.94
C ARG B 160 -28.08 -15.38 47.84
N SER B 161 -27.86 -14.67 46.73
CA SER B 161 -26.62 -13.91 46.54
C SER B 161 -26.53 -12.75 47.52
N ALA B 162 -25.33 -12.50 48.04
CA ALA B 162 -25.16 -11.47 49.05
C ALA B 162 -23.71 -11.00 49.05
N ILE B 163 -23.50 -9.78 49.52
CA ILE B 163 -22.17 -9.23 49.73
C ILE B 163 -22.20 -8.42 51.02
N THR B 164 -21.10 -8.43 51.75
CA THR B 164 -20.96 -7.64 52.97
C THR B 164 -19.75 -6.74 52.80
N ILE B 165 -19.93 -5.44 52.99
CA ILE B 165 -18.91 -4.47 52.63
C ILE B 165 -18.37 -3.81 53.91
N PHE B 166 -17.11 -4.07 54.20
CA PHE B 166 -16.40 -3.53 55.36
C PHE B 166 -15.79 -2.18 55.02
N PRO B 167 -15.26 -1.44 56.02
CA PRO B 167 -14.80 -0.06 55.74
C PRO B 167 -13.72 0.01 54.68
N GLN B 168 -13.74 1.11 53.91
CA GLN B 168 -12.81 1.28 52.81
C GLN B 168 -11.41 1.60 53.30
N ARG B 169 -10.44 1.35 52.43
CA ARG B 169 -9.07 1.71 52.69
C ARG B 169 -8.95 3.20 52.95
N THR B 170 -8.04 3.56 53.86
CA THR B 170 -7.78 4.96 54.16
C THR B 170 -6.35 5.29 53.71
N ASP B 171 -5.36 5.00 54.56
CA ASP B 171 -3.97 5.25 54.20
C ASP B 171 -3.24 3.99 53.73
N GLY B 172 -3.93 2.85 53.64
CA GLY B 172 -3.29 1.59 53.33
C GLY B 172 -2.61 0.91 54.49
N LYS B 173 -2.53 1.57 55.65
CA LYS B 173 -1.97 0.99 56.87
C LYS B 173 -3.05 0.47 57.80
N HIS B 174 -4.33 0.66 57.47
CA HIS B 174 -5.42 0.28 58.34
C HIS B 174 -6.44 -0.59 57.62
N ASP B 175 -5.99 -1.43 56.68
CA ASP B 175 -6.92 -2.19 55.84
C ASP B 175 -7.73 -3.19 56.66
N PHE B 176 -8.99 -3.36 56.29
CA PHE B 176 -9.77 -4.53 56.67
C PHE B 176 -9.53 -5.63 55.64
N ARG B 177 -9.24 -6.85 56.11
CA ARG B 177 -9.03 -7.97 55.22
C ARG B 177 -9.62 -9.23 55.84
N VAL B 178 -10.28 -10.04 55.01
CA VAL B 178 -10.52 -11.44 55.33
C VAL B 178 -9.33 -12.20 54.77
N TRP B 179 -8.56 -12.88 55.63
CA TRP B 179 -7.38 -13.55 55.12
C TRP B 179 -7.75 -14.83 54.34
N ASN B 180 -8.86 -15.46 54.68
CA ASN B 180 -9.35 -16.59 53.89
C ASN B 180 -9.61 -16.19 52.44
N SER B 181 -9.39 -17.14 51.53
CA SER B 181 -9.72 -16.86 50.14
C SER B 181 -11.22 -17.01 49.89
N GLN B 182 -11.86 -17.97 50.55
CA GLN B 182 -13.31 -18.04 50.61
C GLN B 182 -13.74 -18.19 52.07
N LEU B 183 -15.00 -17.86 52.35
CA LEU B 183 -15.46 -17.93 53.74
C LEU B 183 -15.44 -19.38 54.24
N ILE B 184 -15.78 -20.33 53.37
CA ILE B 184 -15.83 -21.74 53.71
C ILE B 184 -14.91 -22.46 52.74
N ARG B 185 -13.89 -23.14 53.28
CA ARG B 185 -12.93 -23.94 52.52
C ARG B 185 -12.40 -25.01 53.45
N TYR B 186 -11.90 -26.08 52.85
CA TYR B 186 -11.34 -27.18 53.61
C TYR B 186 -9.84 -27.05 53.75
N ALA B 187 -9.33 -27.48 54.90
CA ALA B 187 -7.91 -27.42 55.18
C ALA B 187 -7.15 -28.42 54.32
N GLY B 188 -5.87 -28.14 54.17
CA GLY B 188 -4.95 -29.10 53.57
C GLY B 188 -3.72 -29.22 54.45
N TYR B 189 -3.22 -30.44 54.56
CA TYR B 189 -2.07 -30.73 55.40
C TYR B 189 -1.06 -31.53 54.59
N LYS B 190 0.14 -30.97 54.42
CA LYS B 190 1.23 -31.75 53.86
C LYS B 190 1.70 -32.78 54.89
N GLN B 191 1.92 -34.01 54.44
CA GLN B 191 2.41 -35.10 55.29
C GLN B 191 3.91 -35.27 55.15
N PRO B 192 4.57 -35.86 56.15
CA PRO B 192 6.02 -36.11 56.01
C PRO B 192 6.38 -36.91 54.77
N ASP B 193 5.51 -37.81 54.31
CA ASP B 193 5.87 -38.64 53.15
C ASP B 193 5.63 -37.95 51.82
N GLY B 194 5.25 -36.68 51.84
CA GLY B 194 5.01 -35.92 50.62
C GLY B 194 3.59 -35.90 50.14
N SER B 195 2.71 -36.73 50.72
CA SER B 195 1.30 -36.69 50.37
C SER B 195 0.62 -35.52 51.06
N THR B 196 -0.60 -35.21 50.61
CA THR B 196 -1.41 -34.14 51.18
C THR B 196 -2.73 -34.69 51.65
N LEU B 197 -3.14 -34.32 52.86
CA LEU B 197 -4.47 -34.64 53.37
C LEU B 197 -5.36 -33.41 53.21
N GLY B 198 -6.59 -33.63 52.75
CA GLY B 198 -7.49 -32.51 52.52
C GLY B 198 -7.23 -31.82 51.19
N ASP B 199 -7.45 -30.51 51.17
CA ASP B 199 -7.40 -29.73 49.93
C ASP B 199 -6.01 -29.16 49.71
N PRO B 200 -5.26 -29.63 48.71
CA PRO B 200 -3.90 -29.09 48.50
C PRO B 200 -3.87 -27.61 48.23
N ALA B 201 -4.94 -27.03 47.67
CA ALA B 201 -4.97 -25.61 47.36
C ALA B 201 -4.83 -24.75 48.60
N ASN B 202 -5.13 -25.30 49.78
CA ASN B 202 -5.22 -24.49 50.98
C ASN B 202 -4.13 -24.82 51.98
N VAL B 203 -3.06 -25.51 51.54
CA VAL B 203 -1.99 -25.90 52.46
C VAL B 203 -1.38 -24.67 53.11
N GLN B 204 -1.09 -23.64 52.31
CA GLN B 204 -0.38 -22.49 52.84
C GLN B 204 -1.22 -21.75 53.87
N PHE B 205 -2.49 -21.49 53.55
CA PHE B 205 -3.36 -20.83 54.50
C PHE B 205 -3.60 -21.70 55.73
N THR B 206 -3.62 -23.02 55.56
CA THR B 206 -3.76 -23.91 56.72
C THR B 206 -2.58 -23.75 57.66
N GLU B 207 -1.35 -23.65 57.14
CA GLU B 207 -0.18 -23.48 58.00
C GLU B 207 -0.25 -22.18 58.79
N ILE B 208 -0.69 -21.10 58.14
CA ILE B 208 -0.82 -19.81 58.84
C ILE B 208 -1.77 -19.94 60.00
N CYS B 209 -2.94 -20.55 59.77
CA CYS B 209 -3.91 -20.72 60.86
C CYS B 209 -3.31 -21.50 62.02
N ILE B 210 -2.66 -22.63 61.72
CA ILE B 210 -2.05 -23.46 62.76
C ILE B 210 -1.07 -22.62 63.57
N GLN B 211 -0.21 -21.86 62.89
CA GLN B 211 0.75 -21.00 63.58
C GLN B 211 0.06 -19.97 64.47
N GLN B 212 -1.13 -19.51 64.08
CA GLN B 212 -1.86 -18.54 64.90
C GLN B 212 -2.58 -19.18 66.07
N GLY B 213 -2.50 -20.49 66.24
CA GLY B 213 -3.10 -21.16 67.38
C GLY B 213 -4.22 -22.12 67.06
N TRP B 214 -4.58 -22.29 65.79
CA TRP B 214 -5.65 -23.23 65.45
C TRP B 214 -5.21 -24.66 65.73
N LYS B 215 -6.09 -25.41 66.43
CA LYS B 215 -5.85 -26.83 66.67
C LYS B 215 -6.57 -27.60 65.57
N PRO B 216 -5.87 -28.18 64.62
CA PRO B 216 -6.54 -28.79 63.47
C PRO B 216 -6.97 -30.21 63.77
N PRO B 217 -8.13 -30.63 63.28
CA PRO B 217 -8.54 -32.04 63.44
C PRO B 217 -7.70 -33.00 62.60
N ARG B 218 -7.11 -32.51 61.51
CA ARG B 218 -6.33 -33.33 60.58
C ARG B 218 -7.21 -34.41 59.93
N GLY B 219 -8.27 -33.94 59.26
CA GLY B 219 -9.12 -34.76 58.43
C GLY B 219 -9.08 -34.30 57.00
N ARG B 220 -9.91 -34.96 56.18
CA ARG B 220 -9.96 -34.67 54.76
C ARG B 220 -10.84 -33.48 54.41
N PHE B 221 -11.75 -33.11 55.31
CA PHE B 221 -12.73 -32.06 55.04
C PHE B 221 -12.92 -31.24 56.32
N ASP B 222 -11.82 -30.67 56.82
CA ASP B 222 -11.90 -29.79 57.98
C ASP B 222 -12.22 -28.37 57.52
N VAL B 223 -13.37 -27.85 57.94
CA VAL B 223 -13.70 -26.47 57.63
C VAL B 223 -12.72 -25.54 58.33
N LEU B 224 -12.07 -24.68 57.55
CA LEU B 224 -11.05 -23.80 58.10
C LEU B 224 -11.67 -22.73 58.99
N PRO B 225 -10.92 -22.21 59.95
CA PRO B 225 -11.42 -21.08 60.74
C PRO B 225 -11.29 -19.78 59.94
N LEU B 226 -12.01 -18.76 60.40
CA LEU B 226 -11.90 -17.44 59.81
C LEU B 226 -10.70 -16.71 60.42
N LEU B 227 -9.93 -16.04 59.57
CA LEU B 227 -8.77 -15.25 59.99
C LEU B 227 -9.06 -13.82 59.55
N LEU B 228 -9.46 -12.96 60.49
CA LEU B 228 -10.06 -11.67 60.17
C LEU B 228 -9.19 -10.53 60.68
N GLN B 229 -8.95 -9.54 59.82
CA GLN B 229 -8.10 -8.39 60.14
C GLN B 229 -8.94 -7.11 60.05
N ALA B 230 -8.97 -6.37 61.15
CA ALA B 230 -9.69 -5.10 61.23
C ALA B 230 -8.72 -3.96 61.45
N ASN B 231 -8.88 -2.89 60.66
CA ASN B 231 -8.19 -1.62 60.90
C ASN B 231 -6.68 -1.79 60.87
N GLY B 232 -6.18 -2.68 60.03
CA GLY B 232 -4.74 -2.92 59.95
C GLY B 232 -4.12 -3.63 61.14
N ASN B 233 -4.92 -4.08 62.11
CA ASN B 233 -4.37 -4.82 63.23
C ASN B 233 -4.02 -6.26 62.81
N ASP B 234 -3.32 -6.98 63.70
CA ASP B 234 -3.03 -8.39 63.42
C ASP B 234 -4.34 -9.17 63.28
N PRO B 235 -4.40 -10.16 62.40
CA PRO B 235 -5.64 -10.91 62.23
C PRO B 235 -5.90 -11.85 63.40
N GLU B 236 -7.17 -12.20 63.57
CA GLU B 236 -7.61 -13.00 64.71
C GLU B 236 -8.45 -14.18 64.22
N LEU B 237 -8.33 -15.31 64.91
CA LEU B 237 -9.01 -16.55 64.53
C LEU B 237 -10.40 -16.66 65.14
N PHE B 238 -11.35 -17.18 64.34
CA PHE B 238 -12.73 -17.45 64.76
C PHE B 238 -13.21 -18.73 64.10
N GLN B 239 -13.92 -19.56 64.86
CA GLN B 239 -14.53 -20.79 64.33
C GLN B 239 -15.95 -20.50 63.87
N ILE B 240 -16.24 -20.74 62.60
CA ILE B 240 -17.63 -20.57 62.15
C ILE B 240 -18.51 -21.59 62.86
N PRO B 241 -19.64 -21.17 63.45
CA PRO B 241 -20.54 -22.14 64.11
C PRO B 241 -20.93 -23.25 63.16
N PRO B 242 -20.69 -24.51 63.56
CA PRO B 242 -20.84 -25.60 62.58
C PRO B 242 -22.22 -25.71 61.99
N GLU B 243 -23.26 -25.32 62.73
CA GLU B 243 -24.61 -25.38 62.20
C GLU B 243 -24.84 -24.35 61.08
N LEU B 244 -23.94 -23.40 60.87
CA LEU B 244 -24.09 -22.47 59.76
C LEU B 244 -23.45 -22.98 58.47
N VAL B 245 -22.71 -24.08 58.52
CA VAL B 245 -21.97 -24.56 57.34
C VAL B 245 -22.77 -25.70 56.72
N LEU B 246 -23.44 -25.41 55.60
CA LEU B 246 -24.22 -26.43 54.93
C LEU B 246 -23.31 -27.26 54.03
N GLU B 247 -23.36 -28.58 54.16
CA GLU B 247 -22.52 -29.46 53.35
C GLU B 247 -23.38 -30.54 52.69
N VAL B 248 -22.87 -31.06 51.59
CA VAL B 248 -23.59 -32.04 50.76
C VAL B 248 -22.72 -33.27 50.59
N PRO B 249 -23.11 -34.42 51.13
CA PRO B 249 -22.38 -35.65 50.82
C PRO B 249 -22.64 -36.06 49.39
N ILE B 250 -21.58 -36.47 48.68
CA ILE B 250 -21.66 -36.73 47.25
C ILE B 250 -21.92 -38.22 47.04
N ARG B 251 -23.02 -38.52 46.35
CA ARG B 251 -23.35 -39.88 45.94
C ARG B 251 -23.76 -39.83 44.46
N HIS B 252 -23.88 -41.02 43.86
CA HIS B 252 -24.15 -41.13 42.44
C HIS B 252 -25.45 -41.87 42.21
N PRO B 253 -26.27 -41.42 41.25
CA PRO B 253 -27.61 -42.03 41.07
C PRO B 253 -27.58 -43.47 40.59
N LYS B 254 -26.47 -43.96 40.02
CA LYS B 254 -26.39 -45.32 39.54
C LYS B 254 -25.30 -46.16 40.20
N PHE B 255 -24.16 -45.57 40.54
CA PHE B 255 -23.05 -46.27 41.17
C PHE B 255 -23.22 -46.20 42.69
N GLU B 256 -23.65 -47.30 43.31
CA GLU B 256 -23.84 -47.31 44.74
C GLU B 256 -22.52 -47.17 45.50
N TRP B 257 -21.40 -47.52 44.87
CA TRP B 257 -20.10 -47.41 45.52
C TRP B 257 -19.58 -45.98 45.59
N PHE B 258 -20.22 -45.02 44.90
CA PHE B 258 -19.67 -43.67 44.88
C PHE B 258 -19.67 -43.06 46.27
N LYS B 259 -20.73 -43.29 47.04
CA LYS B 259 -20.75 -42.77 48.41
C LYS B 259 -19.60 -43.31 49.26
N ASP B 260 -19.06 -44.48 48.91
CA ASP B 260 -17.94 -45.03 49.69
C ASP B 260 -16.65 -44.23 49.51
N LEU B 261 -16.56 -43.39 48.47
CA LEU B 261 -15.41 -42.50 48.35
C LEU B 261 -15.31 -41.50 49.49
N GLY B 262 -16.39 -41.30 50.24
CA GLY B 262 -16.39 -40.33 51.32
C GLY B 262 -16.32 -38.88 50.91
N LEU B 263 -16.79 -38.54 49.71
CA LEU B 263 -16.68 -37.16 49.27
C LEU B 263 -17.83 -36.32 49.80
N LYS B 264 -17.53 -35.05 50.03
CA LYS B 264 -18.57 -34.07 50.31
C LYS B 264 -18.06 -32.70 49.85
N TRP B 265 -18.96 -31.74 49.76
CA TRP B 265 -18.54 -30.38 49.51
C TRP B 265 -19.48 -29.44 50.26
N TYR B 266 -19.07 -28.18 50.36
CA TYR B 266 -19.89 -27.19 51.04
C TYR B 266 -20.83 -26.51 50.02
N GLY B 267 -21.98 -26.05 50.50
CA GLY B 267 -22.96 -25.49 49.57
C GLY B 267 -22.71 -24.06 49.14
N LEU B 268 -21.96 -23.28 49.91
CA LEU B 268 -21.93 -21.83 49.72
C LEU B 268 -20.59 -21.38 49.16
N PRO B 269 -20.51 -20.97 47.89
CA PRO B 269 -19.28 -20.36 47.38
C PRO B 269 -19.24 -18.88 47.72
N ALA B 270 -18.22 -18.47 48.51
CA ALA B 270 -18.18 -17.13 49.12
C ALA B 270 -16.78 -16.54 49.01
N VAL B 271 -16.54 -15.76 47.93
CA VAL B 271 -15.22 -15.19 47.64
C VAL B 271 -14.90 -14.08 48.63
N SER B 272 -13.74 -14.15 49.27
CA SER B 272 -13.42 -13.17 50.29
C SER B 272 -12.05 -12.51 50.12
N ASN B 273 -11.35 -12.75 49.01
CA ASN B 273 -10.02 -12.18 48.85
C ASN B 273 -9.94 -11.10 47.78
N MET B 274 -11.07 -10.64 47.23
CA MET B 274 -11.03 -9.63 46.18
C MET B 274 -11.31 -8.24 46.73
N LEU B 275 -11.07 -7.24 45.90
CA LEU B 275 -11.20 -5.84 46.26
C LEU B 275 -12.30 -5.21 45.43
N LEU B 276 -13.20 -4.50 46.08
CA LEU B 276 -14.29 -3.79 45.42
C LEU B 276 -13.92 -2.32 45.24
N GLU B 277 -13.83 -1.86 43.99
CA GLU B 277 -13.52 -0.46 43.70
C GLU B 277 -14.79 0.24 43.21
N ILE B 278 -15.18 1.32 43.89
CA ILE B 278 -16.34 2.13 43.54
C ILE B 278 -15.94 3.60 43.61
N GLY B 279 -15.97 4.27 42.47
CA GLY B 279 -15.66 5.70 42.42
C GLY B 279 -14.32 6.08 42.99
N GLY B 280 -13.29 5.25 42.76
CA GLY B 280 -11.98 5.49 43.32
C GLY B 280 -11.81 5.00 44.74
N LEU B 281 -12.88 4.64 45.44
CA LEU B 281 -12.76 4.08 46.77
C LEU B 281 -12.47 2.59 46.68
N GLU B 282 -11.65 2.09 47.62
CA GLU B 282 -11.23 0.70 47.63
C GLU B 282 -11.74 -0.02 48.87
N PHE B 283 -12.60 -1.03 48.66
CA PHE B 283 -13.13 -1.87 49.75
C PHE B 283 -12.37 -3.19 49.73
N SER B 284 -11.33 -3.26 50.56
CA SER B 284 -10.42 -4.41 50.58
C SER B 284 -11.02 -5.65 51.25
N ALA B 285 -12.08 -5.51 52.03
CA ALA B 285 -12.79 -6.64 52.61
C ALA B 285 -14.25 -6.54 52.17
N CYS B 286 -14.68 -7.46 51.30
CA CYS B 286 -16.02 -7.40 50.72
C CYS B 286 -16.51 -8.80 50.32
N PRO B 287 -16.59 -9.74 51.26
CA PRO B 287 -16.92 -11.11 50.87
C PRO B 287 -18.28 -11.19 50.21
N PHE B 288 -18.36 -11.94 49.11
CA PHE B 288 -19.60 -12.09 48.36
C PHE B 288 -19.82 -13.54 47.99
N SER B 289 -21.09 -13.91 47.79
CA SER B 289 -21.43 -15.31 47.65
C SER B 289 -22.59 -15.46 46.69
N GLY B 290 -22.63 -16.62 46.04
CA GLY B 290 -23.73 -16.94 45.16
C GLY B 290 -24.12 -18.38 45.37
N TRP B 291 -24.17 -19.14 44.29
CA TRP B 291 -24.32 -20.58 44.34
C TRP B 291 -23.45 -21.18 43.25
N TYR B 292 -23.20 -22.47 43.37
CA TYR B 292 -22.23 -23.14 42.52
C TYR B 292 -22.78 -23.48 41.14
N MET B 293 -21.88 -23.44 40.16
CA MET B 293 -22.00 -24.23 38.93
C MET B 293 -21.28 -25.55 39.17
N GLY B 294 -21.92 -26.66 38.77
CA GLY B 294 -21.42 -27.97 39.18
C GLY B 294 -19.97 -28.25 38.80
N THR B 295 -19.54 -27.77 37.63
CA THR B 295 -18.19 -28.05 37.20
C THR B 295 -17.14 -27.41 38.10
N GLU B 296 -17.50 -26.33 38.79
CA GLU B 296 -16.52 -25.76 39.72
C GLU B 296 -16.07 -26.82 40.71
N ILE B 297 -17.01 -27.64 41.22
CA ILE B 297 -16.67 -28.70 42.16
C ILE B 297 -16.23 -29.94 41.41
N GLY B 298 -17.06 -30.43 40.48
CA GLY B 298 -16.85 -31.73 39.89
C GLY B 298 -15.66 -31.82 38.95
N VAL B 299 -15.33 -30.74 38.25
CA VAL B 299 -14.19 -30.74 37.33
C VAL B 299 -12.94 -30.21 38.01
N ARG B 300 -13.03 -29.01 38.60
CA ARG B 300 -11.82 -28.34 39.10
C ARG B 300 -11.46 -28.81 40.51
N ASP B 301 -12.37 -28.62 41.47
CA ASP B 301 -12.07 -28.98 42.86
C ASP B 301 -11.72 -30.46 43.01
N TYR B 302 -12.43 -31.34 42.29
CA TYR B 302 -12.19 -32.77 42.48
C TYR B 302 -11.14 -33.36 41.53
N CYS B 303 -11.01 -32.84 40.31
CA CYS B 303 -10.20 -33.51 39.29
C CYS B 303 -8.98 -32.75 38.80
N ASP B 304 -8.78 -31.49 39.22
CA ASP B 304 -7.48 -30.88 38.96
C ASP B 304 -6.40 -31.76 39.59
N ASN B 305 -5.28 -31.92 38.88
CA ASN B 305 -4.18 -32.71 39.42
C ASN B 305 -3.65 -32.12 40.73
N SER B 306 -3.77 -30.82 40.92
CA SER B 306 -3.27 -30.13 42.11
C SER B 306 -4.30 -30.01 43.22
N ARG B 307 -5.49 -30.57 43.05
CA ARG B 307 -6.59 -30.46 44.02
C ARG B 307 -6.87 -31.85 44.60
N TYR B 308 -8.11 -32.29 44.71
CA TYR B 308 -8.38 -33.58 45.35
C TYR B 308 -7.98 -34.74 44.46
N ASN B 309 -7.98 -34.53 43.15
CA ASN B 309 -7.32 -35.44 42.19
C ASN B 309 -7.87 -36.86 42.27
N ILE B 310 -9.19 -36.99 42.10
CA ILE B 310 -9.88 -38.27 42.34
C ILE B 310 -10.14 -39.05 41.07
N LEU B 311 -9.67 -38.58 39.91
CA LEU B 311 -9.94 -39.27 38.65
C LEU B 311 -9.53 -40.73 38.71
N GLU B 312 -8.31 -41.01 39.18
CA GLU B 312 -7.82 -42.39 39.18
C GLU B 312 -8.71 -43.31 40.01
N GLU B 313 -9.06 -42.89 41.23
CA GLU B 313 -9.84 -43.77 42.10
C GLU B 313 -11.20 -44.06 41.48
N VAL B 314 -11.83 -43.05 40.87
CA VAL B 314 -13.15 -43.24 40.27
C VAL B 314 -13.05 -44.14 39.05
N ALA B 315 -12.04 -43.91 38.20
CA ALA B 315 -11.89 -44.76 37.03
C ALA B 315 -11.58 -46.21 37.43
N LYS B 316 -10.84 -46.40 38.52
CA LYS B 316 -10.60 -47.75 39.04
C LYS B 316 -11.92 -48.44 39.36
N LYS B 317 -12.73 -47.82 40.23
CA LYS B 317 -14.01 -48.41 40.59
C LYS B 317 -14.94 -48.55 39.40
N MET B 318 -14.74 -47.76 38.35
CA MET B 318 -15.54 -47.94 37.13
C MET B 318 -15.00 -49.03 36.24
N ASN B 319 -13.87 -49.65 36.59
CA ASN B 319 -13.27 -50.74 35.82
C ASN B 319 -12.83 -50.27 34.43
N LEU B 320 -12.38 -49.03 34.33
CA LEU B 320 -11.95 -48.49 33.04
C LEU B 320 -10.54 -48.95 32.70
N ASP B 321 -10.26 -49.03 31.41
CA ASP B 321 -8.91 -49.31 30.93
C ASP B 321 -8.07 -48.05 31.06
N MET B 322 -7.15 -48.04 32.02
CA MET B 322 -6.34 -46.88 32.32
C MET B 322 -4.92 -46.98 31.78
N ARG B 323 -4.66 -47.96 30.92
CA ARG B 323 -3.32 -48.12 30.35
C ARG B 323 -3.01 -47.12 29.25
N LYS B 324 -4.03 -46.62 28.54
CA LYS B 324 -3.79 -45.73 27.41
C LYS B 324 -4.68 -44.51 27.52
N THR B 325 -4.16 -43.34 27.12
CA THR B 325 -4.99 -42.13 27.16
C THR B 325 -6.16 -42.21 26.19
N SER B 326 -5.97 -42.87 25.04
CA SER B 326 -6.98 -42.84 23.99
C SER B 326 -8.23 -43.65 24.35
N SER B 327 -8.21 -44.43 25.44
CA SER B 327 -9.46 -44.97 25.96
C SER B 327 -10.38 -43.89 26.53
N LEU B 328 -9.84 -42.68 26.74
CA LEU B 328 -10.58 -41.56 27.34
C LEU B 328 -11.15 -41.90 28.71
N TRP B 329 -10.41 -42.70 29.48
CA TRP B 329 -10.89 -43.06 30.81
C TRP B 329 -11.05 -41.83 31.71
N LYS B 330 -10.15 -40.85 31.60
CA LYS B 330 -10.32 -39.63 32.40
C LYS B 330 -11.60 -38.91 32.03
N ASP B 331 -11.85 -38.75 30.72
CA ASP B 331 -13.06 -38.08 30.26
C ASP B 331 -14.30 -38.79 30.79
N GLN B 332 -14.32 -40.13 30.70
CA GLN B 332 -15.46 -40.89 31.18
C GLN B 332 -15.69 -40.69 32.68
N ALA B 333 -14.62 -40.82 33.47
CA ALA B 333 -14.74 -40.62 34.91
C ALA B 333 -15.15 -39.19 35.24
N LEU B 334 -14.59 -38.21 34.52
CA LEU B 334 -14.94 -36.81 34.78
C LEU B 334 -16.44 -36.58 34.64
N VAL B 335 -17.07 -37.18 33.64
CA VAL B 335 -18.51 -36.97 33.46
C VAL B 335 -19.28 -37.56 34.66
N GLU B 336 -18.93 -38.78 35.08
CA GLU B 336 -19.70 -39.40 36.14
C GLU B 336 -19.57 -38.63 37.45
N ILE B 337 -18.38 -38.10 37.73
CA ILE B 337 -18.18 -37.31 38.94
C ILE B 337 -19.09 -36.08 38.92
N ASN B 338 -19.22 -35.46 37.75
CA ASN B 338 -20.04 -34.26 37.65
C ASN B 338 -21.53 -34.59 37.71
N ILE B 339 -21.93 -35.78 37.22
CA ILE B 339 -23.29 -36.25 37.43
C ILE B 339 -23.56 -36.39 38.93
N ALA B 340 -22.60 -36.95 39.67
CA ALA B 340 -22.78 -37.16 41.11
C ALA B 340 -22.95 -35.85 41.85
N VAL B 341 -22.12 -34.85 41.51
CA VAL B 341 -22.20 -33.55 42.19
C VAL B 341 -23.59 -32.94 42.00
N LEU B 342 -24.08 -32.89 40.76
CA LEU B 342 -25.39 -32.28 40.52
C LEU B 342 -26.52 -33.07 41.19
N TYR B 343 -26.49 -34.39 41.04
CA TYR B 343 -27.49 -35.23 41.67
C TYR B 343 -27.52 -35.04 43.17
N SER B 344 -26.34 -34.96 43.80
CA SER B 344 -26.27 -34.86 45.24
C SER B 344 -26.86 -33.54 45.72
N PHE B 345 -26.47 -32.42 45.08
CA PHE B 345 -27.00 -31.12 45.50
C PHE B 345 -28.51 -31.04 45.27
N GLN B 346 -28.98 -31.54 44.12
CA GLN B 346 -30.41 -31.48 43.82
C GLN B 346 -31.21 -32.33 44.80
N SER B 347 -30.71 -33.53 45.12
CA SER B 347 -31.38 -34.39 46.09
C SER B 347 -31.47 -33.73 47.46
N ASP B 348 -30.46 -32.95 47.84
CA ASP B 348 -30.50 -32.29 49.13
C ASP B 348 -31.16 -30.92 49.08
N LYS B 349 -31.69 -30.55 47.90
CA LYS B 349 -32.35 -29.26 47.69
C LYS B 349 -31.44 -28.11 48.08
N VAL B 350 -30.20 -28.18 47.60
CA VAL B 350 -29.22 -27.10 47.73
C VAL B 350 -29.05 -26.53 46.34
N THR B 351 -29.28 -25.22 46.19
CA THR B 351 -29.17 -24.57 44.88
C THR B 351 -27.85 -24.89 44.19
N ILE B 352 -27.95 -25.27 42.92
CA ILE B 352 -26.79 -25.49 42.07
C ILE B 352 -27.29 -25.35 40.63
N VAL B 353 -26.36 -25.06 39.71
CA VAL B 353 -26.72 -24.96 38.30
C VAL B 353 -25.69 -25.77 37.49
N ASP B 354 -26.18 -26.52 36.49
CA ASP B 354 -25.27 -27.23 35.61
C ASP B 354 -24.75 -26.28 34.52
N HIS B 355 -23.63 -26.67 33.92
CA HIS B 355 -22.98 -25.78 32.95
C HIS B 355 -23.82 -25.55 31.70
N HIS B 356 -24.68 -26.49 31.32
CA HIS B 356 -25.53 -26.25 30.16
C HIS B 356 -26.55 -25.16 30.45
N SER B 357 -27.28 -25.30 31.56
CA SER B 357 -28.24 -24.26 31.95
C SER B 357 -27.55 -22.91 32.18
N ALA B 358 -26.37 -22.92 32.81
CA ALA B 358 -25.72 -21.67 33.17
C ALA B 358 -25.26 -20.91 31.93
N THR B 359 -24.71 -21.62 30.94
CA THR B 359 -24.23 -20.93 29.76
C THR B 359 -25.39 -20.48 28.89
N GLU B 360 -26.47 -21.25 28.82
CA GLU B 360 -27.66 -20.79 28.08
C GLU B 360 -28.18 -19.48 28.68
N SER B 361 -28.30 -19.42 30.01
CA SER B 361 -28.75 -18.18 30.63
CA SER B 361 -28.75 -18.18 30.63
C SER B 361 -27.78 -17.04 30.37
N PHE B 362 -26.47 -17.34 30.34
CA PHE B 362 -25.52 -16.25 30.11
C PHE B 362 -25.67 -15.65 28.71
N ILE B 363 -25.91 -16.48 27.70
CA ILE B 363 -26.16 -15.98 26.34
C ILE B 363 -27.39 -15.07 26.34
N LYS B 364 -28.47 -15.50 27.01
CA LYS B 364 -29.65 -14.64 27.09
C LYS B 364 -29.32 -13.32 27.78
N HIS B 365 -28.58 -13.40 28.89
CA HIS B 365 -28.13 -12.19 29.59
C HIS B 365 -27.32 -11.30 28.67
N MET B 366 -26.34 -11.89 27.99
CA MET B 366 -25.47 -11.12 27.11
C MET B 366 -26.28 -10.38 26.05
N GLU B 367 -27.24 -11.06 25.41
CA GLU B 367 -28.01 -10.39 24.37
C GLU B 367 -28.85 -9.26 24.95
N ASN B 368 -29.46 -9.48 26.11
CA ASN B 368 -30.22 -8.42 26.76
C ASN B 368 -29.35 -7.22 27.08
N GLU B 369 -28.16 -7.47 27.64
CA GLU B 369 -27.22 -6.38 27.94
C GLU B 369 -26.83 -5.60 26.69
N TYR B 370 -26.57 -6.30 25.59
CA TYR B 370 -26.25 -5.59 24.35
C TYR B 370 -27.42 -4.71 23.93
N ARG B 371 -28.65 -5.22 24.08
CA ARG B 371 -29.84 -4.48 23.65
C ARG B 371 -30.07 -3.26 24.52
N CYS B 372 -29.97 -3.40 25.84
CA CYS B 372 -30.35 -2.30 26.75
C CYS B 372 -29.17 -1.46 27.20
N ARG B 373 -27.96 -2.02 27.26
CA ARG B 373 -26.77 -1.32 27.75
C ARG B 373 -25.75 -1.01 26.66
N GLY B 374 -25.83 -1.67 25.52
CA GLY B 374 -24.85 -1.46 24.47
C GLY B 374 -23.67 -2.39 24.50
N GLY B 375 -23.69 -3.39 25.37
CA GLY B 375 -22.60 -4.34 25.40
C GLY B 375 -22.55 -5.10 26.72
N CYS B 376 -21.62 -6.04 26.77
CA CYS B 376 -21.43 -6.91 27.92
C CYS B 376 -20.00 -7.41 27.88
N PRO B 377 -19.11 -6.85 28.69
CA PRO B 377 -17.73 -7.34 28.69
C PRO B 377 -17.69 -8.78 29.18
N ALA B 378 -16.98 -9.63 28.44
CA ALA B 378 -17.00 -11.06 28.74
C ALA B 378 -15.67 -11.69 28.38
N ASP B 379 -15.15 -12.50 29.30
CA ASP B 379 -13.84 -13.13 29.13
C ASP B 379 -14.07 -14.58 28.71
N TRP B 380 -13.94 -14.85 27.39
CA TRP B 380 -14.26 -16.17 26.88
C TRP B 380 -13.49 -17.26 27.61
N VAL B 381 -12.21 -17.01 27.87
CA VAL B 381 -11.33 -17.99 28.50
C VAL B 381 -11.88 -18.47 29.84
N TRP B 382 -12.57 -17.60 30.57
CA TRP B 382 -13.18 -17.98 31.84
C TRP B 382 -14.65 -18.37 31.71
N ILE B 383 -15.38 -17.81 30.74
CA ILE B 383 -16.82 -18.07 30.62
C ILE B 383 -17.06 -19.50 30.14
N VAL B 384 -16.22 -20.00 29.23
CA VAL B 384 -16.46 -21.35 28.70
C VAL B 384 -16.15 -22.38 29.78
N PRO B 385 -17.07 -23.31 30.05
CA PRO B 385 -16.86 -24.24 31.15
C PRO B 385 -15.66 -25.13 30.93
N PRO B 386 -15.07 -25.67 32.00
CA PRO B 386 -13.87 -26.50 31.87
C PRO B 386 -14.12 -27.91 31.37
N MET B 387 -15.34 -28.30 31.01
CA MET B 387 -15.55 -29.56 30.32
C MET B 387 -16.60 -29.33 29.25
N SER B 388 -16.59 -30.16 28.21
CA SER B 388 -17.66 -30.16 27.20
C SER B 388 -17.83 -28.78 26.55
N GLY B 389 -16.71 -28.06 26.36
CA GLY B 389 -16.80 -26.66 25.97
C GLY B 389 -17.69 -26.40 24.78
N SER B 390 -17.49 -27.13 23.67
CA SER B 390 -18.20 -26.76 22.47
C SER B 390 -19.64 -27.24 22.43
N ILE B 391 -20.10 -28.07 23.38
CA ILE B 391 -21.52 -28.37 23.37
C ILE B 391 -22.30 -27.36 24.21
N THR B 392 -21.58 -26.32 24.79
CA THR B 392 -22.28 -25.20 25.42
C THR B 392 -22.33 -24.03 24.44
N PRO B 393 -23.39 -23.21 24.49
CA PRO B 393 -23.51 -22.14 23.48
C PRO B 393 -22.45 -21.05 23.59
N VAL B 394 -21.86 -20.83 24.77
CA VAL B 394 -20.88 -19.75 24.89
C VAL B 394 -19.64 -20.02 24.07
N PHE B 395 -19.32 -21.30 23.80
CA PHE B 395 -18.13 -21.63 23.01
C PHE B 395 -18.18 -20.97 21.64
N HIS B 396 -19.37 -20.89 21.06
CA HIS B 396 -19.57 -20.39 19.70
C HIS B 396 -19.84 -18.90 19.66
N GLN B 397 -19.84 -18.25 20.83
CA GLN B 397 -20.17 -16.83 20.95
C GLN B 397 -18.89 -16.00 21.00
N GLU B 398 -18.70 -15.14 20.01
CA GLU B 398 -17.63 -14.15 20.11
C GLU B 398 -17.94 -13.17 21.26
N MET B 399 -16.91 -12.74 21.96
CA MET B 399 -17.07 -11.84 23.11
C MET B 399 -16.00 -10.75 23.03
N LEU B 400 -16.29 -9.61 23.65
CA LEU B 400 -15.33 -8.52 23.79
C LEU B 400 -15.05 -8.33 25.26
N ASN B 401 -13.77 -8.25 25.62
CA ASN B 401 -13.37 -8.09 27.02
C ASN B 401 -12.82 -6.68 27.22
N TYR B 402 -13.37 -5.97 28.21
CA TYR B 402 -12.86 -4.66 28.56
C TYR B 402 -13.27 -4.41 30.01
N ARG B 403 -12.63 -3.41 30.62
CA ARG B 403 -12.77 -3.17 32.06
C ARG B 403 -13.66 -1.96 32.31
N LEU B 404 -14.82 -2.19 32.93
CA LEU B 404 -15.68 -1.13 33.40
C LEU B 404 -15.60 -1.05 34.92
N THR B 405 -15.80 0.14 35.43
CA THR B 405 -15.87 0.34 36.87
C THR B 405 -17.26 0.85 37.23
N PRO B 406 -17.77 0.54 38.44
CA PRO B 406 -17.18 -0.21 39.57
C PRO B 406 -16.78 -1.62 39.20
N SER B 407 -15.78 -2.15 39.90
CA SER B 407 -15.23 -3.45 39.53
C SER B 407 -14.74 -4.20 40.75
N PHE B 408 -14.68 -5.52 40.60
CA PHE B 408 -13.94 -6.37 41.51
C PHE B 408 -12.53 -6.59 40.97
N GLU B 409 -11.53 -6.38 41.83
CA GLU B 409 -10.13 -6.51 41.46
C GLU B 409 -9.47 -7.54 42.35
N TYR B 410 -8.40 -8.13 41.83
CA TYR B 410 -7.50 -8.94 42.64
C TYR B 410 -6.61 -8.04 43.47
N GLN B 411 -6.10 -8.60 44.57
CA GLN B 411 -5.20 -7.86 45.44
C GLN B 411 -4.21 -8.85 46.03
N PRO B 412 -3.07 -8.38 46.54
CA PRO B 412 -2.09 -9.29 47.11
C PRO B 412 -2.66 -10.05 48.31
N ASP B 413 -2.16 -11.25 48.52
CA ASP B 413 -2.50 -11.99 49.72
C ASP B 413 -1.98 -11.22 50.93
N PRO B 414 -2.76 -11.14 52.02
CA PRO B 414 -2.39 -10.25 53.12
C PRO B 414 -1.10 -10.65 53.80
N TRP B 415 -0.81 -11.95 53.91
CA TRP B 415 0.41 -12.36 54.59
C TRP B 415 1.66 -11.98 53.82
N ASN B 416 1.54 -11.53 52.57
CA ASN B 416 2.69 -11.03 51.82
C ASN B 416 2.96 -9.55 52.06
N THR B 417 2.01 -8.80 52.60
CA THR B 417 2.21 -7.39 52.84
C THR B 417 2.06 -6.97 54.30
N HIS B 418 1.42 -7.79 55.14
CA HIS B 418 1.13 -7.37 56.52
C HIS B 418 2.41 -7.30 57.35
N VAL B 419 2.57 -6.22 58.09
CA VAL B 419 3.67 -6.09 59.03
C VAL B 419 3.12 -6.29 60.43
N TRP B 420 3.62 -7.33 61.10
CA TRP B 420 3.06 -7.80 62.37
C TRP B 420 3.43 -6.87 63.52
N LYS B 421 2.62 -6.95 64.58
CA LYS B 421 2.71 -6.03 65.71
C LYS B 421 3.01 -6.68 67.06
N LEU B 422 2.57 -7.92 67.31
CA LEU B 422 2.68 -8.51 68.63
C LEU B 422 4.14 -8.85 68.98
N VAL B 423 4.42 -8.87 70.28
CA VAL B 423 5.77 -9.00 70.88
C VAL B 423 6.86 -8.31 70.06
N ARG C 3 -13.50 16.07 -34.17
CA ARG C 3 -13.41 16.49 -35.57
C ARG C 3 -12.47 17.70 -35.73
N PHE C 4 -12.18 18.39 -34.62
CA PHE C 4 -11.29 19.54 -34.63
C PHE C 4 -10.45 19.53 -33.36
N LEU C 5 -9.15 19.84 -33.50
CA LEU C 5 -8.28 20.09 -32.37
C LEU C 5 -7.60 21.45 -32.54
N LYS C 6 -7.51 22.23 -31.47
CA LYS C 6 -6.93 23.56 -31.55
C LYS C 6 -5.54 23.60 -30.91
N VAL C 7 -4.63 24.33 -31.56
CA VAL C 7 -3.31 24.63 -31.01
C VAL C 7 -3.19 26.15 -30.91
N LYS C 8 -2.61 26.61 -29.80
CA LYS C 8 -2.46 28.02 -29.51
C LYS C 8 -0.99 28.40 -29.48
N ASN C 9 -0.68 29.61 -29.97
CA ASN C 9 0.64 30.20 -29.76
C ASN C 9 0.52 31.15 -28.58
N TRP C 10 1.33 30.94 -27.55
CA TRP C 10 1.19 31.69 -26.30
C TRP C 10 1.91 33.04 -26.34
N GLU C 11 2.76 33.27 -27.34
CA GLU C 11 3.35 34.59 -27.55
C GLU C 11 2.42 35.51 -28.33
N THR C 12 1.76 34.99 -29.38
CA THR C 12 0.97 35.79 -30.30
C THR C 12 -0.53 35.65 -30.12
N GLU C 13 -1.01 34.64 -29.41
CA GLU C 13 -2.42 34.31 -29.18
C GLU C 13 -3.10 33.71 -30.40
N VAL C 14 -2.39 33.54 -31.52
CA VAL C 14 -2.95 32.88 -32.69
C VAL C 14 -3.38 31.47 -32.35
N VAL C 15 -4.57 31.08 -32.80
CA VAL C 15 -5.10 29.74 -32.60
C VAL C 15 -5.36 29.12 -33.96
N LEU C 16 -4.83 27.92 -34.18
CA LEU C 16 -5.00 27.16 -35.41
C LEU C 16 -5.82 25.91 -35.14
N THR C 17 -6.53 25.43 -36.16
CA THR C 17 -7.47 24.33 -36.02
C THR C 17 -7.01 23.17 -36.88
N ASP C 18 -6.81 22.02 -36.25
CA ASP C 18 -6.24 20.86 -36.93
C ASP C 18 -7.33 19.84 -37.25
N THR C 19 -7.52 19.55 -38.53
CA THR C 19 -8.36 18.44 -38.95
C THR C 19 -7.57 17.33 -39.62
N LEU C 20 -6.33 17.61 -40.03
CA LEU C 20 -5.51 16.63 -40.73
C LEU C 20 -5.23 15.41 -39.86
N HIS C 21 -5.20 15.59 -38.53
CA HIS C 21 -4.87 14.49 -37.62
C HIS C 21 -5.82 13.31 -37.77
N LEU C 22 -7.03 13.53 -38.30
CA LEU C 22 -7.97 12.44 -38.49
C LEU C 22 -7.48 11.43 -39.52
N LYS C 23 -6.48 11.78 -40.34
CA LYS C 23 -5.99 10.86 -41.35
C LYS C 23 -4.71 10.14 -40.93
N SER C 24 -4.37 10.13 -39.64
CA SER C 24 -3.18 9.41 -39.21
C SER C 24 -3.50 7.93 -38.98
N THR C 25 -2.45 7.09 -38.92
CA THR C 25 -2.73 5.67 -38.68
C THR C 25 -1.68 4.90 -37.88
N LEU C 26 -0.38 5.01 -38.16
CA LEU C 26 0.52 4.33 -37.23
C LEU C 26 0.50 5.08 -35.90
N GLU C 27 1.17 4.49 -34.92
CA GLU C 27 1.11 4.94 -33.55
C GLU C 27 2.17 6.00 -33.24
N THR C 28 1.87 6.81 -32.23
CA THR C 28 2.80 7.80 -31.69
C THR C 28 3.71 7.20 -30.64
N GLY C 29 3.31 6.09 -30.03
CA GLY C 29 3.94 5.58 -28.85
C GLY C 29 3.20 5.93 -27.56
N CYS C 30 2.38 6.98 -27.56
CA CYS C 30 1.64 7.34 -26.36
C CYS C 30 0.40 6.46 -26.21
N THR C 31 -0.14 6.46 -25.00
CA THR C 31 -1.45 5.90 -24.70
C THR C 31 -2.33 7.00 -24.12
N GLU C 32 -3.57 6.65 -23.81
CA GLU C 32 -4.46 7.61 -23.17
C GLU C 32 -3.94 8.07 -21.81
N TYR C 33 -3.12 7.25 -21.14
CA TYR C 33 -2.68 7.58 -19.78
C TYR C 33 -1.19 7.84 -19.64
N ILE C 34 -0.40 7.65 -20.70
CA ILE C 34 1.04 7.91 -20.61
C ILE C 34 1.48 8.65 -21.88
N CYS C 35 2.23 9.73 -21.71
CA CYS C 35 2.83 10.43 -22.85
C CYS C 35 4.29 10.03 -22.97
N MET C 36 4.68 9.59 -24.18
CA MET C 36 6.05 9.17 -24.47
C MET C 36 6.71 10.10 -25.49
N GLY C 37 6.31 11.37 -25.50
CA GLY C 37 6.79 12.30 -26.51
C GLY C 37 8.27 12.60 -26.46
N SER C 38 8.96 12.29 -25.36
CA SER C 38 10.42 12.48 -25.32
C SER C 38 11.20 11.18 -25.52
N ILE C 39 10.53 10.08 -25.80
CA ILE C 39 11.22 8.83 -26.15
C ILE C 39 11.69 8.93 -27.60
N MET C 40 12.97 8.67 -27.83
CA MET C 40 13.51 8.83 -29.19
C MET C 40 12.94 7.79 -30.16
N HIS C 41 12.93 6.51 -29.75
CA HIS C 41 12.38 5.42 -30.54
C HIS C 41 11.36 4.66 -29.72
N PRO C 42 10.09 5.10 -29.73
CA PRO C 42 9.08 4.39 -28.92
C PRO C 42 8.91 2.93 -29.36
N ASP C 51 10.99 -10.27 -43.06
CA ASP C 51 9.76 -9.75 -42.48
C ASP C 51 9.17 -8.64 -43.37
N VAL C 52 8.24 -9.01 -44.24
CA VAL C 52 7.71 -8.10 -45.25
C VAL C 52 6.19 -8.19 -45.28
N ALA C 53 5.59 -7.19 -45.93
CA ALA C 53 4.13 -7.09 -45.99
C ALA C 53 3.55 -8.22 -46.83
N THR C 54 2.44 -8.78 -46.36
CA THR C 54 1.76 -9.82 -47.11
C THR C 54 0.89 -9.19 -48.21
N LYS C 55 0.38 -10.04 -49.11
CA LYS C 55 -0.48 -9.55 -50.17
C LYS C 55 -1.65 -8.76 -49.61
N ASP C 56 -2.27 -9.27 -48.56
CA ASP C 56 -3.49 -8.66 -48.01
C ASP C 56 -3.19 -7.44 -47.16
N GLN C 57 -1.99 -7.37 -46.58
CA GLN C 57 -1.57 -6.13 -45.94
C GLN C 57 -1.30 -5.05 -46.96
N LEU C 58 -0.76 -5.42 -48.12
CA LEU C 58 -0.29 -4.43 -49.08
C LEU C 58 -1.46 -3.73 -49.78
N PHE C 59 -2.53 -4.49 -50.10
CA PHE C 59 -3.67 -3.97 -50.85
C PHE C 59 -4.17 -2.65 -50.28
N PRO C 60 -4.63 -2.58 -49.00
CA PRO C 60 -5.19 -1.33 -48.52
C PRO C 60 -4.17 -0.22 -48.39
N LEU C 61 -2.92 -0.54 -48.08
CA LEU C 61 -1.90 0.51 -48.02
C LEU C 61 -1.68 1.15 -49.39
N ALA C 62 -1.64 0.32 -50.44
CA ALA C 62 -1.45 0.85 -51.78
C ALA C 62 -2.65 1.68 -52.20
N LYS C 63 -3.86 1.20 -51.92
CA LYS C 63 -5.04 1.94 -52.29
C LYS C 63 -5.06 3.32 -51.65
N GLU C 64 -4.74 3.39 -50.35
CA GLU C 64 -4.75 4.68 -49.68
C GLU C 64 -3.75 5.64 -50.31
N PHE C 65 -2.56 5.15 -50.66
CA PHE C 65 -1.59 6.02 -51.31
C PHE C 65 -2.08 6.48 -52.69
N ILE C 66 -2.58 5.55 -53.50
CA ILE C 66 -3.03 5.93 -54.85
C ILE C 66 -4.21 6.87 -54.76
N ASP C 67 -5.13 6.63 -53.84
CA ASP C 67 -6.24 7.55 -53.63
C ASP C 67 -5.73 8.94 -53.28
N GLN C 68 -4.76 9.00 -52.37
CA GLN C 68 -4.21 10.29 -51.95
C GLN C 68 -3.51 10.96 -53.11
N TYR C 69 -2.80 10.18 -53.93
CA TYR C 69 -2.13 10.78 -55.08
C TYR C 69 -3.14 11.36 -56.07
N TYR C 70 -4.18 10.60 -56.42
CA TYR C 70 -5.12 11.10 -57.41
C TYR C 70 -5.94 12.26 -56.86
N SER C 71 -6.12 12.33 -55.55
CA SER C 71 -6.79 13.48 -54.97
C SER C 71 -5.91 14.74 -55.09
N SER C 72 -4.59 14.58 -54.91
CA SER C 72 -3.69 15.74 -54.95
C SER C 72 -3.64 16.37 -56.34
N ILE C 73 -3.75 15.57 -57.39
CA ILE C 73 -3.77 16.07 -58.76
C ILE C 73 -5.20 16.30 -59.26
N LYS C 74 -6.19 16.31 -58.36
CA LYS C 74 -7.58 16.60 -58.70
C LYS C 74 -8.12 15.67 -59.78
N ARG C 75 -7.77 14.40 -59.69
CA ARG C 75 -8.28 13.37 -60.59
C ARG C 75 -8.89 12.20 -59.80
N PHE C 76 -9.43 12.48 -58.61
CA PHE C 76 -10.02 11.42 -57.80
C PHE C 76 -11.30 10.92 -58.45
N GLY C 77 -11.44 9.59 -58.55
CA GLY C 77 -12.58 9.01 -59.23
C GLY C 77 -12.45 8.89 -60.73
N SER C 78 -11.41 9.49 -61.33
CA SER C 78 -11.28 9.50 -62.78
C SER C 78 -11.00 8.10 -63.34
N LYS C 79 -11.18 7.97 -64.64
CA LYS C 79 -10.84 6.72 -65.33
C LYS C 79 -9.39 6.35 -65.10
N ALA C 80 -8.47 7.31 -65.17
CA ALA C 80 -7.06 7.06 -64.90
C ALA C 80 -6.84 6.57 -63.48
N HIS C 81 -7.57 7.15 -62.52
CA HIS C 81 -7.46 6.71 -61.13
C HIS C 81 -7.91 5.26 -60.98
N MET C 82 -9.07 4.92 -61.54
CA MET C 82 -9.60 3.57 -61.44
C MET C 82 -8.70 2.56 -62.15
N GLU C 83 -8.19 2.91 -63.33
CA GLU C 83 -7.30 1.98 -64.02
C GLU C 83 -5.98 1.79 -63.27
N ARG C 84 -5.46 2.85 -62.64
CA ARG C 84 -4.25 2.67 -61.84
C ARG C 84 -4.49 1.72 -60.67
N LEU C 85 -5.63 1.86 -59.99
CA LEU C 85 -5.99 0.96 -58.90
C LEU C 85 -6.05 -0.48 -59.36
N GLU C 86 -6.71 -0.73 -60.50
CA GLU C 86 -6.80 -2.08 -61.02
C GLU C 86 -5.42 -2.62 -61.39
N GLU C 87 -4.60 -1.79 -62.03
CA GLU C 87 -3.25 -2.22 -62.40
C GLU C 87 -2.41 -2.54 -61.17
N VAL C 88 -2.49 -1.69 -60.13
CA VAL C 88 -1.72 -1.93 -58.92
C VAL C 88 -2.15 -3.23 -58.25
N ASN C 89 -3.47 -3.45 -58.16
CA ASN C 89 -3.98 -4.68 -57.56
C ASN C 89 -3.55 -5.91 -58.35
N LYS C 90 -3.58 -5.83 -59.68
CA LYS C 90 -3.09 -6.92 -60.52
C LYS C 90 -1.65 -7.27 -60.17
N GLU C 91 -0.79 -6.26 -60.08
CA GLU C 91 0.62 -6.48 -59.76
C GLU C 91 0.77 -7.15 -58.39
N ILE C 92 0.05 -6.66 -57.38
CA ILE C 92 0.12 -7.27 -56.06
C ILE C 92 -0.38 -8.71 -56.10
N ASP C 93 -1.50 -8.94 -56.78
CA ASP C 93 -2.05 -10.29 -56.89
C ASP C 93 -1.04 -11.26 -57.50
N THR C 94 -0.29 -10.83 -58.51
CA THR C 94 0.57 -11.76 -59.24
C THR C 94 2.01 -11.78 -58.74
N THR C 95 2.51 -10.71 -58.12
CA THR C 95 3.92 -10.61 -57.76
C THR C 95 4.15 -10.33 -56.27
N SER C 96 3.10 -10.16 -55.48
CA SER C 96 3.15 -9.81 -54.07
C SER C 96 3.75 -8.44 -53.81
N THR C 97 3.93 -7.62 -54.85
CA THR C 97 4.42 -6.26 -54.70
C THR C 97 3.93 -5.47 -55.90
N TYR C 98 4.32 -4.20 -55.99
CA TYR C 98 4.00 -3.41 -57.17
C TYR C 98 5.07 -2.35 -57.35
N GLN C 99 5.02 -1.67 -58.49
CA GLN C 99 6.02 -0.66 -58.83
C GLN C 99 5.35 0.69 -58.97
N LEU C 100 5.95 1.71 -58.34
CA LEU C 100 5.46 3.09 -58.47
C LEU C 100 5.79 3.67 -59.84
N LYS C 101 4.85 4.45 -60.39
CA LYS C 101 5.19 5.34 -61.49
C LYS C 101 6.15 6.43 -61.01
N ASP C 102 6.86 7.03 -61.96
CA ASP C 102 7.84 8.05 -61.60
C ASP C 102 7.16 9.24 -60.91
N THR C 103 6.00 9.65 -61.44
CA THR C 103 5.26 10.75 -60.81
C THR C 103 4.87 10.40 -59.38
N GLU C 104 4.51 9.15 -59.12
CA GLU C 104 4.13 8.74 -57.76
C GLU C 104 5.34 8.71 -56.85
N LEU C 105 6.49 8.26 -57.37
CA LEU C 105 7.71 8.27 -56.58
C LEU C 105 8.08 9.69 -56.14
N ILE C 106 7.99 10.65 -57.06
CA ILE C 106 8.34 12.03 -56.73
C ILE C 106 7.36 12.58 -55.70
N TYR C 107 6.07 12.40 -55.94
CA TYR C 107 5.06 12.81 -54.98
C TYR C 107 5.30 12.17 -53.62
N GLY C 108 5.63 10.87 -53.61
CA GLY C 108 5.79 10.17 -52.35
C GLY C 108 6.98 10.66 -51.55
N ALA C 109 8.11 10.89 -52.21
CA ALA C 109 9.31 11.35 -51.52
C ALA C 109 9.09 12.75 -50.94
N LYS C 110 8.48 13.64 -51.73
CA LYS C 110 8.21 15.00 -51.25
C LYS C 110 7.26 14.96 -50.05
N HIS C 111 6.26 14.09 -50.09
CA HIS C 111 5.32 14.07 -48.98
C HIS C 111 5.91 13.39 -47.75
N ALA C 112 6.84 12.46 -47.93
CA ALA C 112 7.51 11.94 -46.74
C ALA C 112 8.29 13.04 -46.03
N TRP C 113 8.91 13.95 -46.79
CA TRP C 113 9.53 15.12 -46.16
C TRP C 113 8.48 16.01 -45.53
N ARG C 114 7.41 16.33 -46.27
CA ARG C 114 6.34 17.17 -45.74
C ARG C 114 5.78 16.60 -44.45
N ASN C 115 5.78 15.28 -44.30
CA ASN C 115 5.20 14.63 -43.14
C ASN C 115 6.19 14.43 -42.00
N ALA C 116 7.45 14.84 -42.14
CA ALA C 116 8.47 14.52 -41.13
C ALA C 116 8.31 15.45 -39.93
N SER C 117 7.66 14.94 -38.88
CA SER C 117 7.28 15.83 -37.77
CA SER C 117 7.28 15.77 -37.72
C SER C 117 8.48 16.40 -37.03
N ARG C 118 9.65 15.77 -37.11
CA ARG C 118 10.85 16.24 -36.41
C ARG C 118 11.70 17.22 -37.22
N CYS C 119 11.28 17.58 -38.43
CA CYS C 119 12.09 18.42 -39.32
C CYS C 119 11.59 19.87 -39.31
N VAL C 120 12.46 20.79 -38.88
CA VAL C 120 12.15 22.22 -38.91
C VAL C 120 12.34 22.86 -40.28
N GLY C 121 12.89 22.14 -41.25
CA GLY C 121 13.19 22.78 -42.51
C GLY C 121 12.15 22.55 -43.59
N ARG C 122 10.93 22.20 -43.20
CA ARG C 122 9.96 21.70 -44.16
C ARG C 122 9.31 22.76 -45.04
N ILE C 123 9.53 24.06 -44.79
CA ILE C 123 8.99 25.07 -45.70
C ILE C 123 9.47 24.82 -47.12
N GLN C 124 10.59 24.13 -47.27
CA GLN C 124 11.21 23.82 -48.55
C GLN C 124 10.71 22.52 -49.19
N TRP C 125 9.71 21.85 -48.58
CA TRP C 125 9.43 20.46 -48.93
C TRP C 125 9.10 20.27 -50.41
N SER C 126 8.45 21.23 -51.07
CA SER C 126 8.05 20.96 -52.45
C SER C 126 9.19 21.17 -53.44
N LYS C 127 10.32 21.70 -52.98
CA LYS C 127 11.51 21.89 -53.80
C LYS C 127 12.54 20.81 -53.44
N LEU C 128 12.22 19.58 -53.81
CA LEU C 128 13.10 18.44 -53.60
C LEU C 128 13.41 17.85 -54.96
N GLN C 129 14.70 17.67 -55.25
CA GLN C 129 15.11 17.03 -56.50
C GLN C 129 15.16 15.53 -56.24
N VAL C 130 14.38 14.75 -56.98
CA VAL C 130 14.24 13.32 -56.75
C VAL C 130 15.01 12.58 -57.85
N PHE C 131 16.00 11.77 -57.45
CA PHE C 131 16.79 10.95 -58.36
C PHE C 131 16.35 9.50 -58.25
N ASP C 132 15.82 8.97 -59.36
CA ASP C 132 15.27 7.62 -59.40
C ASP C 132 16.42 6.65 -59.67
N ALA C 133 16.83 5.89 -58.66
CA ALA C 133 17.88 4.90 -58.82
C ALA C 133 17.34 3.48 -58.73
N ARG C 134 16.07 3.28 -59.11
CA ARG C 134 15.49 1.96 -58.92
C ARG C 134 15.99 0.94 -59.93
N ASP C 135 16.79 1.33 -60.91
CA ASP C 135 17.41 0.39 -61.84
C ASP C 135 18.78 -0.10 -61.38
N CYS C 136 19.26 0.38 -60.22
CA CYS C 136 20.58 0.01 -59.72
C CYS C 136 20.62 -1.46 -59.30
N THR C 137 21.76 -2.12 -59.53
CA THR C 137 21.90 -3.53 -59.17
C THR C 137 23.14 -3.86 -58.36
N THR C 138 24.15 -3.00 -58.33
CA THR C 138 25.42 -3.31 -57.67
C THR C 138 25.86 -2.15 -56.80
N ALA C 139 26.78 -2.45 -55.89
CA ALA C 139 27.35 -1.41 -55.02
C ALA C 139 28.10 -0.36 -55.83
N HIS C 140 28.78 -0.78 -56.92
CA HIS C 140 29.45 0.19 -57.77
C HIS C 140 28.46 1.18 -58.37
N GLY C 141 27.29 0.69 -58.80
CA GLY C 141 26.26 1.59 -59.31
C GLY C 141 25.73 2.53 -58.24
N MET C 142 25.59 2.03 -57.01
CA MET C 142 25.19 2.88 -55.88
C MET C 142 26.18 4.02 -55.68
N PHE C 143 27.48 3.69 -55.72
CA PHE C 143 28.52 4.70 -55.59
C PHE C 143 28.36 5.80 -56.62
N ASN C 144 28.16 5.41 -57.89
CA ASN C 144 27.97 6.37 -58.97
C ASN C 144 26.78 7.28 -58.70
N TYR C 145 25.63 6.67 -58.35
CA TYR C 145 24.44 7.46 -58.04
C TYR C 145 24.70 8.42 -56.88
N ILE C 146 25.45 7.97 -55.88
CA ILE C 146 25.72 8.79 -54.70
C ILE C 146 26.68 9.93 -55.03
N CYS C 147 27.71 9.65 -55.85
CA CYS C 147 28.60 10.73 -56.27
C CYS C 147 27.82 11.79 -57.02
N ASN C 148 26.94 11.38 -57.94
CA ASN C 148 26.15 12.36 -58.69
C ASN C 148 25.24 13.18 -57.76
N HIS C 149 24.63 12.53 -56.78
CA HIS C 149 23.81 13.24 -55.78
C HIS C 149 24.65 14.27 -55.04
N VAL C 150 25.82 13.87 -54.53
CA VAL C 150 26.66 14.81 -53.79
C VAL C 150 27.05 16.01 -54.64
N LYS C 151 27.45 15.76 -55.88
CA LYS C 151 27.85 16.86 -56.74
C LYS C 151 26.67 17.79 -57.02
N TYR C 152 25.51 17.22 -57.30
CA TYR C 152 24.33 18.03 -57.61
C TYR C 152 23.91 18.84 -56.39
N ALA C 153 23.86 18.19 -55.24
CA ALA C 153 23.35 18.84 -54.04
C ALA C 153 24.33 19.90 -53.54
N THR C 154 25.63 19.65 -53.68
CA THR C 154 26.61 20.60 -53.16
C THR C 154 26.64 21.86 -54.02
N ASN C 155 26.69 21.72 -55.35
CA ASN C 155 26.50 22.86 -56.25
C ASN C 155 27.42 24.02 -55.89
N LYS C 156 28.68 23.70 -55.57
CA LYS C 156 29.72 24.70 -55.29
C LYS C 156 29.36 25.60 -54.09
N GLY C 157 28.57 25.08 -53.15
CA GLY C 157 28.17 25.82 -51.96
C GLY C 157 26.75 26.33 -51.97
N ASN C 158 26.13 26.43 -53.12
CA ASN C 158 24.74 26.89 -53.21
C ASN C 158 23.85 25.64 -53.13
N LEU C 159 23.64 25.17 -51.89
CA LEU C 159 23.14 23.83 -51.67
C LEU C 159 21.69 23.69 -52.15
N ARG C 160 21.38 22.49 -52.65
CA ARG C 160 20.07 22.14 -53.21
C ARG C 160 19.64 20.82 -52.58
N SER C 161 18.38 20.76 -52.13
CA SER C 161 17.88 19.55 -51.50
CA SER C 161 17.88 19.55 -51.50
C SER C 161 17.67 18.44 -52.53
N ALA C 162 17.97 17.20 -52.14
CA ALA C 162 17.88 16.10 -53.09
C ALA C 162 17.75 14.79 -52.35
N ILE C 163 17.23 13.78 -53.05
CA ILE C 163 17.10 12.42 -52.53
C ILE C 163 17.36 11.48 -53.68
N THR C 164 18.01 10.35 -53.38
CA THR C 164 18.26 9.31 -54.36
C THR C 164 17.63 8.04 -53.82
N ILE C 165 16.82 7.38 -54.65
CA ILE C 165 15.97 6.30 -54.16
C ILE C 165 16.38 5.00 -54.87
N PHE C 166 16.94 4.08 -54.09
CA PHE C 166 17.40 2.79 -54.58
C PHE C 166 16.25 1.77 -54.55
N PRO C 167 16.44 0.57 -55.13
CA PRO C 167 15.30 -0.35 -55.26
C PRO C 167 14.67 -0.71 -53.92
N GLN C 168 13.36 -0.93 -53.94
CA GLN C 168 12.59 -1.23 -52.74
C GLN C 168 12.90 -2.63 -52.21
N ARG C 169 12.53 -2.83 -50.94
CA ARG C 169 12.63 -4.15 -50.33
C ARG C 169 11.75 -5.15 -51.07
N THR C 170 12.22 -6.40 -51.15
CA THR C 170 11.42 -7.47 -51.74
C THR C 170 11.10 -8.51 -50.69
N ASP C 171 11.98 -9.51 -50.49
CA ASP C 171 11.75 -10.50 -49.45
C ASP C 171 12.42 -10.15 -48.13
N GLY C 172 13.15 -9.03 -48.05
CA GLY C 172 13.91 -8.69 -46.86
C GLY C 172 15.30 -9.28 -46.80
N LYS C 173 15.63 -10.19 -47.73
CA LYS C 173 16.94 -10.78 -47.82
C LYS C 173 17.77 -10.19 -48.95
N HIS C 174 17.25 -9.19 -49.66
CA HIS C 174 17.93 -8.55 -50.78
C HIS C 174 17.95 -7.03 -50.64
N ASP C 175 18.00 -6.54 -49.40
CA ASP C 175 17.91 -5.10 -49.15
C ASP C 175 19.09 -4.34 -49.76
N PHE C 176 18.81 -3.15 -50.25
CA PHE C 176 19.84 -2.15 -50.53
C PHE C 176 20.02 -1.30 -49.28
N ARG C 177 21.27 -1.07 -48.88
CA ARG C 177 21.53 -0.25 -47.70
C ARG C 177 22.77 0.58 -47.91
N VAL C 178 22.73 1.83 -47.48
CA VAL C 178 23.94 2.59 -47.21
C VAL C 178 24.27 2.37 -45.74
N TRP C 179 25.44 1.78 -45.46
CA TRP C 179 25.73 1.47 -44.07
C TRP C 179 26.13 2.72 -43.29
N ASN C 180 26.66 3.73 -43.96
CA ASN C 180 26.91 5.02 -43.34
C ASN C 180 25.61 5.63 -42.80
N SER C 181 25.73 6.35 -41.69
CA SER C 181 24.56 7.05 -41.18
C SER C 181 24.30 8.35 -41.94
N GLN C 182 25.36 9.04 -42.33
CA GLN C 182 25.29 10.13 -43.30
C GLN C 182 26.31 9.87 -44.41
N LEU C 183 26.10 10.51 -45.56
CA LEU C 183 27.03 10.28 -46.68
C LEU C 183 28.43 10.80 -46.38
N ILE C 184 28.52 11.93 -45.70
CA ILE C 184 29.79 12.54 -45.32
C ILE C 184 29.80 12.65 -43.80
N ARG C 185 30.78 12.01 -43.17
CA ARG C 185 30.99 12.04 -41.73
C ARG C 185 32.47 11.82 -41.45
N TYR C 186 32.91 12.25 -40.27
CA TYR C 186 34.31 12.10 -39.89
C TYR C 186 34.51 10.86 -39.03
N ALA C 187 35.65 10.19 -39.23
CA ALA C 187 35.96 9.00 -38.47
C ALA C 187 36.23 9.32 -37.01
N GLY C 188 36.12 8.31 -36.18
CA GLY C 188 36.54 8.39 -34.79
C GLY C 188 37.36 7.16 -34.43
N TYR C 189 38.40 7.38 -33.63
CA TYR C 189 39.31 6.31 -33.25
C TYR C 189 39.50 6.32 -31.75
N LYS C 190 39.12 5.24 -31.08
CA LYS C 190 39.43 5.09 -29.66
C LYS C 190 40.91 4.78 -29.47
N GLN C 191 41.56 5.49 -28.54
CA GLN C 191 42.98 5.32 -28.25
C GLN C 191 43.18 4.37 -27.07
N PRO C 192 44.37 3.76 -26.96
CA PRO C 192 44.63 2.89 -25.80
C PRO C 192 44.44 3.58 -24.46
N ASP C 193 44.67 4.89 -24.38
CA ASP C 193 44.62 5.60 -23.11
C ASP C 193 43.20 6.04 -22.74
N GLY C 194 42.20 5.70 -23.55
CA GLY C 194 40.82 6.00 -23.27
C GLY C 194 40.28 7.23 -23.98
N SER C 195 41.16 8.07 -24.51
CA SER C 195 40.72 9.22 -25.28
C SER C 195 40.25 8.79 -26.67
N THR C 196 39.60 9.71 -27.37
CA THR C 196 39.08 9.47 -28.71
C THR C 196 39.62 10.53 -29.66
N LEU C 197 40.08 10.11 -30.83
CA LEU C 197 40.49 11.02 -31.89
C LEU C 197 39.39 11.10 -32.93
N GLY C 198 39.11 12.32 -33.40
CA GLY C 198 38.02 12.54 -34.33
C GLY C 198 36.65 12.55 -33.67
N ASP C 199 35.65 11.99 -34.34
CA ASP C 199 34.26 12.11 -33.90
C ASP C 199 33.84 10.88 -33.10
N PRO C 200 33.63 10.99 -31.79
CA PRO C 200 33.27 9.81 -30.99
C PRO C 200 31.98 9.14 -31.40
N ALA C 201 31.07 9.86 -32.06
CA ALA C 201 29.81 9.27 -32.51
C ALA C 201 30.02 8.18 -33.55
N ASN C 202 31.16 8.18 -34.23
CA ASN C 202 31.36 7.32 -35.38
C ASN C 202 32.38 6.23 -35.12
N VAL C 203 32.71 5.98 -33.85
CA VAL C 203 33.75 5.01 -33.53
C VAL C 203 33.37 3.63 -34.04
N GLN C 204 32.13 3.21 -33.80
CA GLN C 204 31.75 1.84 -34.18
C GLN C 204 31.76 1.65 -35.69
N PHE C 205 31.22 2.62 -36.44
CA PHE C 205 31.23 2.50 -37.89
C PHE C 205 32.65 2.61 -38.45
N THR C 206 33.49 3.44 -37.83
CA THR C 206 34.90 3.50 -38.23
C THR C 206 35.57 2.13 -38.09
N GLU C 207 35.30 1.42 -36.98
CA GLU C 207 35.91 0.11 -36.78
C GLU C 207 35.46 -0.88 -37.86
N ILE C 208 34.19 -0.82 -38.27
CA ILE C 208 33.71 -1.71 -39.31
C ILE C 208 34.45 -1.46 -40.62
N CYS C 209 34.61 -0.18 -40.99
CA CYS C 209 35.35 0.15 -42.20
C CYS C 209 36.77 -0.40 -42.16
N ILE C 210 37.46 -0.17 -41.06
CA ILE C 210 38.83 -0.66 -40.90
C ILE C 210 38.87 -2.17 -41.09
N GLN C 211 37.91 -2.89 -40.51
CA GLN C 211 37.86 -4.34 -40.65
C GLN C 211 37.63 -4.76 -42.10
N GLN C 212 36.90 -3.96 -42.86
CA GLN C 212 36.66 -4.26 -44.28
C GLN C 212 37.84 -3.89 -45.16
N GLY C 213 38.91 -3.35 -44.59
CA GLY C 213 40.11 -3.06 -45.34
C GLY C 213 40.42 -1.59 -45.52
N TRP C 214 39.64 -0.70 -44.93
CA TRP C 214 39.96 0.73 -45.03
C TRP C 214 41.22 1.05 -44.25
N LYS C 215 42.13 1.78 -44.90
CA LYS C 215 43.36 2.22 -44.28
C LYS C 215 43.14 3.63 -43.76
N PRO C 216 43.03 3.83 -42.46
CA PRO C 216 42.64 5.14 -41.94
C PRO C 216 43.82 6.07 -41.85
N PRO C 217 43.66 7.34 -42.20
CA PRO C 217 44.74 8.32 -41.92
C PRO C 217 44.98 8.54 -40.44
N ARG C 218 43.99 8.26 -39.60
CA ARG C 218 44.06 8.49 -38.15
C ARG C 218 44.32 9.97 -37.84
N GLY C 219 43.47 10.83 -38.41
CA GLY C 219 43.42 12.24 -38.06
C GLY C 219 42.11 12.59 -37.36
N ARG C 220 41.92 13.89 -37.17
CA ARG C 220 40.76 14.39 -36.44
C ARG C 220 39.53 14.60 -37.34
N PHE C 221 39.73 14.78 -38.63
CA PHE C 221 38.65 15.06 -39.57
C PHE C 221 38.88 14.24 -40.84
N ASP C 222 38.95 12.92 -40.68
CA ASP C 222 39.08 12.00 -41.81
C ASP C 222 37.70 11.69 -42.37
N VAL C 223 37.45 12.07 -43.63
CA VAL C 223 36.18 11.73 -44.24
C VAL C 223 36.09 10.21 -44.40
N LEU C 224 34.99 9.64 -43.93
CA LEU C 224 34.81 8.19 -43.93
C LEU C 224 34.53 7.68 -45.35
N PRO C 225 34.89 6.43 -45.64
CA PRO C 225 34.53 5.84 -46.92
C PRO C 225 33.05 5.46 -46.93
N LEU C 226 32.51 5.29 -48.13
CA LEU C 226 31.15 4.78 -48.24
C LEU C 226 31.17 3.26 -48.15
N LEU C 227 30.20 2.71 -47.43
CA LEU C 227 30.05 1.27 -47.23
C LEU C 227 28.68 0.91 -47.76
N LEU C 228 28.63 0.32 -48.95
CA LEU C 228 27.42 0.22 -49.75
C LEU C 228 27.05 -1.24 -49.99
N GLN C 229 25.77 -1.54 -49.78
CA GLN C 229 25.22 -2.90 -49.90
C GLN C 229 24.10 -2.88 -50.94
N ALA C 230 24.25 -3.71 -51.97
CA ALA C 230 23.26 -3.84 -53.03
C ALA C 230 22.68 -5.24 -53.01
N ASN C 231 21.36 -5.33 -53.09
CA ASN C 231 20.67 -6.60 -53.32
C ASN C 231 20.97 -7.65 -52.25
N GLY C 232 21.18 -7.21 -51.01
CA GLY C 232 21.47 -8.12 -49.92
C GLY C 232 22.87 -8.71 -49.90
N ASN C 233 23.76 -8.30 -50.82
CA ASN C 233 25.12 -8.81 -50.79
C ASN C 233 25.93 -8.11 -49.70
N ASP C 234 27.13 -8.65 -49.45
CA ASP C 234 28.03 -8.03 -48.48
C ASP C 234 28.36 -6.61 -48.93
N PRO C 235 28.49 -5.65 -48.00
CA PRO C 235 28.76 -4.27 -48.42
C PRO C 235 30.20 -4.09 -48.89
N GLU C 236 30.40 -3.08 -49.73
CA GLU C 236 31.69 -2.81 -50.33
C GLU C 236 32.11 -1.36 -50.07
N LEU C 237 33.42 -1.15 -49.92
CA LEU C 237 33.99 0.15 -49.61
C LEU C 237 34.30 0.96 -50.87
N PHE C 238 34.06 2.27 -50.78
CA PHE C 238 34.34 3.24 -51.84
C PHE C 238 34.79 4.55 -51.21
N GLN C 239 35.82 5.18 -51.80
CA GLN C 239 36.27 6.50 -51.37
C GLN C 239 35.55 7.59 -52.15
N ILE C 240 34.84 8.46 -51.44
CA ILE C 240 34.24 9.61 -52.15
C ILE C 240 35.36 10.48 -52.72
N PRO C 241 35.29 10.88 -54.00
CA PRO C 241 36.33 11.75 -54.56
C PRO C 241 36.44 13.04 -53.77
N PRO C 242 37.63 13.37 -53.29
CA PRO C 242 37.75 14.46 -52.31
C PRO C 242 37.29 15.80 -52.85
N GLU C 243 37.37 16.01 -54.17
CA GLU C 243 36.90 17.26 -54.75
C GLU C 243 35.38 17.40 -54.68
N LEU C 244 34.65 16.34 -54.37
CA LEU C 244 33.22 16.43 -54.17
C LEU C 244 32.84 16.77 -52.73
N VAL C 245 33.79 16.78 -51.80
CA VAL C 245 33.48 16.97 -50.38
C VAL C 245 33.80 18.41 -50.00
N LEU C 246 32.78 19.24 -49.91
CA LEU C 246 32.99 20.64 -49.56
C LEU C 246 33.09 20.78 -48.05
N GLU C 247 34.17 21.43 -47.59
CA GLU C 247 34.37 21.65 -46.15
C GLU C 247 34.60 23.13 -45.88
N VAL C 248 34.32 23.51 -44.64
CA VAL C 248 34.39 24.89 -44.19
C VAL C 248 35.32 24.94 -42.97
N PRO C 249 36.46 25.60 -43.05
CA PRO C 249 37.27 25.80 -41.85
C PRO C 249 36.61 26.84 -40.95
N ILE C 250 36.57 26.56 -39.66
CA ILE C 250 35.80 27.37 -38.73
C ILE C 250 36.72 28.44 -38.13
N ARG C 251 36.33 29.71 -38.29
CA ARG C 251 37.03 30.83 -37.69
C ARG C 251 35.98 31.75 -37.07
N HIS C 252 36.46 32.73 -36.31
CA HIS C 252 35.53 33.58 -35.58
C HIS C 252 35.74 35.04 -35.98
N PRO C 253 34.67 35.83 -36.10
CA PRO C 253 34.84 37.19 -36.61
C PRO C 253 35.59 38.12 -35.67
N LYS C 254 35.64 37.82 -34.38
CA LYS C 254 36.31 38.66 -33.39
C LYS C 254 37.55 38.02 -32.77
N PHE C 255 37.50 36.73 -32.44
CA PHE C 255 38.61 36.04 -31.79
C PHE C 255 39.55 35.50 -32.85
N GLU C 256 40.74 36.11 -32.95
CA GLU C 256 41.70 35.68 -33.95
C GLU C 256 42.21 34.27 -33.67
N TRP C 257 42.20 33.86 -32.40
CA TRP C 257 42.73 32.56 -32.03
C TRP C 257 41.80 31.40 -32.37
N PHE C 258 40.55 31.69 -32.76
CA PHE C 258 39.60 30.59 -32.96
C PHE C 258 40.08 29.64 -34.06
N LYS C 259 40.63 30.18 -35.13
CA LYS C 259 41.13 29.32 -36.22
C LYS C 259 42.25 28.39 -35.74
N ASP C 260 42.97 28.74 -34.68
CA ASP C 260 44.02 27.89 -34.14
C ASP C 260 43.48 26.61 -33.51
N LEU C 261 42.18 26.53 -33.24
CA LEU C 261 41.60 25.28 -32.77
C LEU C 261 41.61 24.21 -33.84
N GLY C 262 41.83 24.58 -35.10
CA GLY C 262 41.86 23.61 -36.17
C GLY C 262 40.51 22.99 -36.50
N LEU C 263 39.41 23.67 -36.20
CA LEU C 263 38.11 23.10 -36.45
C LEU C 263 37.70 23.28 -37.91
N LYS C 264 36.99 22.30 -38.42
CA LYS C 264 36.31 22.44 -39.70
C LYS C 264 35.08 21.54 -39.68
N TRP C 265 34.20 21.74 -40.66
CA TRP C 265 33.07 20.84 -40.82
C TRP C 265 32.78 20.71 -42.31
N TYR C 266 31.95 19.73 -42.64
CA TYR C 266 31.54 19.54 -44.03
C TYR C 266 30.24 20.30 -44.31
N GLY C 267 30.04 20.68 -45.56
CA GLY C 267 28.89 21.52 -45.87
C GLY C 267 27.59 20.79 -46.07
N LEU C 268 27.62 19.50 -46.41
CA LEU C 268 26.41 18.82 -46.87
C LEU C 268 25.88 17.84 -45.84
N PRO C 269 24.74 18.10 -45.20
CA PRO C 269 24.13 17.11 -44.32
C PRO C 269 23.26 16.16 -45.14
N ALA C 270 23.62 14.88 -45.13
CA ALA C 270 23.04 13.91 -46.07
C ALA C 270 22.73 12.60 -45.33
N VAL C 271 21.48 12.47 -44.85
CA VAL C 271 21.06 11.33 -44.05
C VAL C 271 20.90 10.09 -44.92
N SER C 272 21.51 8.98 -44.49
CA SER C 272 21.49 7.80 -45.35
C SER C 272 21.07 6.54 -44.61
N ASN C 273 20.59 6.62 -43.37
CA ASN C 273 20.24 5.41 -42.64
C ASN C 273 18.75 5.26 -42.39
N MET C 274 17.91 6.08 -43.01
CA MET C 274 16.48 5.97 -42.78
C MET C 274 15.81 5.22 -43.92
N LEU C 275 14.56 4.85 -43.69
CA LEU C 275 13.76 4.09 -44.63
C LEU C 275 12.58 4.95 -45.08
N LEU C 276 12.33 4.94 -46.39
CA LEU C 276 11.25 5.69 -47.01
C LEU C 276 10.10 4.73 -47.28
N GLU C 277 8.94 4.99 -46.70
CA GLU C 277 7.77 4.15 -46.89
C GLU C 277 6.74 4.92 -47.73
N ILE C 278 6.36 4.35 -48.88
CA ILE C 278 5.40 4.94 -49.80
C ILE C 278 4.40 3.86 -50.20
N GLY C 279 3.14 4.05 -49.82
CA GLY C 279 2.09 3.11 -50.22
C GLY C 279 2.38 1.67 -49.84
N GLY C 280 2.95 1.45 -48.66
CA GLY C 280 3.33 0.12 -48.24
C GLY C 280 4.66 -0.37 -48.78
N LEU C 281 5.25 0.30 -49.76
CA LEU C 281 6.56 -0.11 -50.24
C LEU C 281 7.64 0.48 -49.37
N GLU C 282 8.74 -0.26 -49.20
CA GLU C 282 9.81 0.14 -48.30
C GLU C 282 11.11 0.34 -49.07
N PHE C 283 11.63 1.57 -49.05
CA PHE C 283 12.87 1.94 -49.73
C PHE C 283 13.94 2.09 -48.64
N SER C 284 14.66 1.00 -48.41
CA SER C 284 15.61 0.91 -47.30
C SER C 284 16.90 1.69 -47.55
N ALA C 285 17.17 2.09 -48.79
CA ALA C 285 18.29 2.94 -49.13
C ALA C 285 17.73 4.15 -49.87
N CYS C 286 17.77 5.31 -49.22
CA CYS C 286 17.17 6.50 -49.81
C CYS C 286 17.87 7.75 -49.30
N PRO C 287 19.19 7.90 -49.52
CA PRO C 287 19.89 9.03 -48.90
C PRO C 287 19.33 10.37 -49.36
N PHE C 288 19.18 11.30 -48.42
CA PHE C 288 18.63 12.60 -48.74
C PHE C 288 19.45 13.69 -48.03
N SER C 289 19.43 14.90 -48.60
CA SER C 289 20.32 15.93 -48.12
C SER C 289 19.66 17.29 -48.25
N GLY C 290 20.05 18.20 -47.38
CA GLY C 290 19.53 19.56 -47.41
C GLY C 290 20.69 20.52 -47.20
N TRP C 291 20.53 21.42 -46.22
CA TRP C 291 21.62 22.25 -45.74
C TRP C 291 21.45 22.39 -44.24
N TYR C 292 22.52 22.83 -43.58
CA TYR C 292 22.58 22.82 -42.12
C TYR C 292 21.85 24.01 -41.47
N MET C 293 21.26 23.74 -40.32
CA MET C 293 21.02 24.77 -39.33
C MET C 293 22.25 24.82 -38.43
N GLY C 294 22.70 26.03 -38.10
CA GLY C 294 24.01 26.19 -37.46
C GLY C 294 24.15 25.40 -36.16
N THR C 295 23.10 25.35 -35.36
CA THR C 295 23.18 24.68 -34.06
C THR C 295 23.44 23.18 -34.20
N GLU C 296 23.10 22.59 -35.34
CA GLU C 296 23.40 21.17 -35.47
C GLU C 296 24.89 20.95 -35.32
N ILE C 297 25.70 21.84 -35.89
CA ILE C 297 27.15 21.75 -35.78
C ILE C 297 27.62 22.40 -34.48
N GLY C 298 27.22 23.66 -34.27
CA GLY C 298 27.81 24.46 -33.22
C GLY C 298 27.44 24.02 -31.82
N VAL C 299 26.20 23.55 -31.64
CA VAL C 299 25.76 23.10 -30.32
C VAL C 299 25.99 21.60 -30.13
N ARG C 300 25.52 20.79 -31.08
CA ARG C 300 25.50 19.35 -30.86
C ARG C 300 26.82 18.70 -31.28
N ASP C 301 27.20 18.86 -32.56
CA ASP C 301 28.43 18.21 -33.05
C ASP C 301 29.65 18.67 -32.24
N TYR C 302 29.73 19.97 -31.92
CA TYR C 302 30.94 20.47 -31.26
C TYR C 302 30.88 20.43 -29.73
N CYS C 303 29.70 20.52 -29.12
CA CYS C 303 29.62 20.74 -27.67
C CYS C 303 28.92 19.65 -26.86
N ASP C 304 28.27 18.68 -27.49
CA ASP C 304 27.84 17.51 -26.74
C ASP C 304 29.05 16.89 -26.04
N ASN C 305 28.87 16.52 -24.77
CA ASN C 305 29.95 15.88 -24.02
C ASN C 305 30.49 14.63 -24.72
N SER C 306 29.64 13.92 -25.45
CA SER C 306 30.05 12.70 -26.11
C SER C 306 30.44 12.92 -27.58
N ARG C 307 30.55 14.17 -28.02
CA ARG C 307 30.95 14.50 -29.39
C ARG C 307 32.35 15.13 -29.35
N TYR C 308 32.61 16.21 -30.09
CA TYR C 308 33.96 16.78 -30.10
C TYR C 308 34.26 17.49 -28.80
N ASN C 309 33.23 17.92 -28.07
CA ASN C 309 33.34 18.32 -26.65
C ASN C 309 34.37 19.44 -26.46
N ILE C 310 34.16 20.56 -27.18
CA ILE C 310 35.16 21.64 -27.22
C ILE C 310 34.84 22.80 -26.29
N LEU C 311 33.78 22.71 -25.47
CA LEU C 311 33.44 23.85 -24.61
C LEU C 311 34.60 24.29 -23.73
N GLU C 312 35.31 23.33 -23.13
CA GLU C 312 36.34 23.69 -22.16
C GLU C 312 37.54 24.35 -22.84
N GLU C 313 37.94 23.86 -24.01
CA GLU C 313 39.08 24.51 -24.67
C GLU C 313 38.72 25.93 -25.06
N VAL C 314 37.51 26.14 -25.57
CA VAL C 314 37.08 27.48 -26.00
C VAL C 314 36.97 28.40 -24.80
N ALA C 315 36.35 27.94 -23.71
CA ALA C 315 36.22 28.79 -22.54
C ALA C 315 37.59 29.14 -21.97
N LYS C 316 38.55 28.22 -22.06
CA LYS C 316 39.91 28.52 -21.62
C LYS C 316 40.49 29.69 -22.40
N LYS C 317 40.44 29.62 -23.73
CA LYS C 317 40.97 30.70 -24.57
C LYS C 317 40.19 32.00 -24.37
N MET C 318 38.94 31.91 -23.91
CA MET C 318 38.16 33.11 -23.58
C MET C 318 38.49 33.64 -22.19
N ASN C 319 39.35 32.96 -21.42
CA ASN C 319 39.71 33.38 -20.06
CA ASN C 319 39.71 33.35 -20.05
C ASN C 319 38.48 33.43 -19.14
N LEU C 320 37.53 32.52 -19.34
CA LEU C 320 36.35 32.51 -18.48
C LEU C 320 36.66 31.83 -17.15
N ASP C 321 35.90 32.21 -16.12
CA ASP C 321 36.02 31.56 -14.82
C ASP C 321 35.27 30.24 -14.87
N MET C 322 36.01 29.13 -14.85
CA MET C 322 35.43 27.81 -15.03
C MET C 322 35.34 27.03 -13.72
N ARG C 323 35.48 27.72 -12.59
CA ARG C 323 35.44 27.06 -11.30
C ARG C 323 34.02 26.82 -10.77
N LYS C 324 33.00 27.45 -11.34
CA LYS C 324 31.65 27.24 -10.86
C LYS C 324 30.66 27.34 -12.02
N THR C 325 29.59 26.56 -11.93
CA THR C 325 28.61 26.53 -13.01
C THR C 325 27.93 27.89 -13.19
N SER C 326 27.69 28.60 -12.09
CA SER C 326 26.84 29.78 -12.12
C SER C 326 27.48 30.96 -12.83
N SER C 327 28.78 30.89 -13.16
CA SER C 327 29.34 31.89 -14.07
C SER C 327 28.83 31.74 -15.49
N LEU C 328 28.14 30.63 -15.81
CA LEU C 328 27.61 30.34 -17.15
C LEU C 328 28.71 30.36 -18.22
N TRP C 329 29.92 29.91 -17.84
CA TRP C 329 31.00 29.83 -18.82
C TRP C 329 30.65 28.91 -19.98
N LYS C 330 29.93 27.82 -19.72
CA LYS C 330 29.55 26.94 -20.83
C LYS C 330 28.61 27.66 -21.79
N ASP C 331 27.60 28.32 -21.23
CA ASP C 331 26.63 29.07 -22.04
C ASP C 331 27.33 30.13 -22.88
N GLN C 332 28.25 30.87 -22.26
CA GLN C 332 28.98 31.92 -22.98
C GLN C 332 29.80 31.37 -24.14
N ALA C 333 30.57 30.30 -23.89
CA ALA C 333 31.38 29.70 -24.95
C ALA C 333 30.51 29.10 -26.05
N LEU C 334 29.39 28.48 -25.68
CA LEU C 334 28.48 27.90 -26.66
C LEU C 334 28.03 28.92 -27.69
N VAL C 335 27.70 30.15 -27.23
CA VAL C 335 27.25 31.16 -28.18
C VAL C 335 28.37 31.52 -29.14
N GLU C 336 29.59 31.71 -28.63
CA GLU C 336 30.69 32.13 -29.50
C GLU C 336 31.00 31.06 -30.54
N ILE C 337 30.91 29.78 -30.18
CA ILE C 337 31.15 28.72 -31.14
C ILE C 337 30.13 28.77 -32.25
N ASN C 338 28.88 29.06 -31.90
CA ASN C 338 27.83 29.08 -32.90
C ASN C 338 27.90 30.33 -33.77
N ILE C 339 28.40 31.43 -33.23
CA ILE C 339 28.70 32.59 -34.07
C ILE C 339 29.76 32.24 -35.10
N ALA C 340 30.79 31.50 -34.66
CA ALA C 340 31.87 31.12 -35.57
C ALA C 340 31.37 30.24 -36.71
N VAL C 341 30.56 29.22 -36.38
CA VAL C 341 30.02 28.32 -37.40
C VAL C 341 29.30 29.13 -38.49
N LEU C 342 28.37 30.00 -38.08
CA LEU C 342 27.58 30.73 -39.05
C LEU C 342 28.44 31.69 -39.87
N TYR C 343 29.32 32.42 -39.19
CA TYR C 343 30.22 33.34 -39.88
C TYR C 343 31.09 32.63 -40.89
N SER C 344 31.58 31.43 -40.54
CA SER C 344 32.50 30.72 -41.41
C SER C 344 31.78 30.24 -42.66
N PHE C 345 30.59 29.65 -42.50
CA PHE C 345 29.83 29.19 -43.66
C PHE C 345 29.43 30.37 -44.53
N GLN C 346 28.96 31.47 -43.92
CA GLN C 346 28.54 32.61 -44.72
C GLN C 346 29.71 33.21 -45.48
N SER C 347 30.89 33.27 -44.85
CA SER C 347 32.05 33.82 -45.51
C SER C 347 32.48 32.97 -46.70
N ASP C 348 32.29 31.66 -46.60
CA ASP C 348 32.67 30.79 -47.72
C ASP C 348 31.53 30.58 -48.70
N LYS C 349 30.42 31.30 -48.49
CA LYS C 349 29.23 31.23 -49.35
C LYS C 349 28.73 29.80 -49.48
N VAL C 350 28.63 29.13 -48.33
CA VAL C 350 28.04 27.81 -48.22
C VAL C 350 26.71 27.98 -47.49
N THR C 351 25.63 27.52 -48.13
CA THR C 351 24.30 27.66 -47.54
C THR C 351 24.25 27.15 -46.11
N ILE C 352 23.67 27.98 -45.24
CA ILE C 352 23.44 27.60 -43.86
C ILE C 352 22.33 28.52 -43.35
N VAL C 353 21.62 28.08 -42.31
CA VAL C 353 20.54 28.88 -41.74
C VAL C 353 20.73 28.92 -40.23
N ASP C 354 20.52 30.09 -39.64
CA ASP C 354 20.63 30.19 -38.19
C ASP C 354 19.30 29.78 -37.56
N HIS C 355 19.35 29.42 -36.28
CA HIS C 355 18.14 28.88 -35.64
C HIS C 355 17.03 29.91 -35.54
N HIS C 356 17.35 31.20 -35.50
CA HIS C 356 16.28 32.20 -35.47
C HIS C 356 15.54 32.24 -36.80
N SER C 357 16.29 32.34 -37.89
CA SER C 357 15.67 32.33 -39.22
CA SER C 357 15.66 32.33 -39.21
C SER C 357 14.90 31.03 -39.46
N ALA C 358 15.48 29.90 -39.10
CA ALA C 358 14.86 28.62 -39.42
C ALA C 358 13.54 28.44 -38.66
N THR C 359 13.51 28.84 -37.39
CA THR C 359 12.27 28.63 -36.64
C THR C 359 11.20 29.64 -37.04
N GLU C 360 11.59 30.87 -37.42
CA GLU C 360 10.60 31.80 -37.95
C GLU C 360 9.98 31.25 -39.23
N SER C 361 10.81 30.74 -40.14
CA SER C 361 10.25 30.16 -41.36
C SER C 361 9.32 29.00 -41.05
N PHE C 362 9.66 28.18 -40.05
CA PHE C 362 8.83 27.02 -39.77
C PHE C 362 7.45 27.42 -39.28
N ILE C 363 7.36 28.47 -38.45
CA ILE C 363 6.06 28.97 -38.03
C ILE C 363 5.23 29.40 -39.24
N LYS C 364 5.85 30.12 -40.17
CA LYS C 364 5.14 30.52 -41.37
C LYS C 364 4.69 29.30 -42.17
N HIS C 365 5.56 28.29 -42.27
CA HIS C 365 5.20 27.04 -42.93
C HIS C 365 4.05 26.36 -42.21
N MET C 366 4.13 26.26 -40.88
CA MET C 366 3.09 25.60 -40.11
C MET C 366 1.73 26.28 -40.33
N GLU C 367 1.69 27.60 -40.24
CA GLU C 367 0.42 28.30 -40.43
C GLU C 367 -0.13 28.10 -41.83
N ASN C 368 0.74 28.09 -42.84
CA ASN C 368 0.28 27.86 -44.20
C ASN C 368 -0.27 26.44 -44.36
N GLU C 369 0.40 25.46 -43.77
CA GLU C 369 -0.10 24.08 -43.80
C GLU C 369 -1.44 23.94 -43.10
N TYR C 370 -1.63 24.63 -41.98
CA TYR C 370 -2.94 24.55 -41.35
C TYR C 370 -4.02 25.15 -42.26
N ARG C 371 -3.69 26.25 -42.95
CA ARG C 371 -4.66 26.90 -43.81
C ARG C 371 -5.02 26.05 -45.02
N CYS C 372 -4.02 25.51 -45.73
CA CYS C 372 -4.26 24.82 -46.98
CA CYS C 372 -4.30 24.83 -46.97
C CYS C 372 -4.42 23.31 -46.83
N ARG C 373 -3.82 22.71 -45.80
CA ARG C 373 -3.87 21.26 -45.62
C ARG C 373 -4.68 20.81 -44.41
N GLY C 374 -4.97 21.71 -43.49
CA GLY C 374 -5.69 21.32 -42.29
C GLY C 374 -4.81 20.91 -41.13
N GLY C 375 -3.50 21.06 -41.25
CA GLY C 375 -2.64 20.74 -40.14
C GLY C 375 -1.22 20.52 -40.59
N CYS C 376 -0.38 20.25 -39.60
CA CYS C 376 1.06 20.10 -39.79
C CYS C 376 1.60 19.34 -38.59
N PRO C 377 1.82 18.04 -38.73
CA PRO C 377 2.36 17.27 -37.60
C PRO C 377 3.74 17.79 -37.22
N ALA C 378 3.96 18.01 -35.92
CA ALA C 378 5.24 18.59 -35.51
C ALA C 378 5.61 18.12 -34.12
N ASP C 379 6.89 17.81 -33.94
CA ASP C 379 7.42 17.24 -32.71
C ASP C 379 8.20 18.34 -31.98
N TRP C 380 7.56 18.96 -30.97
CA TRP C 380 8.15 20.10 -30.29
C TRP C 380 9.54 19.78 -29.72
N VAL C 381 9.68 18.59 -29.14
CA VAL C 381 10.94 18.16 -28.53
C VAL C 381 12.09 18.24 -29.53
N TRP C 382 11.83 17.96 -30.80
CA TRP C 382 12.87 18.07 -31.83
C TRP C 382 12.89 19.42 -32.54
N ILE C 383 11.75 20.09 -32.67
CA ILE C 383 11.70 21.32 -33.45
C ILE C 383 12.37 22.48 -32.71
N VAL C 384 12.21 22.54 -31.38
CA VAL C 384 12.85 23.62 -30.61
C VAL C 384 14.37 23.47 -30.64
N PRO C 385 15.13 24.50 -30.99
CA PRO C 385 16.57 24.35 -31.11
C PRO C 385 17.22 24.05 -29.78
N PRO C 386 18.41 23.44 -29.79
CA PRO C 386 19.07 23.00 -28.56
C PRO C 386 19.78 24.11 -27.79
N MET C 387 19.71 25.36 -28.24
CA MET C 387 20.13 26.49 -27.42
C MET C 387 19.11 27.57 -27.59
N SER C 388 19.03 28.48 -26.60
CA SER C 388 18.22 29.69 -26.71
C SER C 388 16.76 29.37 -27.03
N GLY C 389 16.25 28.30 -26.45
CA GLY C 389 14.94 27.79 -26.83
C GLY C 389 13.84 28.83 -26.84
N SER C 390 13.65 29.54 -25.71
CA SER C 390 12.47 30.39 -25.61
C SER C 390 12.61 31.70 -26.35
N ILE C 391 13.79 32.04 -26.88
CA ILE C 391 13.81 33.27 -27.66
C ILE C 391 13.56 32.96 -29.13
N THR C 392 13.24 31.62 -29.45
CA THR C 392 12.75 31.31 -30.80
C THR C 392 11.24 31.16 -30.78
N PRO C 393 10.55 31.49 -31.88
CA PRO C 393 9.08 31.47 -31.82
C PRO C 393 8.47 30.07 -31.67
N VAL C 394 9.19 29.00 -32.05
CA VAL C 394 8.60 27.67 -31.94
C VAL C 394 8.40 27.27 -30.47
N PHE C 395 9.20 27.81 -29.56
CA PHE C 395 9.08 27.44 -28.15
C PHE C 395 7.67 27.72 -27.61
N HIS C 396 7.07 28.82 -28.08
CA HIS C 396 5.79 29.29 -27.59
C HIS C 396 4.62 28.73 -28.38
N GLN C 397 4.89 27.90 -29.37
CA GLN C 397 3.90 27.36 -30.28
C GLN C 397 3.46 25.97 -29.85
N GLU C 398 2.19 25.80 -29.51
CA GLU C 398 1.67 24.45 -29.30
C GLU C 398 1.68 23.70 -30.63
N MET C 399 1.96 22.40 -30.57
CA MET C 399 2.07 21.55 -31.76
C MET C 399 1.38 20.22 -31.50
N LEU C 400 0.93 19.58 -32.56
CA LEU C 400 0.31 18.27 -32.48
C LEU C 400 1.17 17.29 -33.27
N ASN C 401 1.50 16.16 -32.66
CA ASN C 401 2.36 15.17 -33.31
C ASN C 401 1.55 13.94 -33.67
N TYR C 402 1.64 13.54 -34.94
CA TYR C 402 0.97 12.34 -35.42
C TYR C 402 1.69 11.91 -36.69
N ARG C 403 1.45 10.67 -37.08
CA ARG C 403 2.21 10.07 -38.17
C ARG C 403 1.33 9.98 -39.40
N LEU C 404 1.78 10.64 -40.47
CA LEU C 404 1.15 10.52 -41.76
C LEU C 404 2.08 9.76 -42.69
N THR C 405 1.51 9.06 -43.63
CA THR C 405 2.31 8.41 -44.64
CA THR C 405 2.29 8.39 -44.65
C THR C 405 2.03 9.02 -46.02
N PRO C 406 3.02 9.02 -46.94
CA PRO C 406 4.39 8.50 -46.93
C PRO C 406 5.25 9.06 -45.80
N SER C 407 6.22 8.27 -45.36
CA SER C 407 6.98 8.69 -44.20
C SER C 407 8.41 8.19 -44.31
N PHE C 408 9.29 8.91 -43.60
CA PHE C 408 10.62 8.42 -43.27
C PHE C 408 10.60 7.74 -41.91
N GLU C 409 11.17 6.56 -41.83
CA GLU C 409 11.19 5.75 -40.63
C GLU C 409 12.63 5.40 -40.28
N TYR C 410 12.86 5.17 -39.00
CA TYR C 410 14.11 4.56 -38.56
C TYR C 410 14.11 3.07 -38.89
N GLN C 411 15.31 2.52 -38.96
CA GLN C 411 15.43 1.09 -39.22
C GLN C 411 16.67 0.61 -38.48
N PRO C 412 16.78 -0.70 -38.24
CA PRO C 412 17.95 -1.22 -37.53
C PRO C 412 19.23 -0.88 -38.28
N ASP C 413 20.32 -0.72 -37.53
CA ASP C 413 21.62 -0.60 -38.15
C ASP C 413 21.94 -1.89 -38.92
N PRO C 414 22.52 -1.77 -40.11
CA PRO C 414 22.65 -2.97 -40.95
C PRO C 414 23.56 -4.03 -40.37
N TRP C 415 24.64 -3.62 -39.69
CA TRP C 415 25.55 -4.62 -39.13
C TRP C 415 24.89 -5.46 -38.05
N ASN C 416 23.77 -5.02 -37.48
CA ASN C 416 23.07 -5.82 -36.47
C ASN C 416 22.18 -6.88 -37.08
N THR C 417 21.88 -6.83 -38.37
CA THR C 417 21.00 -7.81 -38.97
C THR C 417 21.60 -8.55 -40.17
N HIS C 418 22.70 -8.07 -40.73
CA HIS C 418 23.18 -8.60 -42.01
C HIS C 418 23.72 -10.02 -41.88
N VAL C 419 23.40 -10.86 -42.86
CA VAL C 419 23.84 -12.25 -42.93
C VAL C 419 25.07 -12.28 -43.84
N TRP C 420 26.26 -12.40 -43.23
CA TRP C 420 27.51 -12.29 -43.96
C TRP C 420 27.74 -13.52 -44.85
N LYS C 421 28.20 -13.26 -46.08
CA LYS C 421 28.39 -14.30 -47.08
C LYS C 421 29.83 -14.79 -47.24
N LEU C 422 30.82 -13.90 -47.15
CA LEU C 422 32.17 -14.20 -47.62
C LEU C 422 32.84 -15.29 -46.79
N VAL C 423 33.81 -15.98 -47.42
CA VAL C 423 34.44 -17.23 -46.95
C VAL C 423 33.50 -18.10 -46.12
N PHE D 4 5.28 -2.15 -18.43
CA PHE D 4 6.61 -1.83 -17.96
C PHE D 4 7.40 -1.13 -19.05
N LEU D 5 7.81 0.10 -18.79
CA LEU D 5 8.35 1.00 -19.80
C LEU D 5 9.76 1.43 -19.41
N LYS D 6 10.66 1.47 -20.38
CA LYS D 6 12.04 1.87 -20.10
C LYS D 6 12.27 3.28 -20.62
N VAL D 7 13.03 4.07 -19.88
CA VAL D 7 13.54 5.35 -20.36
C VAL D 7 15.05 5.29 -20.37
N LYS D 8 15.64 5.87 -21.40
CA LYS D 8 17.09 5.84 -21.60
C LYS D 8 17.63 7.26 -21.54
N ASN D 9 18.81 7.41 -20.92
CA ASN D 9 19.59 8.63 -21.04
C ASN D 9 20.61 8.42 -22.15
N TRP D 10 20.60 9.29 -23.16
CA TRP D 10 21.40 9.06 -24.36
C TRP D 10 22.84 9.52 -24.20
N GLU D 11 23.15 10.26 -23.14
CA GLU D 11 24.51 10.66 -22.80
C GLU D 11 25.21 9.61 -21.96
N THR D 12 24.53 9.04 -20.97
CA THR D 12 25.14 8.10 -20.04
C THR D 12 24.79 6.65 -20.31
N GLU D 13 23.82 6.40 -21.19
CA GLU D 13 23.27 5.07 -21.48
C GLU D 13 22.59 4.43 -20.27
N VAL D 14 22.33 5.18 -19.21
CA VAL D 14 21.55 4.67 -18.08
C VAL D 14 20.12 4.41 -18.54
N VAL D 15 19.59 3.23 -18.21
CA VAL D 15 18.21 2.85 -18.51
C VAL D 15 17.47 2.64 -17.19
N LEU D 16 16.27 3.22 -17.10
CA LEU D 16 15.41 3.10 -15.93
C LEU D 16 14.10 2.43 -16.35
N THR D 17 13.51 1.66 -15.45
CA THR D 17 12.32 0.88 -15.75
C THR D 17 11.16 1.40 -14.93
N ASP D 18 10.07 1.76 -15.60
CA ASP D 18 8.94 2.43 -14.94
C ASP D 18 7.80 1.44 -14.73
N THR D 19 7.39 1.28 -13.47
CA THR D 19 6.15 0.60 -13.11
C THR D 19 5.16 1.51 -12.40
N LEU D 20 5.61 2.67 -11.91
CA LEU D 20 4.71 3.58 -11.21
C LEU D 20 3.56 4.02 -12.11
N HIS D 21 3.78 4.14 -13.42
CA HIS D 21 2.73 4.63 -14.31
C HIS D 21 1.48 3.76 -14.28
N LEU D 22 1.58 2.51 -13.80
CA LEU D 22 0.39 1.68 -13.65
C LEU D 22 -0.61 2.28 -12.67
N LYS D 23 -0.18 3.21 -11.82
CA LYS D 23 -1.03 3.89 -10.85
C LYS D 23 -1.63 5.18 -11.40
N SER D 24 -1.48 5.47 -12.68
CA SER D 24 -1.95 6.75 -13.17
C SER D 24 -3.47 6.76 -13.26
N THR D 25 -4.07 7.90 -12.96
CA THR D 25 -5.53 7.97 -12.88
C THR D 25 -6.16 8.60 -14.12
N LEU D 26 -5.66 9.75 -14.54
CA LEU D 26 -6.36 10.59 -15.50
C LEU D 26 -5.66 10.58 -16.87
N GLU D 27 -6.44 10.91 -17.89
CA GLU D 27 -5.93 10.99 -19.26
C GLU D 27 -4.88 12.09 -19.39
N THR D 28 -3.90 11.83 -20.26
CA THR D 28 -2.87 12.83 -20.55
C THR D 28 -3.31 13.79 -21.65
N GLY D 29 -4.25 13.39 -22.49
CA GLY D 29 -4.58 14.08 -23.71
C GLY D 29 -4.10 13.33 -24.94
N CYS D 30 -3.04 12.54 -24.80
CA CYS D 30 -2.51 11.79 -25.93
C CYS D 30 -3.37 10.57 -26.23
N THR D 31 -3.22 10.03 -27.43
CA THR D 31 -3.74 8.73 -27.79
C THR D 31 -2.65 7.97 -28.53
N GLU D 32 -2.94 6.72 -28.85
CA GLU D 32 -2.07 5.94 -29.71
C GLU D 32 -1.83 6.65 -31.04
N TYR D 33 -2.71 7.57 -31.44
CA TYR D 33 -2.58 8.22 -32.74
C TYR D 33 -2.13 9.68 -32.67
N ILE D 34 -2.28 10.38 -31.56
CA ILE D 34 -1.93 11.79 -31.50
C ILE D 34 -1.27 12.09 -30.17
N CYS D 35 -0.12 12.75 -30.19
CA CYS D 35 0.56 13.15 -28.98
C CYS D 35 0.34 14.63 -28.73
N MET D 36 -0.07 14.97 -27.51
CA MET D 36 -0.36 16.35 -27.14
C MET D 36 0.65 16.91 -26.16
N GLY D 37 1.89 16.39 -26.20
CA GLY D 37 2.90 16.72 -25.19
C GLY D 37 3.31 18.18 -25.12
N SER D 38 3.06 18.97 -26.16
CA SER D 38 3.41 20.39 -26.10
C SER D 38 2.21 21.30 -25.92
N ILE D 39 1.03 20.74 -25.63
CA ILE D 39 -0.18 21.52 -25.37
C ILE D 39 -0.18 21.90 -23.89
N MET D 40 -0.40 23.18 -23.60
CA MET D 40 -0.38 23.65 -22.22
C MET D 40 -1.44 22.95 -21.36
N HIS D 41 -2.67 22.81 -21.90
CA HIS D 41 -3.82 22.25 -21.20
C HIS D 41 -4.47 21.18 -22.07
N PRO D 42 -3.89 19.98 -22.13
CA PRO D 42 -4.36 18.99 -23.11
C PRO D 42 -5.60 18.24 -22.70
N SER D 43 -5.96 18.22 -21.42
CA SER D 43 -7.02 17.34 -20.97
C SER D 43 -7.94 18.08 -20.00
N GLN D 44 -9.24 17.83 -20.14
CA GLN D 44 -10.21 18.28 -19.16
C GLN D 44 -10.70 17.13 -18.29
N HIS D 45 -10.04 15.97 -18.34
CA HIS D 45 -10.42 14.84 -17.51
C HIS D 45 -10.22 15.20 -16.04
N ALA D 46 -11.28 15.08 -15.26
CA ALA D 46 -11.23 15.40 -13.85
C ALA D 46 -11.74 14.21 -13.05
N ARG D 47 -11.26 14.11 -11.81
CA ARG D 47 -11.63 12.97 -10.99
C ARG D 47 -13.01 13.13 -10.36
N ARG D 48 -13.40 14.35 -10.01
CA ARG D 48 -14.73 14.62 -9.49
C ARG D 48 -15.45 15.61 -10.41
N PRO D 49 -16.77 15.46 -10.58
CA PRO D 49 -17.48 16.27 -11.59
C PRO D 49 -17.73 17.71 -11.18
N GLU D 50 -18.71 18.33 -11.84
CA GLU D 50 -19.04 19.76 -11.76
C GLU D 50 -19.09 20.31 -10.34
N ASP D 51 -20.28 20.32 -9.74
CA ASP D 51 -20.43 20.90 -8.41
C ASP D 51 -20.31 19.83 -7.33
N VAL D 52 -21.07 20.00 -6.24
CA VAL D 52 -21.06 19.07 -5.12
C VAL D 52 -21.34 17.65 -5.61
N ALA D 53 -20.36 16.77 -5.45
CA ALA D 53 -20.50 15.39 -5.88
C ALA D 53 -21.57 14.68 -5.05
N THR D 54 -22.19 13.69 -5.67
CA THR D 54 -22.98 12.73 -4.90
C THR D 54 -22.04 11.77 -4.17
N LYS D 55 -22.62 10.94 -3.30
CA LYS D 55 -21.81 10.02 -2.50
C LYS D 55 -20.99 9.08 -3.37
N ASP D 56 -21.61 8.45 -4.37
CA ASP D 56 -20.86 7.50 -5.18
C ASP D 56 -19.84 8.17 -6.09
N GLN D 57 -19.84 9.49 -6.16
CA GLN D 57 -18.76 10.18 -6.86
C GLN D 57 -17.62 10.54 -5.94
N LEU D 58 -17.93 10.98 -4.71
CA LEU D 58 -16.86 11.42 -3.82
C LEU D 58 -16.23 10.27 -3.02
N PHE D 59 -17.04 9.36 -2.48
CA PHE D 59 -16.46 8.37 -1.58
C PHE D 59 -15.38 7.52 -2.25
N PRO D 60 -15.54 7.03 -3.49
CA PRO D 60 -14.44 6.26 -4.09
C PRO D 60 -13.12 7.01 -4.14
N LEU D 61 -13.16 8.32 -4.40
CA LEU D 61 -11.92 9.10 -4.43
C LEU D 61 -11.32 9.23 -3.04
N ALA D 62 -12.17 9.45 -2.03
CA ALA D 62 -11.69 9.53 -0.66
C ALA D 62 -11.09 8.21 -0.21
N LYS D 63 -11.78 7.10 -0.49
CA LYS D 63 -11.27 5.79 -0.11
C LYS D 63 -9.91 5.53 -0.75
N GLU D 64 -9.75 5.91 -2.02
CA GLU D 64 -8.48 5.71 -2.70
C GLU D 64 -7.35 6.47 -2.03
N PHE D 65 -7.60 7.73 -1.65
CA PHE D 65 -6.56 8.50 -0.98
C PHE D 65 -6.26 7.95 0.41
N ILE D 66 -7.30 7.63 1.18
CA ILE D 66 -7.06 7.11 2.54
C ILE D 66 -6.34 5.77 2.46
N ASP D 67 -6.73 4.92 1.51
CA ASP D 67 -6.00 3.68 1.27
C ASP D 67 -4.52 3.96 0.96
N GLN D 68 -4.27 4.95 0.08
CA GLN D 68 -2.90 5.31 -0.27
C GLN D 68 -2.13 5.80 0.96
N TYR D 69 -2.72 6.70 1.74
CA TYR D 69 -2.02 7.22 2.91
C TYR D 69 -1.70 6.11 3.92
N TYR D 70 -2.69 5.27 4.23
CA TYR D 70 -2.44 4.20 5.20
C TYR D 70 -1.50 3.13 4.66
N SER D 71 -1.51 2.89 3.34
CA SER D 71 -0.47 2.05 2.74
C SER D 71 0.91 2.67 2.92
N SER D 72 1.01 3.99 2.70
CA SER D 72 2.29 4.68 2.81
C SER D 72 2.93 4.52 4.17
N ILE D 73 2.13 4.40 5.24
CA ILE D 73 2.68 4.25 6.58
C ILE D 73 2.60 2.79 7.07
N LYS D 74 2.39 1.84 6.16
CA LYS D 74 2.42 0.40 6.48
C LYS D 74 1.33 0.02 7.48
N ARG D 75 0.15 0.61 7.30
CA ARG D 75 -0.99 0.36 8.18
C ARG D 75 -2.25 0.11 7.37
N PHE D 76 -2.10 -0.51 6.20
CA PHE D 76 -3.26 -0.87 5.38
C PHE D 76 -4.12 -1.91 6.11
N GLY D 77 -5.40 -1.60 6.26
CA GLY D 77 -6.32 -2.47 6.96
C GLY D 77 -6.24 -2.42 8.46
N SER D 78 -5.34 -1.60 9.01
CA SER D 78 -5.21 -1.45 10.45
C SER D 78 -6.51 -0.95 11.07
N LYS D 79 -6.55 -1.01 12.40
CA LYS D 79 -7.72 -0.51 13.12
C LYS D 79 -7.99 0.95 12.73
N ALA D 80 -6.96 1.79 12.72
CA ALA D 80 -7.14 3.21 12.43
C ALA D 80 -7.57 3.44 10.99
N HIS D 81 -7.01 2.67 10.05
CA HIS D 81 -7.43 2.77 8.66
C HIS D 81 -8.92 2.48 8.51
N MET D 82 -9.36 1.35 9.08
CA MET D 82 -10.77 0.97 8.98
C MET D 82 -11.68 1.98 9.67
N GLU D 83 -11.25 2.48 10.83
CA GLU D 83 -12.01 3.53 11.50
C GLU D 83 -12.11 4.77 10.62
N ARG D 84 -11.01 5.13 9.97
CA ARG D 84 -11.00 6.35 9.17
C ARG D 84 -11.97 6.25 7.98
N LEU D 85 -12.01 5.09 7.31
CA LEU D 85 -12.97 4.89 6.24
C LEU D 85 -14.40 5.08 6.74
N GLU D 86 -14.72 4.47 7.89
CA GLU D 86 -16.04 4.64 8.50
C GLU D 86 -16.32 6.11 8.78
N GLU D 87 -15.33 6.83 9.29
CA GLU D 87 -15.52 8.24 9.63
C GLU D 87 -15.76 9.08 8.39
N VAL D 88 -14.95 8.87 7.35
CA VAL D 88 -15.15 9.61 6.11
C VAL D 88 -16.51 9.26 5.50
N ASN D 89 -16.92 8.01 5.61
CA ASN D 89 -18.22 7.59 5.11
C ASN D 89 -19.36 8.38 5.76
N LYS D 90 -19.31 8.55 7.08
CA LYS D 90 -20.41 9.24 7.73
C LYS D 90 -20.34 10.75 7.49
N GLU D 91 -19.13 11.30 7.34
CA GLU D 91 -19.00 12.72 7.04
C GLU D 91 -19.63 13.05 5.70
N ILE D 92 -19.32 12.25 4.67
CA ILE D 92 -19.90 12.47 3.36
C ILE D 92 -21.41 12.27 3.42
N ASP D 93 -21.86 11.24 4.14
CA ASP D 93 -23.29 10.99 4.33
C ASP D 93 -24.02 12.21 4.87
N THR D 94 -23.37 12.98 5.76
CA THR D 94 -24.08 14.02 6.48
C THR D 94 -23.67 15.44 6.10
N THR D 95 -22.62 15.62 5.32
CA THR D 95 -22.19 16.94 4.89
C THR D 95 -21.86 17.02 3.39
N SER D 96 -21.92 15.92 2.66
CA SER D 96 -21.51 15.81 1.25
C SER D 96 -20.02 16.03 1.04
N THR D 97 -19.23 16.13 2.11
CA THR D 97 -17.79 16.24 1.97
C THR D 97 -17.14 15.57 3.17
N TYR D 98 -15.82 15.73 3.30
CA TYR D 98 -15.13 15.23 4.49
C TYR D 98 -13.91 16.10 4.76
N GLN D 99 -13.37 16.00 5.97
CA GLN D 99 -12.26 16.83 6.40
C GLN D 99 -11.01 15.97 6.59
N LEU D 100 -9.87 16.46 6.08
CA LEU D 100 -8.61 15.75 6.23
C LEU D 100 -8.02 15.95 7.62
N LYS D 101 -7.42 14.89 8.16
CA LYS D 101 -6.55 15.02 9.32
C LYS D 101 -5.29 15.82 8.94
N ASP D 102 -4.67 16.42 9.96
CA ASP D 102 -3.43 17.18 9.75
C ASP D 102 -2.37 16.33 9.06
N THR D 103 -2.17 15.09 9.54
CA THR D 103 -1.19 14.20 8.91
C THR D 103 -1.54 13.94 7.44
N GLU D 104 -2.83 13.76 7.14
CA GLU D 104 -3.23 13.47 5.76
C GLU D 104 -3.04 14.70 4.87
N LEU D 105 -3.31 15.88 5.44
CA LEU D 105 -3.11 17.12 4.71
C LEU D 105 -1.65 17.31 4.34
N ILE D 106 -0.75 17.05 5.29
CA ILE D 106 0.68 17.21 5.04
C ILE D 106 1.14 16.20 3.99
N TYR D 107 0.79 14.93 4.19
CA TYR D 107 1.07 13.89 3.19
C TYR D 107 0.59 14.31 1.80
N GLY D 108 -0.64 14.84 1.72
CA GLY D 108 -1.21 15.15 0.42
C GLY D 108 -0.52 16.30 -0.27
N ALA D 109 -0.21 17.37 0.47
CA ALA D 109 0.52 18.50 -0.11
C ALA D 109 1.89 18.07 -0.62
N LYS D 110 2.63 17.31 0.20
CA LYS D 110 3.96 16.88 -0.23
C LYS D 110 3.87 15.98 -1.45
N HIS D 111 2.88 15.11 -1.50
CA HIS D 111 2.83 14.22 -2.65
C HIS D 111 2.30 14.91 -3.90
N ALA D 112 1.47 15.95 -3.74
CA ALA D 112 1.14 16.78 -4.89
C ALA D 112 2.39 17.39 -5.52
N TRP D 113 3.31 17.89 -4.69
CA TRP D 113 4.57 18.41 -5.22
C TRP D 113 5.41 17.29 -5.82
N ARG D 114 5.52 16.17 -5.11
CA ARG D 114 6.28 15.03 -5.62
C ARG D 114 5.74 14.57 -6.98
N ASN D 115 4.44 14.72 -7.21
CA ASN D 115 3.81 14.23 -8.43
C ASN D 115 3.77 15.25 -9.56
N ALA D 116 4.34 16.45 -9.37
CA ALA D 116 4.20 17.55 -10.33
C ALA D 116 5.18 17.37 -11.47
N SER D 117 4.71 16.82 -12.59
CA SER D 117 5.63 16.39 -13.63
CA SER D 117 5.57 16.40 -13.69
C SER D 117 6.38 17.55 -14.28
N ARG D 118 5.86 18.77 -14.22
CA ARG D 118 6.50 19.92 -14.83
C ARG D 118 7.52 20.61 -13.92
N CYS D 119 7.78 20.10 -12.71
CA CYS D 119 8.63 20.78 -11.73
C CYS D 119 10.02 20.16 -11.68
N VAL D 120 11.04 20.98 -11.98
CA VAL D 120 12.43 20.52 -11.90
C VAL D 120 12.99 20.53 -10.49
N GLY D 121 12.30 21.15 -9.52
CA GLY D 121 12.80 21.30 -8.17
C GLY D 121 12.43 20.19 -7.21
N ARG D 122 11.90 19.06 -7.70
CA ARG D 122 11.25 18.10 -6.80
C ARG D 122 12.20 17.29 -5.94
N ILE D 123 13.53 17.40 -6.09
CA ILE D 123 14.39 16.67 -5.15
C ILE D 123 14.12 17.11 -3.71
N GLN D 124 13.51 18.28 -3.54
CA GLN D 124 13.21 18.89 -2.24
C GLN D 124 11.83 18.51 -1.70
N TRP D 125 11.09 17.62 -2.38
CA TRP D 125 9.65 17.52 -2.17
C TRP D 125 9.28 17.19 -0.73
N SER D 126 10.09 16.41 -0.02
CA SER D 126 9.68 16.05 1.33
C SER D 126 9.99 17.14 2.35
N LYS D 127 10.75 18.16 1.95
CA LYS D 127 11.10 19.29 2.81
C LYS D 127 10.22 20.48 2.44
N LEU D 128 8.96 20.39 2.84
CA LEU D 128 7.94 21.39 2.56
C LEU D 128 7.27 21.71 3.87
N GLN D 129 7.21 22.99 4.23
CA GLN D 129 6.52 23.39 5.45
C GLN D 129 5.05 23.65 5.10
N VAL D 130 4.15 22.98 5.81
CA VAL D 130 2.72 23.06 5.50
C VAL D 130 2.04 23.87 6.59
N PHE D 131 1.37 24.97 6.20
CA PHE D 131 0.61 25.80 7.14
C PHE D 131 -0.87 25.52 6.93
N ASP D 132 -1.55 25.03 7.95
CA ASP D 132 -2.96 24.70 7.87
C ASP D 132 -3.76 25.98 8.12
N ALA D 133 -4.37 26.54 7.07
CA ALA D 133 -5.21 27.72 7.22
C ALA D 133 -6.69 27.41 7.01
N ARG D 134 -7.10 26.19 7.35
CA ARG D 134 -8.48 25.80 7.07
C ARG D 134 -9.47 26.40 8.04
N ASP D 135 -9.00 27.10 9.07
CA ASP D 135 -9.92 27.77 9.98
C ASP D 135 -10.21 29.21 9.54
N CYS D 136 -9.66 29.63 8.40
CA CYS D 136 -9.80 31.02 7.97
C CYS D 136 -11.22 31.29 7.48
N THR D 137 -11.73 32.50 7.75
CA THR D 137 -13.09 32.85 7.33
C THR D 137 -13.20 34.16 6.56
N THR D 138 -12.20 35.03 6.58
CA THR D 138 -12.34 36.33 5.92
C THR D 138 -11.09 36.65 5.12
N ALA D 139 -11.23 37.60 4.21
CA ALA D 139 -10.08 38.04 3.43
C ALA D 139 -9.01 38.64 4.33
N HIS D 140 -9.40 39.28 5.45
CA HIS D 140 -8.41 39.77 6.41
C HIS D 140 -7.63 38.63 7.03
N GLY D 141 -8.32 37.54 7.41
CA GLY D 141 -7.62 36.37 7.87
C GLY D 141 -6.67 35.81 6.82
N MET D 142 -7.10 35.80 5.56
CA MET D 142 -6.24 35.30 4.48
C MET D 142 -4.96 36.13 4.35
N PHE D 143 -5.08 37.45 4.47
CA PHE D 143 -3.93 38.34 4.41
C PHE D 143 -2.94 38.04 5.52
N ASN D 144 -3.43 37.86 6.76
CA ASN D 144 -2.57 37.47 7.88
C ASN D 144 -1.83 36.17 7.58
N TYR D 145 -2.56 35.15 7.12
CA TYR D 145 -1.91 33.87 6.79
C TYR D 145 -0.86 34.04 5.70
N ILE D 146 -1.14 34.89 4.71
CA ILE D 146 -0.21 35.06 3.60
C ILE D 146 1.01 35.85 4.03
N CYS D 147 0.82 36.88 4.88
CA CYS D 147 1.98 37.62 5.40
C CYS D 147 2.91 36.69 6.19
N ASN D 148 2.34 35.83 7.04
CA ASN D 148 3.15 34.89 7.81
C ASN D 148 3.87 33.91 6.90
N HIS D 149 3.20 33.45 5.86
CA HIS D 149 3.84 32.57 4.89
C HIS D 149 5.03 33.28 4.24
N VAL D 150 4.82 34.49 3.74
CA VAL D 150 5.89 35.22 3.05
C VAL D 150 7.08 35.44 3.98
N LYS D 151 6.82 35.81 5.23
CA LYS D 151 7.93 36.06 6.15
C LYS D 151 8.69 34.77 6.46
N TYR D 152 7.97 33.68 6.73
CA TYR D 152 8.62 32.40 6.98
C TYR D 152 9.44 31.96 5.79
N ALA D 153 8.83 32.00 4.60
CA ALA D 153 9.47 31.47 3.41
C ALA D 153 10.65 32.33 2.99
N THR D 154 10.57 33.65 3.20
CA THR D 154 11.66 34.51 2.79
C THR D 154 12.86 34.34 3.70
N ASN D 155 12.65 34.42 5.02
CA ASN D 155 13.68 34.04 5.99
C ASN D 155 14.97 34.82 5.75
N LYS D 156 14.84 36.12 5.48
CA LYS D 156 15.95 37.04 5.24
C LYS D 156 16.85 36.55 4.10
N GLY D 157 16.27 35.87 3.10
CA GLY D 157 17.02 35.44 1.92
C GLY D 157 17.42 33.97 1.91
N ASN D 158 17.34 33.29 3.05
CA ASN D 158 17.58 31.85 3.14
C ASN D 158 16.25 31.14 2.94
N LEU D 159 15.81 31.08 1.69
CA LEU D 159 14.42 30.74 1.37
C LEU D 159 14.08 29.31 1.79
N ARG D 160 12.83 29.13 2.18
CA ARG D 160 12.31 27.86 2.69
C ARG D 160 11.00 27.58 1.98
N SER D 161 10.87 26.38 1.40
CA SER D 161 9.64 26.02 0.71
C SER D 161 8.46 25.92 1.68
N ALA D 162 7.29 26.41 1.24
CA ALA D 162 6.13 26.40 2.11
C ALA D 162 4.86 26.42 1.28
N ILE D 163 3.77 25.94 1.90
CA ILE D 163 2.46 26.02 1.29
C ILE D 163 1.49 26.39 2.41
N THR D 164 0.53 27.24 2.10
CA THR D 164 -0.55 27.60 3.02
C THR D 164 -1.86 27.17 2.41
N ILE D 165 -2.68 26.44 3.16
CA ILE D 165 -3.84 25.76 2.60
C ILE D 165 -5.09 26.32 3.24
N PHE D 166 -5.89 27.04 2.45
CA PHE D 166 -7.15 27.63 2.86
C PHE D 166 -8.29 26.63 2.71
N PRO D 167 -9.48 26.96 3.24
CA PRO D 167 -10.58 25.98 3.23
C PRO D 167 -10.91 25.46 1.84
N GLN D 168 -11.22 24.17 1.78
CA GLN D 168 -11.53 23.50 0.53
C GLN D 168 -12.86 24.01 -0.04
N ARG D 169 -13.04 23.76 -1.34
CA ARG D 169 -14.29 24.09 -1.99
C ARG D 169 -15.44 23.30 -1.39
N THR D 170 -16.60 23.96 -1.27
CA THR D 170 -17.80 23.28 -0.79
C THR D 170 -18.76 23.06 -1.94
N ASP D 171 -19.54 24.09 -2.28
CA ASP D 171 -20.50 24.01 -3.38
C ASP D 171 -20.04 24.73 -4.62
N GLY D 172 -18.88 25.38 -4.60
CA GLY D 172 -18.45 26.18 -5.72
C GLY D 172 -18.95 27.61 -5.71
N LYS D 173 -19.80 27.97 -4.75
CA LYS D 173 -20.25 29.34 -4.59
C LYS D 173 -19.59 30.01 -3.39
N HIS D 174 -18.78 29.29 -2.62
CA HIS D 174 -18.10 29.83 -1.46
C HIS D 174 -16.59 29.67 -1.55
N ASP D 175 -16.04 29.75 -2.75
CA ASP D 175 -14.62 29.49 -2.96
C ASP D 175 -13.76 30.53 -2.25
N PHE D 176 -12.68 30.06 -1.63
CA PHE D 176 -11.55 30.91 -1.29
C PHE D 176 -10.64 31.00 -2.51
N ARG D 177 -10.26 32.23 -2.89
CA ARG D 177 -9.34 32.42 -4.02
C ARG D 177 -8.36 33.54 -3.73
N VAL D 178 -7.12 33.32 -4.12
CA VAL D 178 -6.16 34.41 -4.28
C VAL D 178 -6.23 34.80 -5.75
N TRP D 179 -6.67 36.04 -6.04
CA TRP D 179 -6.82 36.43 -7.43
C TRP D 179 -5.48 36.68 -8.11
N ASN D 180 -4.47 37.08 -7.34
CA ASN D 180 -3.12 37.19 -7.88
C ASN D 180 -2.64 35.84 -8.41
N SER D 181 -1.86 35.88 -9.49
CA SER D 181 -1.32 34.62 -9.99
C SER D 181 -0.10 34.17 -9.18
N GLN D 182 0.65 35.12 -8.64
CA GLN D 182 1.69 34.91 -7.64
C GLN D 182 1.52 35.95 -6.55
N LEU D 183 2.03 35.60 -5.35
CA LEU D 183 1.85 36.49 -4.21
C LEU D 183 2.54 37.82 -4.45
N ILE D 184 3.69 37.79 -5.13
CA ILE D 184 4.46 38.99 -5.46
C ILE D 184 4.66 39.01 -6.97
N ARG D 185 4.14 40.05 -7.62
CA ARG D 185 4.32 40.29 -9.04
C ARG D 185 4.28 41.80 -9.29
N TYR D 186 4.77 42.22 -10.46
CA TYR D 186 4.83 43.64 -10.78
C TYR D 186 3.67 44.04 -11.70
N ALA D 187 3.17 45.26 -11.50
CA ALA D 187 2.05 45.76 -12.29
C ALA D 187 2.45 45.99 -13.74
N GLY D 188 1.46 45.97 -14.61
CA GLY D 188 1.63 46.36 -16.00
C GLY D 188 0.55 47.32 -16.42
N TYR D 189 0.92 48.32 -17.21
CA TYR D 189 0.02 49.40 -17.57
C TYR D 189 0.04 49.64 -19.07
N LYS D 190 -1.13 49.67 -19.68
CA LYS D 190 -1.25 50.13 -21.07
C LYS D 190 -0.97 51.62 -21.15
N GLN D 191 -0.20 52.02 -22.14
CA GLN D 191 0.26 53.40 -22.26
C GLN D 191 -0.57 54.17 -23.29
N PRO D 192 -0.48 55.50 -23.28
CA PRO D 192 -1.13 56.28 -24.34
C PRO D 192 -0.75 55.84 -25.75
N ASP D 193 0.54 55.74 -26.05
CA ASP D 193 0.98 55.45 -27.41
C ASP D 193 0.73 54.02 -27.84
N GLY D 194 0.24 53.16 -26.95
CA GLY D 194 -0.05 51.78 -27.28
C GLY D 194 0.94 50.78 -26.73
N SER D 195 2.09 51.22 -26.23
CA SER D 195 3.07 50.32 -25.64
C SER D 195 2.62 49.92 -24.23
N THR D 196 3.51 49.28 -23.47
CA THR D 196 3.18 48.78 -22.14
C THR D 196 4.29 49.12 -21.16
N LEU D 197 3.93 49.67 -20.01
CA LEU D 197 4.85 49.94 -18.91
C LEU D 197 4.73 48.84 -17.85
N GLY D 198 5.87 48.39 -17.35
CA GLY D 198 5.86 47.30 -16.36
C GLY D 198 5.77 45.93 -17.02
N ASP D 199 5.07 45.01 -16.34
CA ASP D 199 5.01 43.62 -16.79
C ASP D 199 3.76 43.40 -17.63
N PRO D 200 3.86 43.19 -18.95
CA PRO D 200 2.66 43.04 -19.77
C PRO D 200 1.76 41.88 -19.35
N ALA D 201 2.32 40.84 -18.73
CA ALA D 201 1.55 39.69 -18.28
C ALA D 201 0.45 40.08 -17.31
N ASN D 202 0.65 41.14 -16.55
CA ASN D 202 -0.25 41.48 -15.46
C ASN D 202 -1.13 42.68 -15.79
N VAL D 203 -1.22 43.07 -17.06
CA VAL D 203 -2.01 44.25 -17.43
C VAL D 203 -3.46 44.07 -17.01
N GLN D 204 -4.04 42.89 -17.26
CA GLN D 204 -5.45 42.71 -16.93
C GLN D 204 -5.67 42.68 -15.43
N PHE D 205 -4.80 41.98 -14.70
CA PHE D 205 -4.94 41.96 -13.25
C PHE D 205 -4.72 43.35 -12.65
N THR D 206 -3.75 44.09 -13.18
CA THR D 206 -3.53 45.48 -12.74
C THR D 206 -4.79 46.33 -12.94
N GLU D 207 -5.43 46.21 -14.10
CA GLU D 207 -6.62 47.03 -14.37
C GLU D 207 -7.74 46.70 -13.40
N ILE D 208 -7.90 45.42 -13.04
CA ILE D 208 -8.88 45.04 -12.03
C ILE D 208 -8.55 45.70 -10.70
N CYS D 209 -7.28 45.72 -10.32
CA CYS D 209 -6.87 46.34 -9.05
C CYS D 209 -7.19 47.83 -9.04
N ILE D 210 -6.83 48.53 -10.12
CA ILE D 210 -7.14 49.95 -10.24
C ILE D 210 -8.65 50.16 -10.18
N GLN D 211 -9.39 49.30 -10.88
CA GLN D 211 -10.85 49.35 -10.83
C GLN D 211 -11.36 49.28 -9.41
N GLN D 212 -10.74 48.45 -8.57
CA GLN D 212 -11.19 48.26 -7.20
C GLN D 212 -10.65 49.32 -6.24
N GLY D 213 -10.02 50.38 -6.75
CA GLY D 213 -9.59 51.48 -5.93
C GLY D 213 -8.10 51.58 -5.69
N TRP D 214 -7.31 50.65 -6.21
CA TRP D 214 -5.86 50.74 -6.01
C TRP D 214 -5.31 51.95 -6.76
N LYS D 215 -4.45 52.71 -6.08
CA LYS D 215 -3.83 53.88 -6.68
C LYS D 215 -2.46 53.46 -7.19
N PRO D 216 -2.27 53.33 -8.50
CA PRO D 216 -1.00 52.82 -9.01
C PRO D 216 0.06 53.90 -9.01
N PRO D 217 1.28 53.58 -8.57
CA PRO D 217 2.40 54.53 -8.74
C PRO D 217 2.83 54.70 -10.20
N ARG D 218 2.49 53.75 -11.07
CA ARG D 218 2.78 53.81 -12.51
C ARG D 218 4.28 53.82 -12.78
N GLY D 219 4.99 52.88 -12.16
CA GLY D 219 6.37 52.61 -12.46
C GLY D 219 6.54 51.29 -13.19
N ARG D 220 7.81 50.90 -13.35
CA ARG D 220 8.15 49.68 -14.08
C ARG D 220 8.15 48.45 -13.19
N PHE D 221 8.26 48.63 -11.87
CA PHE D 221 8.32 47.54 -10.92
C PHE D 221 7.49 47.89 -9.68
N ASP D 222 6.19 48.10 -9.87
CA ASP D 222 5.26 48.34 -8.77
C ASP D 222 4.75 46.99 -8.25
N VAL D 223 5.05 46.67 -6.99
CA VAL D 223 4.51 45.44 -6.42
C VAL D 223 3.00 45.55 -6.34
N LEU D 224 2.31 44.57 -6.90
CA LEU D 224 0.86 44.58 -6.92
C LEU D 224 0.29 44.33 -5.52
N PRO D 225 -0.90 44.86 -5.23
CA PRO D 225 -1.57 44.51 -3.98
C PRO D 225 -2.09 43.09 -4.04
N LEU D 226 -2.42 42.53 -2.88
CA LEU D 226 -3.14 41.27 -2.83
C LEU D 226 -4.62 41.50 -3.04
N LEU D 227 -5.25 40.65 -3.84
CA LEU D 227 -6.69 40.68 -4.10
C LEU D 227 -7.25 39.34 -3.62
N LEU D 228 -7.88 39.34 -2.45
CA LEU D 228 -8.17 38.11 -1.73
C LEU D 228 -9.67 37.89 -1.60
N GLN D 229 -10.10 36.67 -1.91
CA GLN D 229 -11.52 36.29 -1.87
C GLN D 229 -11.72 35.16 -0.88
N ALA D 230 -12.61 35.37 0.08
CA ALA D 230 -12.92 34.39 1.12
C ALA D 230 -14.39 34.02 1.05
N ASN D 231 -14.66 32.72 1.14
CA ASN D 231 -16.04 32.21 1.23
C ASN D 231 -16.95 32.79 0.16
N GLY D 232 -16.43 32.94 -1.06
CA GLY D 232 -17.21 33.36 -2.20
C GLY D 232 -17.52 34.84 -2.27
N ASN D 233 -17.11 35.63 -1.29
CA ASN D 233 -17.47 37.05 -1.28
C ASN D 233 -16.64 37.80 -2.32
N ASP D 234 -17.00 39.06 -2.54
CA ASP D 234 -16.21 39.91 -3.42
C ASP D 234 -14.79 40.02 -2.86
N PRO D 235 -13.77 40.05 -3.71
CA PRO D 235 -12.39 40.11 -3.21
C PRO D 235 -12.04 41.48 -2.64
N GLU D 236 -11.02 41.50 -1.77
CA GLU D 236 -10.59 42.71 -1.09
C GLU D 236 -9.11 42.96 -1.31
N LEU D 237 -8.72 44.24 -1.41
CA LEU D 237 -7.34 44.64 -1.66
C LEU D 237 -6.55 44.81 -0.35
N PHE D 238 -5.28 44.39 -0.37
CA PHE D 238 -4.35 44.57 0.75
C PHE D 238 -2.96 44.86 0.22
N GLN D 239 -2.24 45.78 0.85
CA GLN D 239 -0.85 46.05 0.50
C GLN D 239 0.08 45.16 1.33
N ILE D 240 0.89 44.35 0.66
CA ILE D 240 1.88 43.57 1.41
C ILE D 240 2.87 44.53 2.06
N PRO D 241 3.15 44.40 3.36
CA PRO D 241 4.14 45.28 3.99
C PRO D 241 5.46 45.20 3.25
N PRO D 242 5.98 46.33 2.76
CA PRO D 242 7.15 46.28 1.88
C PRO D 242 8.37 45.65 2.52
N GLU D 243 8.50 45.70 3.86
CA GLU D 243 9.64 45.03 4.48
C GLU D 243 9.56 43.51 4.39
N LEU D 244 8.40 42.96 4.06
CA LEU D 244 8.31 41.53 3.81
C LEU D 244 8.66 41.16 2.37
N VAL D 245 8.79 42.14 1.47
CA VAL D 245 8.99 41.85 0.04
C VAL D 245 10.47 42.01 -0.26
N LEU D 246 11.19 40.91 -0.33
CA LEU D 246 12.63 40.97 -0.60
C LEU D 246 12.85 41.11 -2.09
N GLU D 247 13.65 42.11 -2.48
CA GLU D 247 13.94 42.37 -3.88
C GLU D 247 15.46 42.47 -4.08
N VAL D 248 15.89 42.10 -5.28
CA VAL D 248 17.30 42.05 -5.64
C VAL D 248 17.54 43.00 -6.81
N PRO D 249 18.30 44.09 -6.62
CA PRO D 249 18.69 44.90 -7.78
C PRO D 249 19.71 44.15 -8.63
N ILE D 250 19.54 44.22 -9.95
CA ILE D 250 20.31 43.40 -10.86
C ILE D 250 21.52 44.19 -11.35
N ARG D 251 22.71 43.64 -11.13
CA ARG D 251 23.94 44.19 -11.65
C ARG D 251 24.80 43.07 -12.22
N HIS D 252 25.83 43.44 -12.99
CA HIS D 252 26.67 42.51 -13.72
C HIS D 252 28.09 42.52 -13.15
N PRO D 253 28.72 41.35 -13.03
CA PRO D 253 30.06 41.31 -12.42
C PRO D 253 31.13 41.97 -13.28
N LYS D 254 30.87 42.16 -14.56
CA LYS D 254 31.83 42.72 -15.51
C LYS D 254 31.39 44.06 -16.10
N PHE D 255 30.11 44.20 -16.46
CA PHE D 255 29.59 45.39 -17.11
C PHE D 255 29.10 46.36 -16.05
N GLU D 256 29.88 47.41 -15.79
CA GLU D 256 29.47 48.39 -14.79
C GLU D 256 28.22 49.15 -15.19
N TRP D 257 27.91 49.19 -16.48
CA TRP D 257 26.72 49.90 -16.94
C TRP D 257 25.44 49.12 -16.71
N PHE D 258 25.51 47.84 -16.36
CA PHE D 258 24.30 47.04 -16.27
C PHE D 258 23.35 47.56 -15.21
N LYS D 259 23.90 48.04 -14.08
CA LYS D 259 23.06 48.56 -13.01
C LYS D 259 22.22 49.74 -13.48
N ASP D 260 22.73 50.53 -14.43
CA ASP D 260 22.00 51.70 -14.91
C ASP D 260 20.71 51.33 -15.65
N LEU D 261 20.53 50.06 -16.03
CA LEU D 261 19.29 49.61 -16.64
C LEU D 261 18.10 49.70 -15.67
N GLY D 262 18.36 49.82 -14.37
CA GLY D 262 17.28 49.93 -13.42
C GLY D 262 16.50 48.66 -13.18
N LEU D 263 17.08 47.50 -13.46
CA LEU D 263 16.34 46.25 -13.30
C LEU D 263 16.39 45.75 -11.87
N LYS D 264 15.30 45.13 -11.43
CA LYS D 264 15.32 44.37 -10.19
C LYS D 264 14.35 43.21 -10.33
N TRP D 265 14.39 42.30 -9.34
CA TRP D 265 13.36 41.27 -9.28
C TRP D 265 13.15 40.90 -7.83
N TYR D 266 12.04 40.22 -7.58
CA TYR D 266 11.72 39.79 -6.22
C TYR D 266 12.31 38.40 -5.98
N GLY D 267 12.57 38.12 -4.71
CA GLY D 267 13.23 36.88 -4.34
C GLY D 267 12.35 35.66 -4.23
N LEU D 268 11.04 35.85 -3.99
CA LEU D 268 10.18 34.74 -3.61
C LEU D 268 9.20 34.38 -4.71
N PRO D 269 9.40 33.26 -5.43
CA PRO D 269 8.37 32.81 -6.38
C PRO D 269 7.27 32.07 -5.63
N ALA D 270 6.06 32.61 -5.64
CA ALA D 270 4.98 32.09 -4.78
C ALA D 270 3.71 31.89 -5.59
N VAL D 271 3.47 30.66 -6.05
CA VAL D 271 2.35 30.39 -6.95
C VAL D 271 1.05 30.39 -6.18
N SER D 272 0.08 31.19 -6.64
CA SER D 272 -1.17 31.28 -5.89
C SER D 272 -2.42 31.07 -6.75
N ASN D 273 -2.29 30.63 -8.00
CA ASN D 273 -3.48 30.47 -8.84
C ASN D 273 -3.81 29.02 -9.16
N MET D 274 -3.13 28.06 -8.56
CA MET D 274 -3.42 26.66 -8.83
C MET D 274 -4.31 26.06 -7.75
N LEU D 275 -4.79 24.85 -8.03
CA LEU D 275 -5.69 24.13 -7.16
C LEU D 275 -5.04 22.84 -6.69
N LEU D 276 -5.16 22.55 -5.39
CA LEU D 276 -4.60 21.34 -4.80
C LEU D 276 -5.71 20.32 -4.63
N GLU D 277 -5.56 19.16 -5.26
CA GLU D 277 -6.58 18.11 -5.22
C GLU D 277 -6.06 16.94 -4.40
N ILE D 278 -6.75 16.63 -3.31
CA ILE D 278 -6.42 15.51 -2.45
C ILE D 278 -7.69 14.70 -2.20
N GLY D 279 -7.69 13.46 -2.65
CA GLY D 279 -8.81 12.54 -2.39
C GLY D 279 -10.16 13.09 -2.76
N GLY D 280 -10.27 13.80 -3.88
CA GLY D 280 -11.54 14.37 -4.29
C GLY D 280 -11.85 15.74 -3.72
N LEU D 281 -11.09 16.19 -2.73
CA LEU D 281 -11.27 17.52 -2.16
C LEU D 281 -10.44 18.54 -2.94
N GLU D 282 -11.01 19.73 -3.12
CA GLU D 282 -10.41 20.76 -3.98
C GLU D 282 -10.08 22.00 -3.14
N PHE D 283 -8.79 22.27 -2.98
CA PHE D 283 -8.30 23.43 -2.24
C PHE D 283 -7.96 24.51 -3.28
N SER D 284 -8.92 25.41 -3.51
CA SER D 284 -8.81 26.41 -4.57
C SER D 284 -7.90 27.56 -4.20
N ALA D 285 -7.56 27.73 -2.93
CA ALA D 285 -6.55 28.70 -2.53
C ALA D 285 -5.47 27.94 -1.77
N CYS D 286 -4.29 27.86 -2.36
CA CYS D 286 -3.22 27.11 -1.73
C CYS D 286 -1.85 27.66 -2.14
N PRO D 287 -1.55 28.92 -1.83
CA PRO D 287 -0.28 29.51 -2.30
C PRO D 287 0.91 28.70 -1.80
N PHE D 288 1.82 28.40 -2.73
CA PHE D 288 3.04 27.69 -2.37
C PHE D 288 4.23 28.41 -2.98
N SER D 289 5.39 28.28 -2.32
CA SER D 289 6.56 29.02 -2.75
C SER D 289 7.80 28.18 -2.53
N GLY D 290 8.81 28.45 -3.35
CA GLY D 290 10.12 27.84 -3.24
C GLY D 290 11.20 28.88 -3.41
N TRP D 291 12.11 28.65 -4.34
CA TRP D 291 13.12 29.63 -4.70
C TRP D 291 13.36 29.49 -6.19
N TYR D 292 13.96 30.52 -6.79
CA TYR D 292 14.04 30.60 -8.24
C TYR D 292 15.17 29.76 -8.83
N MET D 293 14.90 29.25 -10.03
CA MET D 293 15.96 28.93 -10.99
C MET D 293 16.19 30.19 -11.82
N GLY D 294 17.46 30.56 -12.00
CA GLY D 294 17.80 31.85 -12.60
C GLY D 294 17.16 32.11 -13.96
N THR D 295 17.01 31.06 -14.78
CA THR D 295 16.44 31.24 -16.12
C THR D 295 15.00 31.71 -16.08
N GLU D 296 14.25 31.43 -15.01
CA GLU D 296 12.87 31.89 -14.95
C GLU D 296 12.80 33.41 -15.03
N ILE D 297 13.72 34.10 -14.36
CA ILE D 297 13.82 35.55 -14.42
C ILE D 297 14.60 36.00 -15.65
N GLY D 298 15.81 35.47 -15.82
CA GLY D 298 16.72 36.01 -16.82
C GLY D 298 16.35 35.67 -18.26
N VAL D 299 15.75 34.51 -18.49
CA VAL D 299 15.32 34.16 -19.85
C VAL D 299 13.87 34.56 -20.09
N ARG D 300 12.96 34.11 -19.22
CA ARG D 300 11.54 34.27 -19.53
C ARG D 300 11.02 35.65 -19.12
N ASP D 301 11.12 35.98 -17.82
CA ASP D 301 10.58 37.25 -17.34
C ASP D 301 11.21 38.43 -18.08
N TYR D 302 12.52 38.40 -18.28
CA TYR D 302 13.20 39.54 -18.87
C TYR D 302 13.22 39.55 -20.39
N CYS D 303 13.29 38.38 -21.04
CA CYS D 303 13.56 38.34 -22.46
C CYS D 303 12.42 37.82 -23.33
N ASP D 304 11.34 37.30 -22.74
CA ASP D 304 10.16 37.00 -23.56
C ASP D 304 9.74 38.27 -24.28
N ASN D 305 9.36 38.12 -25.55
CA ASN D 305 8.88 39.24 -26.34
C ASN D 305 7.67 39.92 -25.71
N SER D 306 6.75 39.14 -25.15
CA SER D 306 5.55 39.72 -24.56
C SER D 306 5.70 39.96 -23.07
N ARG D 307 6.92 39.97 -22.55
CA ARG D 307 7.15 40.35 -21.14
C ARG D 307 7.99 41.62 -21.09
N TYR D 308 9.06 41.65 -20.29
CA TYR D 308 9.84 42.89 -20.20
C TYR D 308 10.71 43.15 -21.43
N ASN D 309 11.02 42.13 -22.23
CA ASN D 309 11.54 42.33 -23.59
C ASN D 309 12.77 43.23 -23.63
N ILE D 310 13.79 42.90 -22.82
CA ILE D 310 14.93 43.81 -22.68
C ILE D 310 16.10 43.50 -23.62
N LEU D 311 15.99 42.48 -24.48
CA LEU D 311 17.14 42.05 -25.27
C LEU D 311 17.73 43.19 -26.09
N GLU D 312 16.88 43.96 -26.78
CA GLU D 312 17.38 45.07 -27.59
C GLU D 312 18.21 46.04 -26.75
N GLU D 313 17.67 46.47 -25.61
CA GLU D 313 18.34 47.48 -24.81
C GLU D 313 19.69 46.98 -24.30
N VAL D 314 19.75 45.72 -23.89
CA VAL D 314 21.01 45.17 -23.38
C VAL D 314 22.02 45.03 -24.52
N ALA D 315 21.59 44.51 -25.66
CA ALA D 315 22.51 44.31 -26.78
C ALA D 315 23.08 45.64 -27.26
N LYS D 316 22.27 46.70 -27.24
CA LYS D 316 22.78 48.02 -27.60
C LYS D 316 23.90 48.46 -26.68
N LYS D 317 23.72 48.28 -25.36
CA LYS D 317 24.78 48.63 -24.43
C LYS D 317 26.02 47.76 -24.63
N MET D 318 25.84 46.53 -25.11
CA MET D 318 26.97 45.66 -25.40
C MET D 318 27.61 45.96 -26.75
N ASN D 319 27.01 46.85 -27.55
CA ASN D 319 27.54 47.25 -28.85
C ASN D 319 27.65 46.07 -29.82
N LEU D 320 26.64 45.21 -29.77
CA LEU D 320 26.61 44.05 -30.65
C LEU D 320 26.07 44.43 -32.03
N ASP D 321 26.51 43.69 -33.03
CA ASP D 321 25.99 43.79 -34.39
C ASP D 321 24.57 43.26 -34.40
N MET D 322 23.58 44.14 -34.55
CA MET D 322 22.17 43.78 -34.45
C MET D 322 21.42 43.84 -35.77
N ARG D 323 22.13 43.96 -36.89
CA ARG D 323 21.46 44.07 -38.18
C ARG D 323 20.81 42.77 -38.61
N LYS D 324 21.35 41.62 -38.19
CA LYS D 324 20.89 40.33 -38.68
C LYS D 324 20.86 39.33 -37.54
N THR D 325 19.99 38.32 -37.69
CA THR D 325 19.84 37.31 -36.65
C THR D 325 21.10 36.47 -36.50
N SER D 326 21.81 36.23 -37.60
CA SER D 326 22.90 35.25 -37.59
C SER D 326 24.12 35.73 -36.83
N SER D 327 24.16 37.00 -36.40
CA SER D 327 25.21 37.39 -35.47
C SER D 327 24.96 36.86 -34.06
N LEU D 328 23.78 36.30 -33.81
CA LEU D 328 23.39 35.73 -32.53
C LEU D 328 23.48 36.77 -31.41
N TRP D 329 23.17 38.03 -31.74
CA TRP D 329 23.19 39.08 -30.72
C TRP D 329 22.17 38.80 -29.63
N LYS D 330 21.02 38.22 -29.96
CA LYS D 330 20.08 37.90 -28.90
C LYS D 330 20.64 36.84 -27.94
N ASP D 331 21.30 35.82 -28.51
CA ASP D 331 21.88 34.75 -27.69
C ASP D 331 22.98 35.29 -26.78
N GLN D 332 23.81 36.21 -27.30
CA GLN D 332 24.90 36.76 -26.51
C GLN D 332 24.37 37.58 -25.35
N ALA D 333 23.43 38.49 -25.62
CA ALA D 333 22.84 39.28 -24.54
C ALA D 333 22.13 38.39 -23.55
N LEU D 334 21.47 37.33 -24.03
CA LEU D 334 20.71 36.46 -23.15
C LEU D 334 21.60 35.86 -22.07
N VAL D 335 22.81 35.40 -22.45
CA VAL D 335 23.70 34.81 -21.45
C VAL D 335 24.12 35.86 -20.44
N GLU D 336 24.50 37.05 -20.91
CA GLU D 336 24.98 38.10 -20.01
C GLU D 336 23.91 38.46 -18.99
N ILE D 337 22.65 38.53 -19.43
CA ILE D 337 21.57 38.86 -18.50
C ILE D 337 21.46 37.79 -17.42
N ASN D 338 21.58 36.53 -17.83
CA ASN D 338 21.44 35.44 -16.86
C ASN D 338 22.63 35.36 -15.91
N ILE D 339 23.83 35.74 -16.39
CA ILE D 339 24.98 35.90 -15.49
C ILE D 339 24.67 36.95 -14.44
N ALA D 340 24.09 38.08 -14.85
CA ALA D 340 23.78 39.17 -13.92
C ALA D 340 22.79 38.73 -12.84
N VAL D 341 21.68 38.09 -13.25
CA VAL D 341 20.66 37.64 -12.30
C VAL D 341 21.28 36.75 -11.23
N LEU D 342 22.05 35.74 -11.65
CA LEU D 342 22.67 34.82 -10.70
C LEU D 342 23.66 35.56 -9.80
N TYR D 343 24.55 36.35 -10.41
CA TYR D 343 25.53 37.12 -9.64
C TYR D 343 24.85 38.01 -8.59
N SER D 344 23.70 38.59 -8.94
CA SER D 344 23.05 39.55 -8.05
C SER D 344 22.39 38.87 -6.86
N PHE D 345 21.62 37.80 -7.10
CA PHE D 345 21.03 37.03 -6.02
C PHE D 345 22.12 36.48 -5.11
N GLN D 346 23.18 35.91 -5.69
CA GLN D 346 24.24 35.34 -4.87
C GLN D 346 24.96 36.41 -4.06
N SER D 347 25.13 37.60 -4.63
CA SER D 347 25.80 38.67 -3.89
C SER D 347 24.97 39.12 -2.70
N ASP D 348 23.65 39.10 -2.84
CA ASP D 348 22.75 39.50 -1.75
C ASP D 348 22.36 38.35 -0.85
N LYS D 349 22.97 37.18 -1.05
CA LYS D 349 22.66 35.97 -0.28
C LYS D 349 21.17 35.67 -0.28
N VAL D 350 20.57 35.73 -1.45
CA VAL D 350 19.21 35.25 -1.67
C VAL D 350 19.31 33.92 -2.41
N THR D 351 18.66 32.89 -1.89
CA THR D 351 18.69 31.57 -2.52
C THR D 351 18.32 31.65 -3.99
N ILE D 352 19.16 31.05 -4.84
CA ILE D 352 18.89 30.90 -6.26
C ILE D 352 19.67 29.68 -6.74
N VAL D 353 19.19 29.04 -7.80
CA VAL D 353 19.89 27.92 -8.39
C VAL D 353 20.01 28.16 -9.88
N ASP D 354 21.19 27.90 -10.43
CA ASP D 354 21.36 27.98 -11.88
C ASP D 354 20.81 26.72 -12.55
N HIS D 355 20.51 26.84 -13.86
CA HIS D 355 19.92 25.73 -14.60
C HIS D 355 20.87 24.52 -14.72
N HIS D 356 22.19 24.72 -14.61
CA HIS D 356 23.08 23.57 -14.65
C HIS D 356 22.94 22.73 -13.37
N SER D 357 22.99 23.38 -12.21
CA SER D 357 22.85 22.68 -10.95
C SER D 357 21.45 22.10 -10.76
N ALA D 358 20.42 22.84 -11.17
CA ALA D 358 19.04 22.38 -11.00
C ALA D 358 18.76 21.13 -11.84
N THR D 359 19.24 21.10 -13.09
CA THR D 359 18.93 19.96 -13.93
C THR D 359 19.70 18.72 -13.49
N GLU D 360 20.94 18.91 -13.05
CA GLU D 360 21.70 17.79 -12.49
C GLU D 360 21.01 17.20 -11.28
N SER D 361 20.53 18.05 -10.37
CA SER D 361 19.80 17.53 -9.22
CA SER D 361 19.79 17.55 -9.22
C SER D 361 18.52 16.81 -9.63
N PHE D 362 17.88 17.24 -10.71
CA PHE D 362 16.68 16.53 -11.12
C PHE D 362 17.01 15.13 -11.64
N ILE D 363 18.10 15.00 -12.39
CA ILE D 363 18.55 13.67 -12.83
C ILE D 363 18.79 12.78 -11.61
N LYS D 364 19.41 13.31 -10.58
CA LYS D 364 19.61 12.56 -9.35
C LYS D 364 18.27 12.18 -8.70
N HIS D 365 17.33 13.12 -8.66
CA HIS D 365 16.00 12.84 -8.13
C HIS D 365 15.31 11.74 -8.93
N MET D 366 15.36 11.82 -10.27
CA MET D 366 14.79 10.75 -11.08
C MET D 366 15.35 9.38 -10.68
N GLU D 367 16.68 9.25 -10.59
CA GLU D 367 17.30 7.99 -10.19
CA GLU D 367 17.28 7.97 -10.21
C GLU D 367 16.74 7.50 -8.86
N ASN D 368 16.68 8.40 -7.88
CA ASN D 368 16.15 8.05 -6.57
C ASN D 368 14.72 7.54 -6.67
N GLU D 369 13.89 8.25 -7.43
CA GLU D 369 12.47 7.88 -7.54
C GLU D 369 12.28 6.55 -8.24
N TYR D 370 13.06 6.28 -9.30
CA TYR D 370 12.95 4.97 -9.93
C TYR D 370 13.40 3.88 -8.98
N ARG D 371 14.43 4.15 -8.18
CA ARG D 371 14.94 3.13 -7.27
C ARG D 371 13.97 2.83 -6.13
N CYS D 372 13.36 3.85 -5.54
CA CYS D 372 12.50 3.61 -4.39
C CYS D 372 11.02 3.51 -4.75
N ARG D 373 10.55 4.21 -5.79
CA ARG D 373 9.13 4.31 -6.08
C ARG D 373 8.73 3.61 -7.37
N GLY D 374 9.69 3.22 -8.22
CA GLY D 374 9.35 2.60 -9.49
C GLY D 374 9.05 3.56 -10.61
N GLY D 375 9.28 4.85 -10.41
CA GLY D 375 9.13 5.79 -11.51
C GLY D 375 9.07 7.22 -11.02
N CYS D 376 9.04 8.12 -11.99
CA CYS D 376 8.92 9.55 -11.73
C CYS D 376 8.31 10.25 -12.94
N PRO D 377 7.06 10.69 -12.87
CA PRO D 377 6.47 11.41 -14.02
C PRO D 377 7.18 12.73 -14.28
N ALA D 378 7.51 12.98 -15.54
CA ALA D 378 8.32 14.15 -15.88
C ALA D 378 7.93 14.62 -17.27
N ASP D 379 7.71 15.92 -17.40
CA ASP D 379 7.30 16.57 -18.63
C ASP D 379 8.54 17.20 -19.26
N TRP D 380 9.11 16.55 -20.29
CA TRP D 380 10.36 17.04 -20.88
C TRP D 380 10.22 18.48 -21.37
N VAL D 381 9.08 18.79 -21.99
CA VAL D 381 8.84 20.11 -22.55
C VAL D 381 9.03 21.22 -21.53
N TRP D 382 8.66 20.95 -20.27
CA TRP D 382 8.79 21.92 -19.19
C TRP D 382 10.08 21.79 -18.39
N ILE D 383 10.67 20.60 -18.32
CA ILE D 383 11.82 20.38 -17.46
C ILE D 383 13.08 20.95 -18.11
N VAL D 384 13.20 20.83 -19.43
CA VAL D 384 14.40 21.34 -20.12
C VAL D 384 14.41 22.86 -20.05
N PRO D 385 15.50 23.48 -19.63
CA PRO D 385 15.51 24.94 -19.43
C PRO D 385 15.37 25.69 -20.73
N PRO D 386 14.89 26.94 -20.68
CA PRO D 386 14.66 27.72 -21.91
C PRO D 386 15.90 28.33 -22.52
N MET D 387 17.09 28.08 -21.99
CA MET D 387 18.31 28.39 -22.73
C MET D 387 19.29 27.24 -22.56
N SER D 388 20.22 27.12 -23.52
CA SER D 388 21.33 26.16 -23.43
C SER D 388 20.84 24.73 -23.21
N GLY D 389 19.71 24.38 -23.83
CA GLY D 389 19.06 23.11 -23.59
C GLY D 389 19.98 21.90 -23.59
N SER D 390 20.70 21.67 -24.68
CA SER D 390 21.42 20.42 -24.75
C SER D 390 22.73 20.41 -23.96
N ILE D 391 23.13 21.50 -23.32
CA ILE D 391 24.30 21.35 -22.47
C ILE D 391 23.84 21.09 -21.04
N THR D 392 22.49 20.85 -20.84
CA THR D 392 22.04 20.35 -19.55
C THR D 392 21.75 18.86 -19.65
N PRO D 393 21.91 18.09 -18.55
CA PRO D 393 21.72 16.63 -18.66
C PRO D 393 20.29 16.21 -18.96
N VAL D 394 19.29 17.02 -18.62
CA VAL D 394 17.90 16.59 -18.85
C VAL D 394 17.53 16.58 -20.34
N PHE D 395 18.24 17.35 -21.17
CA PHE D 395 17.96 17.33 -22.61
C PHE D 395 18.10 15.93 -23.17
N HIS D 396 19.08 15.17 -22.67
CA HIS D 396 19.40 13.85 -23.17
C HIS D 396 18.69 12.73 -22.42
N GLN D 397 17.82 13.09 -21.47
CA GLN D 397 17.11 12.13 -20.64
C GLN D 397 15.69 11.90 -21.19
N GLU D 398 15.39 10.67 -21.58
CA GLU D 398 14.01 10.34 -21.92
C GLU D 398 13.18 10.34 -20.64
N MET D 399 11.91 10.74 -20.77
CA MET D 399 11.04 10.86 -19.63
C MET D 399 9.66 10.33 -19.98
N LEU D 400 8.94 9.82 -18.97
CA LEU D 400 7.57 9.40 -19.13
C LEU D 400 6.69 10.37 -18.36
N ASN D 401 5.60 10.80 -18.97
CA ASN D 401 4.69 11.73 -18.32
C ASN D 401 3.36 11.03 -18.07
N TYR D 402 2.89 11.11 -16.83
CA TYR D 402 1.59 10.55 -16.47
C TYR D 402 1.11 11.28 -15.23
N ARG D 403 -0.18 11.15 -14.94
CA ARG D 403 -0.86 11.95 -13.93
C ARG D 403 -1.20 11.09 -12.70
N LEU D 404 -0.53 11.38 -11.58
CA LEU D 404 -0.79 10.75 -10.30
C LEU D 404 -1.52 11.74 -9.38
N THR D 405 -2.27 11.20 -8.43
CA THR D 405 -2.94 12.02 -7.42
C THR D 405 -2.37 11.66 -6.05
N PRO D 406 -2.35 12.61 -5.09
CA PRO D 406 -2.71 14.04 -5.10
C PRO D 406 -1.96 14.86 -6.13
N SER D 407 -2.50 16.03 -6.49
CA SER D 407 -1.87 16.78 -7.57
C SER D 407 -2.22 18.26 -7.43
N PHE D 408 -1.43 19.09 -8.10
CA PHE D 408 -1.76 20.48 -8.37
C PHE D 408 -2.34 20.61 -9.77
N GLU D 409 -3.49 21.30 -9.86
CA GLU D 409 -4.19 21.47 -11.13
C GLU D 409 -4.34 22.95 -11.45
N TYR D 410 -4.46 23.25 -12.75
CA TYR D 410 -4.84 24.60 -13.15
C TYR D 410 -6.34 24.82 -12.94
N GLN D 411 -6.73 26.08 -12.81
CA GLN D 411 -8.13 26.45 -12.65
C GLN D 411 -8.34 27.78 -13.36
N PRO D 412 -9.58 28.10 -13.70
CA PRO D 412 -9.81 29.37 -14.41
C PRO D 412 -9.58 30.56 -13.50
N ASP D 413 -9.22 31.68 -14.11
CA ASP D 413 -9.09 32.92 -13.37
C ASP D 413 -10.43 33.32 -12.78
N PRO D 414 -10.47 33.75 -11.51
CA PRO D 414 -11.77 33.98 -10.87
C PRO D 414 -12.54 35.16 -11.44
N TRP D 415 -11.89 36.09 -12.13
CA TRP D 415 -12.68 37.16 -12.73
C TRP D 415 -13.47 36.68 -13.94
N ASN D 416 -13.16 35.49 -14.47
CA ASN D 416 -13.97 34.95 -15.55
C ASN D 416 -15.23 34.25 -15.06
N THR D 417 -15.35 34.01 -13.75
CA THR D 417 -16.49 33.26 -13.22
C THR D 417 -17.18 33.93 -12.03
N HIS D 418 -16.58 34.93 -11.39
CA HIS D 418 -17.15 35.51 -10.18
C HIS D 418 -18.34 36.39 -10.52
N VAL D 419 -19.42 36.24 -9.75
CA VAL D 419 -20.58 37.12 -9.82
C VAL D 419 -20.53 38.09 -8.65
N TRP D 420 -20.45 39.38 -8.95
CA TRP D 420 -20.24 40.41 -7.94
C TRP D 420 -21.56 40.74 -7.22
N LYS D 421 -21.43 41.47 -6.11
CA LYS D 421 -22.58 41.98 -5.37
C LYS D 421 -22.23 43.25 -4.62
CHA HEM E . -5.43 -25.44 13.18
CHB HEM E . -4.13 -29.91 14.60
CHC HEM E . -1.00 -30.13 10.88
CHD HEM E . -1.80 -25.44 9.88
C1A HEM E . -5.47 -26.69 13.79
C2A HEM E . -6.49 -27.22 14.69
C3A HEM E . -6.14 -28.45 15.06
C4A HEM E . -4.85 -28.74 14.45
CMA HEM E . -6.90 -29.44 16.00
CAA HEM E . -7.80 -26.51 15.06
CBA HEM E . -8.65 -26.74 13.81
CGA HEM E . -10.10 -26.47 14.06
O1A HEM E . -10.47 -26.37 15.24
O2A HEM E . -10.86 -26.33 13.08
C1B HEM E . -3.17 -30.35 13.71
C2B HEM E . -2.58 -31.67 13.73
C3B HEM E . -1.69 -31.74 12.72
C4B HEM E . -1.73 -30.47 12.01
CMB HEM E . -2.87 -32.78 14.76
CAB HEM E . -0.87 -33.02 12.44
CBB HEM E . 0.22 -32.99 11.65
C1C HEM E . -0.95 -28.90 10.24
C2C HEM E . -0.20 -28.55 9.03
C3C HEM E . -0.44 -27.25 8.77
C4C HEM E . -1.32 -26.73 9.79
CMC HEM E . 0.67 -29.55 8.22
CAC HEM E . 0.11 -26.33 7.64
CBC HEM E . 1.20 -26.67 6.91
C1D HEM E . -2.84 -25.03 10.70
C2D HEM E . -3.44 -23.70 10.72
C3D HEM E . -4.43 -23.70 11.63
C4D HEM E . -4.51 -25.04 12.21
CMD HEM E . -2.98 -22.50 9.88
CAD HEM E . -5.33 -22.52 12.05
CBD HEM E . -6.14 -21.85 10.94
CGD HEM E . -7.52 -22.43 10.92
O1D HEM E . -7.59 -23.67 10.93
O2D HEM E . -8.52 -21.65 10.92
NA HEM E . -4.48 -27.64 13.68
NB HEM E . -2.64 -29.63 12.66
NC HEM E . -1.60 -27.77 10.64
ND HEM E . -3.52 -25.82 11.61
FE HEM E . -2.83 -27.60 12.33
N1 H4B F . -11.25 -23.57 18.67
C2 H4B F . -10.99 -24.38 17.61
N2 H4B F . -9.96 -25.26 17.67
N3 H4B F . -11.76 -24.32 16.51
C4 H4B F . -12.79 -23.46 16.42
O4 H4B F . -13.47 -23.43 15.38
C4A H4B F . -13.05 -22.61 17.48
C8A H4B F . -12.27 -22.68 18.62
N5 H4B F . -14.07 -21.73 17.43
N8 H4B F . -12.50 -21.88 19.70
C6 H4B F . -13.95 -20.56 18.30
C7 H4B F . -13.65 -20.99 19.72
C9 H4B F . -15.20 -19.68 18.24
O9 H4B F . -16.37 -20.45 18.53
C10 H4B F . -15.11 -18.56 19.27
C11 H4B F . -16.21 -17.53 19.01
O10 H4B F . -13.83 -17.94 19.19
C02 M5L G . -5.83 -30.92 11.33
C03 M5L G . -4.83 -30.71 10.38
C04 M5L G . -4.97 -29.67 9.47
C05 M5L G . -6.10 -28.87 9.51
C06 M5L G . -7.09 -29.11 10.48
C07 M5L G . -3.90 -29.42 8.42
C08 M5L G . -8.36 -28.28 10.59
C09 M5L G . -8.27 -26.84 10.12
C10 M5L G . -9.69 -26.22 10.15
C12 M5L G . -11.06 -24.29 9.99
C13 M5L G . -11.18 -22.82 9.60
C14 M5L G . -10.88 -22.67 8.11
C15 M5L G . -9.47 -23.20 7.84
C16 M5L G . -9.34 -24.63 8.36
F17 M5L G . -11.75 -23.37 7.40
F18 M5L G . -10.94 -21.38 7.79
N01 M5L G . -6.92 -30.13 11.35
N02 M5L G . -5.74 -31.92 12.23
N11 M5L G . -9.71 -24.79 9.78
C1 GOL H . 10.75 -31.94 3.32
O1 GOL H . 10.90 -31.63 4.68
C2 GOL H . 10.58 -30.64 2.53
O2 GOL H . 9.90 -30.85 1.29
C3 GOL H . 11.98 -30.10 2.30
O3 GOL H . 12.70 -30.16 3.50
ZN ZN I . -6.27 -9.61 23.71
C1 GOL J . 0.82 5.84 -5.96
O1 GOL J . 0.57 7.18 -6.36
C2 GOL J . 1.68 5.84 -4.70
O2 GOL J . 2.09 7.15 -4.39
C3 GOL J . 2.92 4.98 -4.93
O3 GOL J . 2.97 3.96 -3.95
CHA HEM K . -16.38 -15.90 38.59
CHB HEM K . -20.53 -18.43 38.54
CHC HEM K . -22.38 -15.17 41.60
CHD HEM K . -18.53 -12.28 41.07
C1A HEM K . -17.29 -16.92 38.44
C2A HEM K . -17.01 -18.25 37.92
C3A HEM K . -18.15 -18.96 37.92
C4A HEM K . -19.20 -18.11 38.41
CMA HEM K . -18.30 -20.44 37.46
CAA HEM K . -15.61 -18.74 37.53
CBA HEM K . -15.04 -19.12 38.89
CGA HEM K . -13.82 -19.99 38.73
O1A HEM K . -13.73 -20.65 37.69
O2A HEM K . -12.97 -20.01 39.65
C1B HEM K . -21.41 -17.78 39.37
C2B HEM K . -22.74 -18.22 39.73
C3B HEM K . -23.26 -17.33 40.57
C4B HEM K . -22.26 -16.28 40.79
CMB HEM K . -23.44 -19.49 39.21
CAB HEM K . -24.69 -17.45 41.17
CBB HEM K . -25.39 -16.40 41.59
C1C HEM K . -21.50 -14.13 41.73
C2C HEM K . -21.68 -13.01 42.63
C3C HEM K . -20.61 -12.19 42.49
C4C HEM K . -19.73 -12.78 41.50
CMC HEM K . -22.89 -12.84 43.58
CAC HEM K . -20.30 -10.83 43.17
CBC HEM K . -21.25 -10.06 43.73
C1D HEM K . -17.63 -13.03 40.34
C2D HEM K . -16.31 -12.56 39.93
C3D HEM K . -15.72 -13.55 39.25
C4D HEM K . -16.63 -14.68 39.20
CMD HEM K . -15.75 -11.15 40.25
CAD HEM K . -14.33 -13.54 38.58
CBD HEM K . -13.21 -13.23 39.53
CGD HEM K . -12.60 -14.55 39.87
O1D HEM K . -13.38 -15.41 40.35
O2D HEM K . -11.36 -14.72 39.66
NA HEM K . -18.65 -16.86 38.72
NB HEM K . -21.14 -16.58 40.04
NC HEM K . -20.30 -13.97 41.06
ND HEM K . -17.79 -14.33 39.87
FE HEM K . -19.60 -15.26 39.63
N1 H4B L . -11.61 -20.40 33.68
C2 H4B L . -12.20 -20.43 34.90
N2 H4B L . -13.54 -20.31 35.01
N3 H4B L . -11.44 -20.58 36.02
C4 H4B L . -10.10 -20.71 35.94
O4 H4B L . -9.41 -20.85 36.97
C4A H4B L . -9.49 -20.68 34.69
C8A H4B L . -10.28 -20.53 33.56
N5 H4B L . -8.15 -20.80 34.57
N8 H4B L . -9.71 -20.50 32.33
C6 H4B L . -7.56 -20.22 33.36
C7 H4B L . -8.29 -20.76 32.13
C9 H4B L . -6.05 -20.50 33.25
O9 H4B L . -5.79 -21.90 33.40
C10 H4B L . -5.47 -20.08 31.90
C11 H4B L . -3.95 -20.23 31.95
O10 H4B L . -5.78 -18.72 31.61
C02 M5L M . -19.56 -19.00 42.20
C03 M5L M . -20.02 -17.86 42.86
C04 M5L M . -19.10 -16.95 43.33
C05 M5L M . -17.73 -17.20 43.12
C06 M5L M . -17.32 -18.34 42.44
C07 M5L M . -19.54 -15.71 44.05
C08 M5L M . -15.87 -18.71 42.21
C09 M5L M . -14.85 -17.57 42.21
C10 M5L M . -13.44 -18.17 42.09
C12 M5L M . -11.08 -17.77 41.92
C13 M5L M . -9.93 -16.76 41.98
C14 M5L M . -9.98 -15.93 43.27
C15 M5L M . -11.36 -15.31 43.40
C16 M5L M . -12.42 -16.41 43.35
F17 M5L M . -9.70 -16.70 44.32
F18 M5L M . -9.10 -14.94 43.21
N01 M5L M . -18.24 -19.22 42.02
N02 M5L M . -20.42 -19.92 41.72
N11 M5L M . -12.39 -17.14 42.07
C1 GOL N . -21.85 3.15 31.32
O1 GOL N . -20.54 3.00 31.86
C2 GOL N . -22.90 2.61 32.30
O2 GOL N . -22.32 1.75 33.26
C3 GOL N . -24.00 1.87 31.55
O3 GOL N . -24.81 1.20 32.50
CHA HEM O . 15.45 16.41 -38.97
CHB HEM O . 16.69 20.80 -40.64
CHC HEM O . 16.08 19.20 -45.17
CHD HEM O . 14.14 15.10 -43.49
C1A HEM O . 15.98 17.68 -39.05
C2A HEM O . 16.62 18.42 -37.98
C3A HEM O . 16.98 19.62 -38.43
C4A HEM O . 16.55 19.71 -39.81
CMA HEM O . 17.71 20.74 -37.64
CAA HEM O . 16.90 17.84 -36.59
CBA HEM O . 18.17 17.03 -36.88
CGA HEM O . 18.87 16.64 -35.61
O1A HEM O . 18.73 17.37 -34.61
O2A HEM O . 19.58 15.61 -35.62
C1B HEM O . 16.64 20.75 -42.01
C2B HEM O . 17.03 21.83 -42.89
C3B HEM O . 16.86 21.41 -44.15
C4B HEM O . 16.38 20.03 -44.10
CMB HEM O . 17.53 23.22 -42.45
CAB HEM O . 17.19 22.30 -45.39
CBB HEM O . 16.80 22.01 -46.63
C1C HEM O . 15.52 17.95 -45.10
C2C HEM O . 15.22 17.10 -46.24
C3C HEM O . 14.69 15.96 -45.78
C4C HEM O . 14.61 16.07 -44.34
CMC HEM O . 15.52 17.48 -47.72
CAC HEM O . 14.16 14.73 -46.57
CBC HEM O . 13.81 14.77 -47.88
C1D HEM O . 14.30 15.11 -42.12
C2D HEM O . 13.84 14.08 -41.22
C3D HEM O . 14.20 14.46 -39.97
C4D HEM O . 14.91 15.71 -40.05
CMD HEM O . 13.06 12.81 -41.65
CAD HEM O . 13.93 13.75 -38.64
CBD HEM O . 14.41 12.32 -38.60
CGD HEM O . 15.70 12.36 -37.85
O1D HEM O . 16.61 13.08 -38.33
O2D HEM O . 15.77 11.69 -36.79
NA HEM O . 15.94 18.52 -40.14
NB HEM O . 16.24 19.66 -42.77
NC HEM O . 15.13 17.28 -43.95
ND HEM O . 14.96 16.10 -41.38
FE HEM O . 15.21 18.02 -42.04
N1 H4B P . 16.10 17.43 -30.84
C2 H4B P . 16.83 17.33 -31.97
N2 H4B P . 16.61 18.20 -32.98
N3 H4B P . 17.74 16.35 -32.12
C4 H4B P . 17.96 15.46 -31.13
O4 H4B P . 18.82 14.55 -31.29
C4A H4B P . 17.23 15.54 -29.95
C8A H4B P . 16.29 16.55 -29.82
N5 H4B P . 17.41 14.67 -28.95
N8 H4B P . 15.55 16.68 -28.70
C6 H4B P . 16.26 14.50 -28.04
C7 H4B P . 15.80 15.85 -27.52
C9 H4B P . 16.57 13.56 -26.87
O9 H4B P . 17.72 14.02 -26.16
C10 H4B P . 15.41 13.47 -25.89
C11 H4B P . 15.74 12.46 -24.78
O10 H4B P . 14.22 13.02 -26.56
C02 M5L Q . 19.68 18.87 -41.93
C03 M5L Q . 19.23 18.33 -43.14
C04 M5L Q . 19.04 16.97 -43.24
C05 M5L Q . 19.29 16.16 -42.13
C06 M5L Q . 19.72 16.75 -40.93
C07 M5L Q . 18.56 16.36 -44.56
C08 M5L Q . 20.04 15.95 -39.68
C09 M5L Q . 19.24 14.67 -39.43
C10 M5L Q . 19.76 13.97 -38.17
C12 M5L Q . 19.63 12.11 -36.67
C13 M5L Q . 19.05 10.73 -36.37
C14 M5L Q . 19.27 9.73 -37.51
C15 M5L Q . 18.78 10.37 -38.81
C16 M5L Q . 19.42 11.74 -39.02
F17 M5L Q . 20.57 9.43 -37.62
F18 M5L Q . 18.56 8.64 -37.26
N01 M5L Q . 19.90 18.08 -40.87
N02 M5L Q . 19.86 20.20 -41.80
N11 M5L Q . 19.11 12.67 -37.92
C1 GOL R . -3.13 13.20 -45.88
O1 GOL R . -4.17 12.24 -46.05
C2 GOL R . -2.82 13.85 -47.23
O2 GOL R . -1.44 13.77 -47.47
C3 GOL R . -3.22 15.32 -47.23
O3 GOL R . -2.49 15.98 -48.24
C1 GOL S . 11.87 18.73 -58.88
O1 GOL S . 11.40 19.03 -57.57
C2 GOL S . 11.08 17.53 -59.37
O2 GOL S . 9.70 17.77 -59.18
C3 GOL S . 11.47 16.28 -58.59
O3 GOL S . 12.78 15.91 -58.93
ZN ZN T . 2.20 12.17 -25.93
CHA HEM U . 7.02 24.26 -12.00
CHB HEM U . 11.40 25.08 -10.09
CHC HEM U . 9.48 24.40 -5.69
CHD HEM U . 5.24 23.04 -7.63
C1A HEM U . 8.33 24.70 -11.86
C2A HEM U . 9.18 25.33 -12.87
C3A HEM U . 10.38 25.56 -12.35
C4A HEM U . 10.36 25.05 -10.98
CMA HEM U . 11.58 26.23 -13.05
CAA HEM U . 8.73 25.74 -14.30
CBA HEM U . 8.17 27.13 -14.02
CGA HEM U . 7.83 27.89 -15.26
O1A HEM U . 8.44 27.62 -16.30
O2A HEM U . 6.93 28.77 -15.20
C1B HEM U . 11.27 24.98 -8.72
C2B HEM U . 12.31 25.22 -7.74
C3B HEM U . 11.81 25.01 -6.52
C4B HEM U . 10.40 24.66 -6.68
CMB HEM U . 13.77 25.60 -8.08
CAB HEM U . 12.64 25.18 -5.22
CBB HEM U . 12.22 24.70 -4.03
C1C HEM U . 8.17 24.00 -5.83
C2C HEM U . 7.21 23.79 -4.74
C3C HEM U . 6.04 23.41 -5.27
C4C HEM U . 6.21 23.37 -6.71
CMC HEM U . 7.54 24.00 -3.23
CAC HEM U . 4.70 23.03 -4.59
CBC HEM U . 4.60 22.74 -3.27
C1D HEM U . 5.37 23.24 -8.99
C2D HEM U . 4.35 22.99 -9.97
C3D HEM U . 4.85 23.31 -11.18
C4D HEM U . 6.18 23.81 -11.00
CMD HEM U . 2.95 22.39 -9.68
CAD HEM U . 4.18 23.20 -12.56
CBD HEM U . 2.83 23.88 -12.73
CGD HEM U . 3.08 25.22 -13.34
O1D HEM U . 3.97 25.94 -12.80
O2D HEM U . 2.41 25.57 -14.35
NA HEM U . 9.10 24.52 -10.74
NB HEM U . 10.10 24.64 -8.05
NC HEM U . 7.50 23.75 -6.99
ND HEM U . 6.48 23.74 -9.64
FE HEM U . 8.38 23.85 -8.87
N1 H4B V . 8.49 25.25 -20.04
C2 H4B V . 8.42 25.95 -18.89
N2 H4B V . 9.22 25.61 -17.85
N3 H4B V . 7.55 26.98 -18.77
C4 H4B V . 6.75 27.34 -19.78
O4 H4B V . 5.97 28.30 -19.61
C4A H4B V . 6.80 26.63 -20.98
C8A H4B V . 7.69 25.57 -21.08
N5 H4B V . 5.99 26.94 -22.02
N8 H4B V . 7.78 24.83 -22.23
C6 H4B V . 5.70 25.85 -22.93
C7 H4B V . 7.01 25.21 -23.39
C9 H4B V . 4.87 26.30 -24.14
O9 H4B V . 5.44 27.46 -24.75
C10 H4B V . 4.79 25.20 -25.20
C11 H4B V . 3.80 25.60 -26.29
O10 H4B V . 4.38 23.98 -24.59
C02 M5L W . 9.76 28.28 -8.78
C03 M5L W . 9.10 27.83 -7.64
C04 M5L W . 7.72 27.75 -7.65
C05 M5L W . 7.01 28.12 -8.79
C06 M5L W . 7.71 28.57 -9.91
C07 M5L W . 6.96 27.26 -6.43
C08 M5L W . 7.03 29.03 -11.20
C09 M5L W . 5.69 28.37 -11.53
C10 M5L W . 5.04 29.12 -12.70
C12 M5L W . 3.35 29.21 -14.34
C13 M5L W . 2.00 28.69 -14.83
C14 M5L W . 0.94 29.07 -13.81
C15 M5L W . 1.31 28.46 -12.45
C16 M5L W . 2.71 28.90 -12.04
F17 M5L W . 0.88 30.39 -13.69
F18 M5L W . -0.23 28.57 -14.21
N01 M5L W . 9.06 28.65 -9.86
N02 M5L W . 11.11 28.40 -8.83
N11 M5L W . 3.72 28.59 -13.07
C1 GOL X . 7.72 19.78 7.50
O1 GOL X . 8.14 18.96 6.43
C2 GOL X . 6.42 19.22 8.10
O2 GOL X . 6.35 17.84 7.85
C3 GOL X . 5.21 19.91 7.49
O3 GOL X . 5.21 21.28 7.80
#